data_8P3B
# 
_entry.id   8P3B 
# 
_audit_conform.dict_name       mmcif_pdbx.dic 
_audit_conform.dict_version    5.399 
_audit_conform.dict_location   http://mmcif.pdb.org/dictionaries/ascii/mmcif_pdbx.dic 
# 
loop_
_database_2.database_id 
_database_2.database_code 
_database_2.pdbx_database_accession 
_database_2.pdbx_DOI 
PDB   8P3B         pdb_00008p3b 10.2210/pdb8p3b/pdb 
WWPDB D_1292130579 ?            ?                   
EMDB  EMD-17386    ?            ?                   
# 
loop_
_pdbx_audit_revision_history.ordinal 
_pdbx_audit_revision_history.data_content_type 
_pdbx_audit_revision_history.major_revision 
_pdbx_audit_revision_history.minor_revision 
_pdbx_audit_revision_history.revision_date 
1 'Structure model' 1 0 2024-04-03 
2 'Structure model' 1 1 2024-11-20 
# 
_pdbx_audit_revision_details.ordinal             1 
_pdbx_audit_revision_details.revision_ordinal    1 
_pdbx_audit_revision_details.data_content_type   'Structure model' 
_pdbx_audit_revision_details.provider            repository 
_pdbx_audit_revision_details.type                'Initial release' 
_pdbx_audit_revision_details.description         ? 
_pdbx_audit_revision_details.details             ? 
# 
loop_
_pdbx_audit_revision_group.ordinal 
_pdbx_audit_revision_group.revision_ordinal 
_pdbx_audit_revision_group.data_content_type 
_pdbx_audit_revision_group.group 
1 2 'Structure model' 'Data collection'   
2 2 'Structure model' 'Structure summary' 
# 
loop_
_pdbx_audit_revision_category.ordinal 
_pdbx_audit_revision_category.revision_ordinal 
_pdbx_audit_revision_category.data_content_type 
_pdbx_audit_revision_category.category 
1 2 'Structure model' em_admin                  
2 2 'Structure model' pdbx_entry_details        
3 2 'Structure model' pdbx_modification_feature 
# 
loop_
_pdbx_audit_revision_item.ordinal 
_pdbx_audit_revision_item.revision_ordinal 
_pdbx_audit_revision_item.data_content_type 
_pdbx_audit_revision_item.item 
1 2 'Structure model' '_em_admin.last_update'                        
2 2 'Structure model' '_pdbx_entry_details.has_protein_modification' 
# 
_pdbx_database_status.status_code                     REL 
_pdbx_database_status.status_code_sf                  ? 
_pdbx_database_status.status_code_mr                  ? 
_pdbx_database_status.entry_id                        8P3B 
_pdbx_database_status.recvd_initial_deposition_date   2023-05-17 
_pdbx_database_status.SG_entry                        N 
_pdbx_database_status.deposit_site                    PDBE 
_pdbx_database_status.process_site                    PDBE 
_pdbx_database_status.status_code_cs                  ? 
_pdbx_database_status.status_code_nmr_data            ? 
_pdbx_database_status.methods_development_category    ? 
_pdbx_database_status.pdb_format_compatible           Y 
# 
_pdbx_database_related.db_name        EMDB 
_pdbx_database_related.details        'Neisseria meningitidis Type IV pilus SA-GATDH variant' 
_pdbx_database_related.db_id          EMD-17386 
_pdbx_database_related.content_type   'associated EM volume' 
# 
_pdbx_contact_author.id                 2 
_pdbx_contact_author.email              guillaume.dumenil@pasteur.fr 
_pdbx_contact_author.name_first         Guillaume 
_pdbx_contact_author.name_last          Dumenil 
_pdbx_contact_author.name_mi            ? 
_pdbx_contact_author.role               'principal investigator/group leader' 
_pdbx_contact_author.identifier_ORCID   0000-0001-9174-9110 
# 
loop_
_audit_author.name 
_audit_author.pdbx_ordinal 
_audit_author.identifier_ORCID 
'Fernandez-Martinez, D.' 1 0000-0002-4216-2345 
'Dumenil, G.'            2 0000-0001-9174-9110 
# 
_citation.abstract                  ? 
_citation.abstract_id_CAS           ? 
_citation.book_id_ISBN              ? 
_citation.book_publisher            ? 
_citation.book_publisher_city       ? 
_citation.book_title                ? 
_citation.coordinate_linkage        ? 
_citation.country                   UK 
_citation.database_id_Medline       ? 
_citation.details                   ? 
_citation.id                        primary 
_citation.journal_abbrev            'Nat Commun' 
_citation.journal_id_ASTM           ? 
_citation.journal_id_CSD            ? 
_citation.journal_id_ISSN           2041-1723 
_citation.journal_full              ? 
_citation.journal_issue             ? 
_citation.journal_volume            15 
_citation.language                  ? 
_citation.page_first                2414 
_citation.page_last                 2414 
_citation.title                     'Cryo-EM structures of type IV pili complexed with nanobodies reveal immune escape mechanisms.' 
_citation.year                      2024 
_citation.database_id_CSD           ? 
_citation.pdbx_database_id_DOI      10.1038/s41467-024-46677-y 
_citation.pdbx_database_id_PubMed   38499587 
_citation.pdbx_database_id_patent   ? 
_citation.unpublished_flag          ? 
# 
loop_
_citation_author.citation_id 
_citation_author.name 
_citation_author.ordinal 
_citation_author.identifier_ORCID 
primary 'Fernandez-Martinez, D.' 1  ?                   
primary 'Kong, Y.'               2  ?                   
primary 'Goussard, S.'           3  ?                   
primary 'Zavala, A.'             4  0000-0003-1606-3244 
primary 'Gastineau, P.'          5  0000-0001-6579-2756 
primary 'Rey, M.'                6  0000-0002-7378-1106 
primary 'Ayme, G.'               7  0000-0002-0438-8095 
primary 'Chamot-Rooke, J.'       8  0000-0002-9427-543X 
primary 'Lafaye, P.'             9  0000-0002-5761-1342 
primary 'Vos, M.'                10 ?                   
primary 'Mechaly, A.'            11 ?                   
primary 'Dumenil, G.'            12 0000-0001-9174-9110 
# 
loop_
_entity.id 
_entity.type 
_entity.src_method 
_entity.pdbx_description 
_entity.formula_weight 
_entity.pdbx_number_of_molecules 
_entity.pdbx_ec 
_entity.pdbx_mutation 
_entity.pdbx_fragment 
_entity.details 
1 polymer     nat 'Fimbrial protein' 17054.115 1 ? ? ? ? 
2 non-polymer syn SN-GLYCEROL-3-PHOSPHATE 172.074   1 ? ? ? ? 
3 non-polymer syn 
'(2~{R})-~{N}-[(2~{R},3~{S},4~{S},5~{R},6~{R})-5-acetamido-2-methyl-4,6-bis(oxidanyl)oxan-3-yl]-2,3-bis(oxidanyl)propanamide' 
292.286   1 ? ? ? ? 
# 
_entity_poly.entity_id                      1 
_entity_poly.type                           'polypeptide(L)' 
_entity_poly.nstd_linkage                   no 
_entity_poly.nstd_monomer                   no 
_entity_poly.pdbx_seq_one_letter_code       
;FTLIELMIVIAIVGILAAVALPAYQDYTARAQVSEAILLAEGQKSAVTEYYLNHGEWPGDNSSAGVATSADIKGKYVKEV
EVKNGVITAQMASSNVNNEIKGKKLSLWAKRQDGSVKWFCGLPVARDDTDSATDVKADTTDNINTKHLPSTCRDDSSAS
;
_entity_poly.pdbx_seq_one_letter_code_can   
;FTLIELMIVIAIVGILAAVALPAYQDYTARAQVSEAILLAEGQKSAVTEYYLNHGEWPGDNSSAGVATSADIKGKYVKEV
EVKNGVITAQMASSNVNNEIKGKKLSLWAKRQDGSVKWFCGLPVARDDTDSATDVKADTTDNINTKHLPSTCRDDSSAS
;
_entity_poly.pdbx_strand_id                 A 
_entity_poly.pdbx_target_identifier         ? 
# 
loop_
_pdbx_entity_nonpoly.entity_id 
_pdbx_entity_nonpoly.name 
_pdbx_entity_nonpoly.comp_id 
2 SN-GLYCEROL-3-PHOSPHATE                                                                                                       
G3P 
3 '(2~{R})-~{N}-[(2~{R},3~{S},4~{S},5~{R},6~{R})-5-acetamido-2-methyl-4,6-bis(oxidanyl)oxan-3-yl]-2,3-bis(oxidanyl)propanamide' 
WKE 
# 
loop_
_entity_poly_seq.entity_id 
_entity_poly_seq.num 
_entity_poly_seq.mon_id 
_entity_poly_seq.hetero 
1 1   PHE n 
1 2   THR n 
1 3   LEU n 
1 4   ILE n 
1 5   GLU n 
1 6   LEU n 
1 7   MET n 
1 8   ILE n 
1 9   VAL n 
1 10  ILE n 
1 11  ALA n 
1 12  ILE n 
1 13  VAL n 
1 14  GLY n 
1 15  ILE n 
1 16  LEU n 
1 17  ALA n 
1 18  ALA n 
1 19  VAL n 
1 20  ALA n 
1 21  LEU n 
1 22  PRO n 
1 23  ALA n 
1 24  TYR n 
1 25  GLN n 
1 26  ASP n 
1 27  TYR n 
1 28  THR n 
1 29  ALA n 
1 30  ARG n 
1 31  ALA n 
1 32  GLN n 
1 33  VAL n 
1 34  SER n 
1 35  GLU n 
1 36  ALA n 
1 37  ILE n 
1 38  LEU n 
1 39  LEU n 
1 40  ALA n 
1 41  GLU n 
1 42  GLY n 
1 43  GLN n 
1 44  LYS n 
1 45  SER n 
1 46  ALA n 
1 47  VAL n 
1 48  THR n 
1 49  GLU n 
1 50  TYR n 
1 51  TYR n 
1 52  LEU n 
1 53  ASN n 
1 54  HIS n 
1 55  GLY n 
1 56  GLU n 
1 57  TRP n 
1 58  PRO n 
1 59  GLY n 
1 60  ASP n 
1 61  ASN n 
1 62  SER n 
1 63  SER n 
1 64  ALA n 
1 65  GLY n 
1 66  VAL n 
1 67  ALA n 
1 68  THR n 
1 69  SER n 
1 70  ALA n 
1 71  ASP n 
1 72  ILE n 
1 73  LYS n 
1 74  GLY n 
1 75  LYS n 
1 76  TYR n 
1 77  VAL n 
1 78  LYS n 
1 79  GLU n 
1 80  VAL n 
1 81  GLU n 
1 82  VAL n 
1 83  LYS n 
1 84  ASN n 
1 85  GLY n 
1 86  VAL n 
1 87  ILE n 
1 88  THR n 
1 89  ALA n 
1 90  GLN n 
1 91  MET n 
1 92  ALA n 
1 93  SER n 
1 94  SER n 
1 95  ASN n 
1 96  VAL n 
1 97  ASN n 
1 98  ASN n 
1 99  GLU n 
1 100 ILE n 
1 101 LYS n 
1 102 GLY n 
1 103 LYS n 
1 104 LYS n 
1 105 LEU n 
1 106 SER n 
1 107 LEU n 
1 108 TRP n 
1 109 ALA n 
1 110 LYS n 
1 111 ARG n 
1 112 GLN n 
1 113 ASP n 
1 114 GLY n 
1 115 SER n 
1 116 VAL n 
1 117 LYS n 
1 118 TRP n 
1 119 PHE n 
1 120 CYS n 
1 121 GLY n 
1 122 LEU n 
1 123 PRO n 
1 124 VAL n 
1 125 ALA n 
1 126 ARG n 
1 127 ASP n 
1 128 ASP n 
1 129 THR n 
1 130 ASP n 
1 131 SER n 
1 132 ALA n 
1 133 THR n 
1 134 ASP n 
1 135 VAL n 
1 136 LYS n 
1 137 ALA n 
1 138 ASP n 
1 139 THR n 
1 140 THR n 
1 141 ASP n 
1 142 ASN n 
1 143 ILE n 
1 144 ASN n 
1 145 THR n 
1 146 LYS n 
1 147 HIS n 
1 148 LEU n 
1 149 PRO n 
1 150 SER n 
1 151 THR n 
1 152 CYS n 
1 153 ARG n 
1 154 ASP n 
1 155 ASP n 
1 156 SER n 
1 157 SER n 
1 158 ALA n 
1 159 SER n 
# 
_entity_src_nat.entity_id                  1 
_entity_src_nat.pdbx_src_id                1 
_entity_src_nat.pdbx_alt_source_flag       sample 
_entity_src_nat.pdbx_beg_seq_num           1 
_entity_src_nat.pdbx_end_seq_num           159 
_entity_src_nat.common_name                ? 
_entity_src_nat.pdbx_organism_scientific   'Neisseria meningitidis 8013' 
_entity_src_nat.pdbx_ncbi_taxonomy_id      604162 
_entity_src_nat.genus                      ? 
_entity_src_nat.species                    ? 
_entity_src_nat.strain                     ? 
_entity_src_nat.tissue                     ? 
_entity_src_nat.tissue_fraction            ? 
_entity_src_nat.pdbx_secretion             ? 
_entity_src_nat.pdbx_fragment              ? 
_entity_src_nat.pdbx_variant               ? 
_entity_src_nat.pdbx_cell_line             ? 
_entity_src_nat.pdbx_atcc                  ? 
_entity_src_nat.pdbx_cellular_location     ? 
_entity_src_nat.pdbx_organ                 ? 
_entity_src_nat.pdbx_organelle             ? 
_entity_src_nat.pdbx_cell                  ? 
_entity_src_nat.pdbx_plasmid_name          ? 
_entity_src_nat.pdbx_plasmid_details       ? 
_entity_src_nat.details                    ? 
# 
loop_
_chem_comp.id 
_chem_comp.type 
_chem_comp.mon_nstd_flag 
_chem_comp.name 
_chem_comp.pdbx_synonyms 
_chem_comp.formula 
_chem_comp.formula_weight 
ALA 'L-peptide linking' y ALANINE ? 'C3 H7 N O2'     89.093  
ARG 'L-peptide linking' y ARGININE ? 'C6 H15 N4 O2 1' 175.209 
ASN 'L-peptide linking' y ASPARAGINE ? 'C4 H8 N2 O3'    132.118 
ASP 'L-peptide linking' y 'ASPARTIC ACID' ? 'C4 H7 N O4'     133.103 
CYS 'L-peptide linking' y CYSTEINE ? 'C3 H7 N O2 S'   121.158 
G3P non-polymer         . SN-GLYCEROL-3-PHOSPHATE ? 'C3 H9 O6 P'     172.074 
GLN 'L-peptide linking' y GLUTAMINE ? 'C5 H10 N2 O3'   146.144 
GLU 'L-peptide linking' y 'GLUTAMIC ACID' ? 'C5 H9 N O4'     147.129 
GLY 'peptide linking'   y GLYCINE ? 'C2 H5 N O2'     75.067  
HIS 'L-peptide linking' y HISTIDINE ? 'C6 H10 N3 O2 1' 156.162 
ILE 'L-peptide linking' y ISOLEUCINE ? 'C6 H13 N O2'    131.173 
LEU 'L-peptide linking' y LEUCINE ? 'C6 H13 N O2'    131.173 
LYS 'L-peptide linking' y LYSINE ? 'C6 H15 N2 O2 1' 147.195 
MET 'L-peptide linking' y METHIONINE ? 'C5 H11 N O2 S'  149.211 
PHE 'L-peptide linking' y PHENYLALANINE ? 'C9 H11 N O2'    165.189 
PRO 'L-peptide linking' y PROLINE ? 'C5 H9 N O2'     115.130 
SER 'L-peptide linking' y SERINE ? 'C3 H7 N O3'     105.093 
THR 'L-peptide linking' y THREONINE ? 'C4 H9 N O3'     119.119 
TRP 'L-peptide linking' y TRYPTOPHAN ? 'C11 H12 N2 O2'  204.225 
TYR 'L-peptide linking' y TYROSINE ? 'C9 H11 N O3'    181.189 
VAL 'L-peptide linking' y VALINE ? 'C5 H11 N O2'    117.146 
WKE non-polymer         . 
'(2~{R})-~{N}-[(2~{R},3~{S},4~{S},5~{R},6~{R})-5-acetamido-2-methyl-4,6-bis(oxidanyl)oxan-3-yl]-2,3-bis(oxidanyl)propanamide' ? 
'C11 H20 N2 O7'  292.286 
# 
loop_
_pdbx_poly_seq_scheme.asym_id 
_pdbx_poly_seq_scheme.entity_id 
_pdbx_poly_seq_scheme.seq_id 
_pdbx_poly_seq_scheme.mon_id 
_pdbx_poly_seq_scheme.ndb_seq_num 
_pdbx_poly_seq_scheme.pdb_seq_num 
_pdbx_poly_seq_scheme.auth_seq_num 
_pdbx_poly_seq_scheme.pdb_mon_id 
_pdbx_poly_seq_scheme.auth_mon_id 
_pdbx_poly_seq_scheme.pdb_strand_id 
_pdbx_poly_seq_scheme.pdb_ins_code 
_pdbx_poly_seq_scheme.hetero 
A 1 1   PHE 1   1   1   PHE PHE A . n 
A 1 2   THR 2   2   2   THR THR A . n 
A 1 3   LEU 3   3   3   LEU LEU A . n 
A 1 4   ILE 4   4   4   ILE ILE A . n 
A 1 5   GLU 5   5   5   GLU GLU A . n 
A 1 6   LEU 6   6   6   LEU LEU A . n 
A 1 7   MET 7   7   7   MET MET A . n 
A 1 8   ILE 8   8   8   ILE ILE A . n 
A 1 9   VAL 9   9   9   VAL VAL A . n 
A 1 10  ILE 10  10  10  ILE ILE A . n 
A 1 11  ALA 11  11  11  ALA ALA A . n 
A 1 12  ILE 12  12  12  ILE ILE A . n 
A 1 13  VAL 13  13  13  VAL VAL A . n 
A 1 14  GLY 14  14  14  GLY GLY A . n 
A 1 15  ILE 15  15  15  ILE ILE A . n 
A 1 16  LEU 16  16  16  LEU LEU A . n 
A 1 17  ALA 17  17  17  ALA ALA A . n 
A 1 18  ALA 18  18  18  ALA ALA A . n 
A 1 19  VAL 19  19  19  VAL VAL A . n 
A 1 20  ALA 20  20  20  ALA ALA A . n 
A 1 21  LEU 21  21  21  LEU LEU A . n 
A 1 22  PRO 22  22  22  PRO PRO A . n 
A 1 23  ALA 23  23  23  ALA ALA A . n 
A 1 24  TYR 24  24  24  TYR TYR A . n 
A 1 25  GLN 25  25  25  GLN GLN A . n 
A 1 26  ASP 26  26  26  ASP ASP A . n 
A 1 27  TYR 27  27  27  TYR TYR A . n 
A 1 28  THR 28  28  28  THR THR A . n 
A 1 29  ALA 29  29  29  ALA ALA A . n 
A 1 30  ARG 30  30  30  ARG ARG A . n 
A 1 31  ALA 31  31  31  ALA ALA A . n 
A 1 32  GLN 32  32  32  GLN GLN A . n 
A 1 33  VAL 33  33  33  VAL VAL A . n 
A 1 34  SER 34  34  34  SER SER A . n 
A 1 35  GLU 35  35  35  GLU GLU A . n 
A 1 36  ALA 36  36  36  ALA ALA A . n 
A 1 37  ILE 37  37  37  ILE ILE A . n 
A 1 38  LEU 38  38  38  LEU LEU A . n 
A 1 39  LEU 39  39  39  LEU LEU A . n 
A 1 40  ALA 40  40  40  ALA ALA A . n 
A 1 41  GLU 41  41  41  GLU GLU A . n 
A 1 42  GLY 42  42  42  GLY GLY A . n 
A 1 43  GLN 43  43  43  GLN GLN A . n 
A 1 44  LYS 44  44  44  LYS LYS A . n 
A 1 45  SER 45  45  45  SER SER A . n 
A 1 46  ALA 46  46  46  ALA ALA A . n 
A 1 47  VAL 47  47  47  VAL VAL A . n 
A 1 48  THR 48  48  48  THR THR A . n 
A 1 49  GLU 49  49  49  GLU GLU A . n 
A 1 50  TYR 50  50  50  TYR TYR A . n 
A 1 51  TYR 51  51  51  TYR TYR A . n 
A 1 52  LEU 52  52  52  LEU LEU A . n 
A 1 53  ASN 53  53  53  ASN ASN A . n 
A 1 54  HIS 54  54  54  HIS HIS A . n 
A 1 55  GLY 55  55  55  GLY GLY A . n 
A 1 56  GLU 56  56  56  GLU GLU A . n 
A 1 57  TRP 57  57  57  TRP TRP A . n 
A 1 58  PRO 58  58  58  PRO PRO A . n 
A 1 59  GLY 59  59  59  GLY GLY A . n 
A 1 60  ASP 60  60  60  ASP ASP A . n 
A 1 61  ASN 61  61  61  ASN ASN A . n 
A 1 62  SER 62  62  62  SER SER A . n 
A 1 63  SER 63  63  63  SER SER A . n 
A 1 64  ALA 64  64  64  ALA ALA A . n 
A 1 65  GLY 65  65  65  GLY GLY A . n 
A 1 66  VAL 66  66  66  VAL VAL A . n 
A 1 67  ALA 67  67  67  ALA ALA A . n 
A 1 68  THR 68  68  68  THR THR A . n 
A 1 69  SER 69  69  69  SER SER A . n 
A 1 70  ALA 70  70  70  ALA ALA A . n 
A 1 71  ASP 71  71  71  ASP ASP A . n 
A 1 72  ILE 72  72  72  ILE ILE A . n 
A 1 73  LYS 73  73  73  LYS LYS A . n 
A 1 74  GLY 74  74  74  GLY GLY A . n 
A 1 75  LYS 75  75  75  LYS LYS A . n 
A 1 76  TYR 76  76  76  TYR TYR A . n 
A 1 77  VAL 77  77  77  VAL VAL A . n 
A 1 78  LYS 78  78  78  LYS LYS A . n 
A 1 79  GLU 79  79  79  GLU GLU A . n 
A 1 80  VAL 80  80  80  VAL VAL A . n 
A 1 81  GLU 81  81  81  GLU GLU A . n 
A 1 82  VAL 82  82  82  VAL VAL A . n 
A 1 83  LYS 83  83  83  LYS LYS A . n 
A 1 84  ASN 84  84  84  ASN ASN A . n 
A 1 85  GLY 85  85  85  GLY GLY A . n 
A 1 86  VAL 86  86  86  VAL VAL A . n 
A 1 87  ILE 87  87  87  ILE ILE A . n 
A 1 88  THR 88  88  88  THR THR A . n 
A 1 89  ALA 89  89  89  ALA ALA A . n 
A 1 90  GLN 90  90  90  GLN GLN A . n 
A 1 91  MET 91  91  91  MET MET A . n 
A 1 92  ALA 92  92  92  ALA ALA A . n 
A 1 93  SER 93  93  93  SER SER A . n 
A 1 94  SER 94  94  94  SER SER A . n 
A 1 95  ASN 95  95  95  ASN ASN A . n 
A 1 96  VAL 96  96  96  VAL VAL A . n 
A 1 97  ASN 97  97  97  ASN ASN A . n 
A 1 98  ASN 98  98  98  ASN ASN A . n 
A 1 99  GLU 99  99  99  GLU GLU A . n 
A 1 100 ILE 100 100 100 ILE ILE A . n 
A 1 101 LYS 101 101 101 LYS LYS A . n 
A 1 102 GLY 102 102 102 GLY GLY A . n 
A 1 103 LYS 103 103 103 LYS LYS A . n 
A 1 104 LYS 104 104 104 LYS LYS A . n 
A 1 105 LEU 105 105 105 LEU LEU A . n 
A 1 106 SER 106 106 106 SER SER A . n 
A 1 107 LEU 107 107 107 LEU LEU A . n 
A 1 108 TRP 108 108 108 TRP TRP A . n 
A 1 109 ALA 109 109 109 ALA ALA A . n 
A 1 110 LYS 110 110 110 LYS LYS A . n 
A 1 111 ARG 111 111 111 ARG ARG A . n 
A 1 112 GLN 112 112 112 GLN GLN A . n 
A 1 113 ASP 113 113 113 ASP ASP A . n 
A 1 114 GLY 114 114 114 GLY GLY A . n 
A 1 115 SER 115 115 115 SER SER A . n 
A 1 116 VAL 116 116 116 VAL VAL A . n 
A 1 117 LYS 117 117 117 LYS LYS A . n 
A 1 118 TRP 118 118 118 TRP TRP A . n 
A 1 119 PHE 119 119 119 PHE PHE A . n 
A 1 120 CYS 120 120 120 CYS CYS A . n 
A 1 121 GLY 121 121 121 GLY GLY A . n 
A 1 122 LEU 122 122 122 LEU LEU A . n 
A 1 123 PRO 123 123 123 PRO PRO A . n 
A 1 124 VAL 124 124 124 VAL VAL A . n 
A 1 125 ALA 125 125 125 ALA ALA A . n 
A 1 126 ARG 126 126 126 ARG ARG A . n 
A 1 127 ASP 127 127 127 ASP ASP A . n 
A 1 128 ASP 128 128 128 ASP ASP A . n 
A 1 129 THR 129 129 129 THR THR A . n 
A 1 130 ASP 130 130 130 ASP ASP A . n 
A 1 131 SER 131 131 131 SER SER A . n 
A 1 132 ALA 132 132 132 ALA ALA A . n 
A 1 133 THR 133 133 133 THR THR A . n 
A 1 134 ASP 134 134 134 ASP ASP A . n 
A 1 135 VAL 135 135 135 VAL VAL A . n 
A 1 136 LYS 136 136 136 LYS LYS A . n 
A 1 137 ALA 137 137 137 ALA ALA A . n 
A 1 138 ASP 138 138 138 ASP ASP A . n 
A 1 139 THR 139 139 139 THR THR A . n 
A 1 140 THR 140 140 140 THR THR A . n 
A 1 141 ASP 141 141 141 ASP ASP A . n 
A 1 142 ASN 142 142 142 ASN ASN A . n 
A 1 143 ILE 143 143 143 ILE ILE A . n 
A 1 144 ASN 144 144 144 ASN ASN A . n 
A 1 145 THR 145 145 145 THR THR A . n 
A 1 146 LYS 146 146 146 LYS LYS A . n 
A 1 147 HIS 147 147 147 HIS HIS A . n 
A 1 148 LEU 148 148 148 LEU LEU A . n 
A 1 149 PRO 149 149 149 PRO PRO A . n 
A 1 150 SER 150 150 150 SER SER A . n 
A 1 151 THR 151 151 151 THR THR A . n 
A 1 152 CYS 152 152 152 CYS CYS A . n 
A 1 153 ARG 153 153 153 ARG ARG A . n 
A 1 154 ASP 154 154 154 ASP ASP A . n 
A 1 155 ASP 155 155 155 ASP ASP A . n 
A 1 156 SER 156 156 156 SER SER A . n 
A 1 157 SER 157 157 157 SER SER A . n 
A 1 158 ALA 158 158 158 ALA ALA A . n 
A 1 159 SER 159 159 159 SER SER A . n 
# 
loop_
_pdbx_entity_instance_feature.ordinal 
_pdbx_entity_instance_feature.comp_id 
_pdbx_entity_instance_feature.asym_id 
_pdbx_entity_instance_feature.seq_num 
_pdbx_entity_instance_feature.auth_comp_id 
_pdbx_entity_instance_feature.auth_asym_id 
_pdbx_entity_instance_feature.auth_seq_num 
_pdbx_entity_instance_feature.feature_type 
_pdbx_entity_instance_feature.details 
1 WKE ? ? WKE ? ? 'SUBJECT OF INVESTIGATION' ? 
2 G3P ? ? G3P ? ? 'SUBJECT OF INVESTIGATION' ? 
# 
loop_
_pdbx_nonpoly_scheme.asym_id 
_pdbx_nonpoly_scheme.entity_id 
_pdbx_nonpoly_scheme.mon_id 
_pdbx_nonpoly_scheme.ndb_seq_num 
_pdbx_nonpoly_scheme.pdb_seq_num 
_pdbx_nonpoly_scheme.auth_seq_num 
_pdbx_nonpoly_scheme.pdb_mon_id 
_pdbx_nonpoly_scheme.auth_mon_id 
_pdbx_nonpoly_scheme.pdb_strand_id 
_pdbx_nonpoly_scheme.pdb_ins_code 
B 2 G3P 1 201 160 G3P G3P A . 
C 3 WKE 1 202 161 WKE GAT A . 
# 
loop_
_software.citation_id 
_software.classification 
_software.compiler_name 
_software.compiler_version 
_software.contact_author 
_software.contact_author_email 
_software.date 
_software.description 
_software.dependencies 
_software.hardware 
_software.language 
_software.location 
_software.mods 
_software.name 
_software.os 
_software.os_version 
_software.type 
_software.version 
_software.pdbx_ordinal 
? refinement ? ? 'Pavel Afonine' pafonine@lbl.gov ? ? ? ? Python/C++ https://www.phenix-online.org/ ? phenix.real_space_refine ? ? 
program 1.20.1_4487 1 
? refinement ? ? 'Paul D. Adams' pdadams@lbl.gov  ? ? ? ? Python/C++ https://www.phenix-online.org/ ? PHENIX                   ? ? 
program 1.20.1_4487 2 
# 
_cell.angle_alpha                  90.00 
_cell.angle_alpha_esd              ? 
_cell.angle_beta                   90.00 
_cell.angle_beta_esd               ? 
_cell.angle_gamma                  90.00 
_cell.angle_gamma_esd              ? 
_cell.entry_id                     8P3B 
_cell.details                      ? 
_cell.formula_units_Z              ? 
_cell.length_a                     1.00 
_cell.length_a_esd                 ? 
_cell.length_b                     1.00 
_cell.length_b_esd                 ? 
_cell.length_c                     1.00 
_cell.length_c_esd                 ? 
_cell.volume                       ? 
_cell.volume_esd                   ? 
_cell.Z_PDB                        ? 
_cell.reciprocal_angle_alpha       ? 
_cell.reciprocal_angle_beta        ? 
_cell.reciprocal_angle_gamma       ? 
_cell.reciprocal_angle_alpha_esd   ? 
_cell.reciprocal_angle_beta_esd    ? 
_cell.reciprocal_angle_gamma_esd   ? 
_cell.reciprocal_length_a          ? 
_cell.reciprocal_length_b          ? 
_cell.reciprocal_length_c          ? 
_cell.reciprocal_length_a_esd      ? 
_cell.reciprocal_length_b_esd      ? 
_cell.reciprocal_length_c_esd      ? 
_cell.pdbx_unique_axis             ? 
_cell.pdbx_esd_method              ? 
# 
_symmetry.entry_id                         8P3B 
_symmetry.cell_setting                     ? 
_symmetry.Int_Tables_number                1 
_symmetry.space_group_name_Hall            ? 
_symmetry.space_group_name_H-M             'P 1' 
_symmetry.pdbx_full_space_group_name_H-M   ? 
# 
_exptl.absorpt_coefficient_mu     ? 
_exptl.absorpt_correction_T_max   ? 
_exptl.absorpt_correction_T_min   ? 
_exptl.absorpt_correction_type    ? 
_exptl.absorpt_process_details    ? 
_exptl.entry_id                   8P3B 
_exptl.crystals_number            ? 
_exptl.details                    ? 
_exptl.method                     'ELECTRON MICROSCOPY' 
_exptl.method_details             ? 
# 
_refine.aniso_B[1][1]                            ? 
_refine.aniso_B[1][2]                            ? 
_refine.aniso_B[1][3]                            ? 
_refine.aniso_B[2][2]                            ? 
_refine.aniso_B[2][3]                            ? 
_refine.aniso_B[3][3]                            ? 
_refine.B_iso_max                                ? 
_refine.B_iso_mean                               51.36 
_refine.B_iso_min                                ? 
_refine.correlation_coeff_Fo_to_Fc               ? 
_refine.correlation_coeff_Fo_to_Fc_free          ? 
_refine.details                                  ? 
_refine.diff_density_max                         ? 
_refine.diff_density_max_esd                     ? 
_refine.diff_density_min                         ? 
_refine.diff_density_min_esd                     ? 
_refine.diff_density_rms                         ? 
_refine.diff_density_rms_esd                     ? 
_refine.entry_id                                 8P3B 
_refine.pdbx_refine_id                           'ELECTRON MICROSCOPY' 
_refine.ls_abs_structure_details                 ? 
_refine.ls_abs_structure_Flack                   ? 
_refine.ls_abs_structure_Flack_esd               ? 
_refine.ls_abs_structure_Rogers                  ? 
_refine.ls_abs_structure_Rogers_esd              ? 
_refine.ls_d_res_high                            . 
_refine.ls_d_res_low                             ? 
_refine.ls_extinction_coef                       ? 
_refine.ls_extinction_coef_esd                   ? 
_refine.ls_extinction_expression                 ? 
_refine.ls_extinction_method                     ? 
_refine.ls_goodness_of_fit_all                   ? 
_refine.ls_goodness_of_fit_all_esd               ? 
_refine.ls_goodness_of_fit_obs                   ? 
_refine.ls_goodness_of_fit_obs_esd               ? 
_refine.ls_hydrogen_treatment                    ? 
_refine.ls_matrix_type                           ? 
_refine.ls_number_constraints                    ? 
_refine.ls_number_parameters                     ? 
_refine.ls_number_reflns_all                     ? 
_refine.ls_number_reflns_obs                     ? 
_refine.ls_number_reflns_R_free                  ? 
_refine.ls_number_reflns_R_work                  ? 
_refine.ls_number_restraints                     ? 
_refine.ls_percent_reflns_obs                    ? 
_refine.ls_percent_reflns_R_free                 ? 
_refine.ls_R_factor_all                          ? 
_refine.ls_R_factor_obs                          ? 
_refine.ls_R_factor_R_free                       ? 
_refine.ls_R_factor_R_free_error                 ? 
_refine.ls_R_factor_R_free_error_details         ? 
_refine.ls_R_factor_R_work                       ? 
_refine.ls_R_Fsqd_factor_obs                     ? 
_refine.ls_R_I_factor_obs                        ? 
_refine.ls_redundancy_reflns_all                 ? 
_refine.ls_redundancy_reflns_obs                 ? 
_refine.ls_restrained_S_all                      ? 
_refine.ls_restrained_S_obs                      ? 
_refine.ls_shift_over_esd_max                    ? 
_refine.ls_shift_over_esd_mean                   ? 
_refine.ls_structure_factor_coef                 ? 
_refine.ls_weighting_details                     ? 
_refine.ls_weighting_scheme                      ? 
_refine.ls_wR_factor_all                         ? 
_refine.ls_wR_factor_obs                         ? 
_refine.ls_wR_factor_R_free                      ? 
_refine.ls_wR_factor_R_work                      ? 
_refine.occupancy_max                            ? 
_refine.occupancy_min                            ? 
_refine.solvent_model_details                    ? 
_refine.solvent_model_param_bsol                 ? 
_refine.solvent_model_param_ksol                 ? 
_refine.pdbx_R_complete                          ? 
_refine.ls_R_factor_gt                           ? 
_refine.ls_goodness_of_fit_gt                    ? 
_refine.ls_goodness_of_fit_ref                   ? 
_refine.ls_shift_over_su_max                     ? 
_refine.ls_shift_over_su_max_lt                  ? 
_refine.ls_shift_over_su_mean                    ? 
_refine.ls_shift_over_su_mean_lt                 ? 
_refine.pdbx_ls_sigma_I                          ? 
_refine.pdbx_ls_sigma_F                          ? 
_refine.pdbx_ls_sigma_Fsqd                       ? 
_refine.pdbx_data_cutoff_high_absF               ? 
_refine.pdbx_data_cutoff_high_rms_absF           ? 
_refine.pdbx_data_cutoff_low_absF                ? 
_refine.pdbx_isotropic_thermal_model             ? 
_refine.pdbx_ls_cross_valid_method               NONE 
_refine.pdbx_method_to_determine_struct          ? 
_refine.pdbx_starting_model                      ? 
_refine.pdbx_stereochemistry_target_values       'GeoStd + Monomer Library + CDL v1.2' 
_refine.pdbx_R_Free_selection_details            ? 
_refine.pdbx_stereochem_target_val_spec_case     ? 
_refine.pdbx_overall_ESU_R                       ? 
_refine.pdbx_overall_ESU_R_Free                  ? 
_refine.pdbx_solvent_vdw_probe_radii             ? 
_refine.pdbx_solvent_ion_probe_radii             ? 
_refine.pdbx_solvent_shrinkage_radii             ? 
_refine.pdbx_real_space_R                        ? 
_refine.pdbx_density_correlation                 ? 
_refine.pdbx_pd_number_of_powder_patterns        ? 
_refine.pdbx_pd_number_of_points                 ? 
_refine.pdbx_pd_meas_number_of_points            ? 
_refine.pdbx_pd_proc_ls_prof_R_factor            ? 
_refine.pdbx_pd_proc_ls_prof_wR_factor           ? 
_refine.pdbx_pd_Marquardt_correlation_coeff      ? 
_refine.pdbx_pd_Fsqrd_R_factor                   ? 
_refine.pdbx_pd_ls_matrix_band_width             ? 
_refine.pdbx_overall_phase_error                 ? 
_refine.pdbx_overall_SU_R_free_Cruickshank_DPI   ? 
_refine.pdbx_overall_SU_R_free_Blow_DPI          ? 
_refine.pdbx_overall_SU_R_Blow_DPI               ? 
_refine.pdbx_TLS_residual_ADP_flag               ? 
_refine.pdbx_diffrn_id                           ? 
_refine.overall_SU_B                             ? 
_refine.overall_SU_ML                            ? 
_refine.overall_SU_R_Cruickshank_DPI             ? 
_refine.overall_SU_R_free                        ? 
_refine.overall_FOM_free_R_set                   ? 
_refine.overall_FOM_work_R_set                   ? 
_refine.pdbx_average_fsc_overall                 ? 
_refine.pdbx_average_fsc_work                    ? 
_refine.pdbx_average_fsc_free                    ? 
# 
loop_
_refine_ls_restr.pdbx_refine_id 
_refine_ls_restr.criterion 
_refine_ls_restr.dev_ideal 
_refine_ls_restr.dev_ideal_target 
_refine_ls_restr.number 
_refine_ls_restr.rejects 
_refine_ls_restr.type 
_refine_ls_restr.weight 
_refine_ls_restr.pdbx_restraint_function 
'ELECTRON MICROSCOPY' ? 0.0016 ? 1241 ? f_bond_d           ? ? 
'ELECTRON MICROSCOPY' ? 0.3559 ? 1686 ? f_angle_d          ? ? 
'ELECTRON MICROSCOPY' ? 0.0397 ? 201  ? f_chiral_restr     ? ? 
'ELECTRON MICROSCOPY' ? 0.0026 ? 213  ? f_plane_restr      ? ? 
'ELECTRON MICROSCOPY' ? 3.4876 ? 183  ? f_dihedral_angle_d ? ? 
# 
_struct.entry_id                     8P3B 
_struct.title                        'Neisseria meningitidis Type IV pilus SA-GATDH variant' 
_struct.pdbx_model_details           ? 
_struct.pdbx_formula_weight          ? 
_struct.pdbx_formula_weight_method   ? 
_struct.pdbx_model_type_details      ? 
_struct.pdbx_CASP_flag               N 
# 
_struct_keywords.entry_id        8P3B 
_struct_keywords.text            'Pilin, Extracellular, Adhesion, Aggregation, PROTEIN FIBRIL' 
_struct_keywords.pdbx_keywords   'PROTEIN FIBRIL' 
# 
loop_
_struct_asym.id 
_struct_asym.pdbx_blank_PDB_chainid_flag 
_struct_asym.pdbx_modified 
_struct_asym.entity_id 
_struct_asym.details 
A N N 1 ? 
B N N 2 ? 
C N N 3 ? 
# 
_struct_ref.id                         1 
_struct_ref.db_name                    PDB 
_struct_ref.db_code                    8P3B 
_struct_ref.pdbx_db_accession          8P3B 
_struct_ref.pdbx_db_isoform            ? 
_struct_ref.entity_id                  1 
_struct_ref.pdbx_seq_one_letter_code   ? 
_struct_ref.pdbx_align_begin           1 
# 
_struct_ref_seq.align_id                      1 
_struct_ref_seq.ref_id                        1 
_struct_ref_seq.pdbx_PDB_id_code              8P3B 
_struct_ref_seq.pdbx_strand_id                A 
_struct_ref_seq.seq_align_beg                 1 
_struct_ref_seq.pdbx_seq_align_beg_ins_code   ? 
_struct_ref_seq.seq_align_end                 159 
_struct_ref_seq.pdbx_seq_align_end_ins_code   ? 
_struct_ref_seq.pdbx_db_accession             8P3B 
_struct_ref_seq.db_align_beg                  1 
_struct_ref_seq.pdbx_db_align_beg_ins_code    ? 
_struct_ref_seq.db_align_end                  159 
_struct_ref_seq.pdbx_db_align_end_ins_code    ? 
_struct_ref_seq.pdbx_auth_seq_align_beg       1 
_struct_ref_seq.pdbx_auth_seq_align_end       159 
# 
_pdbx_struct_assembly.id                   1 
_pdbx_struct_assembly.details              author_defined_assembly 
_pdbx_struct_assembly.method_details       ? 
_pdbx_struct_assembly.oligomeric_details   monomeric 
_pdbx_struct_assembly.oligomeric_count     1 
# 
loop_
_pdbx_struct_assembly_prop.biol_id 
_pdbx_struct_assembly_prop.type 
_pdbx_struct_assembly_prop.value 
_pdbx_struct_assembly_prop.details 
1 'ABSA (A^2)' 240  ? 
1 MORE         -5   ? 
1 'SSA (A^2)'  9860 ? 
# 
_pdbx_struct_assembly_gen.assembly_id       1 
_pdbx_struct_assembly_gen.oper_expression   1 
_pdbx_struct_assembly_gen.asym_id_list      A,B,C 
# 
_pdbx_struct_assembly_auth_evidence.id                     1 
_pdbx_struct_assembly_auth_evidence.assembly_id            1 
_pdbx_struct_assembly_auth_evidence.experimental_support   'electron microscopy' 
_pdbx_struct_assembly_auth_evidence.details                ? 
# 
_pdbx_struct_oper_list.id                   1 
_pdbx_struct_oper_list.type                 'identity operation' 
_pdbx_struct_oper_list.name                 1_555 
_pdbx_struct_oper_list.symmetry_operation   ? 
_pdbx_struct_oper_list.matrix[1][1]         1.0000000000 
_pdbx_struct_oper_list.matrix[1][2]         0.0000000000 
_pdbx_struct_oper_list.matrix[1][3]         0.0000000000 
_pdbx_struct_oper_list.vector[1]            0.0000000000 
_pdbx_struct_oper_list.matrix[2][1]         0.0000000000 
_pdbx_struct_oper_list.matrix[2][2]         1.0000000000 
_pdbx_struct_oper_list.matrix[2][3]         0.0000000000 
_pdbx_struct_oper_list.vector[2]            0.0000000000 
_pdbx_struct_oper_list.matrix[3][1]         0.0000000000 
_pdbx_struct_oper_list.matrix[3][2]         0.0000000000 
_pdbx_struct_oper_list.matrix[3][3]         1.0000000000 
_pdbx_struct_oper_list.vector[3]            0.0000000000 
# 
loop_
_struct_conf.conf_type_id 
_struct_conf.id 
_struct_conf.pdbx_PDB_helix_id 
_struct_conf.beg_label_comp_id 
_struct_conf.beg_label_asym_id 
_struct_conf.beg_label_seq_id 
_struct_conf.pdbx_beg_PDB_ins_code 
_struct_conf.end_label_comp_id 
_struct_conf.end_label_asym_id 
_struct_conf.end_label_seq_id 
_struct_conf.pdbx_end_PDB_ins_code 
_struct_conf.beg_auth_comp_id 
_struct_conf.beg_auth_asym_id 
_struct_conf.beg_auth_seq_id 
_struct_conf.end_auth_comp_id 
_struct_conf.end_auth_asym_id 
_struct_conf.end_auth_seq_id 
_struct_conf.pdbx_PDB_helix_class 
_struct_conf.details 
_struct_conf.pdbx_PDB_helix_length 
HELX_P HELX_P1 AA1 THR A 2   ? ALA A 18  ? THR A 2   ALA A 18  1 ? 17 
HELX_P HELX_P2 AA2 ALA A 23  ? GLY A 42  ? ALA A 23  GLY A 42  1 ? 20 
HELX_P HELX_P3 AA3 GLN A 43  ? GLY A 55  ? GLN A 43  GLY A 55  1 ? 13 
HELX_P HELX_P4 AA4 ASP A 60  ? GLY A 65  ? ASP A 60  GLY A 65  1 ? 6  
HELX_P HELX_P5 AA5 THR A 68  ? ILE A 72  ? THR A 68  ILE A 72  5 ? 5  
HELX_P HELX_P6 AA6 ASN A 97  ? LYS A 101 ? ASN A 97  LYS A 101 5 ? 5  
HELX_P HELX_P7 AA7 ASN A 144 ? LEU A 148 ? ASN A 144 LEU A 148 5 ? 5  
# 
_struct_conf_type.id          HELX_P 
_struct_conf_type.criteria    ? 
_struct_conf_type.reference   ? 
# 
loop_
_struct_conn.id 
_struct_conn.conn_type_id 
_struct_conn.pdbx_leaving_atom_flag 
_struct_conn.pdbx_PDB_id 
_struct_conn.ptnr1_label_asym_id 
_struct_conn.ptnr1_label_comp_id 
_struct_conn.ptnr1_label_seq_id 
_struct_conn.ptnr1_label_atom_id 
_struct_conn.pdbx_ptnr1_label_alt_id 
_struct_conn.pdbx_ptnr1_PDB_ins_code 
_struct_conn.pdbx_ptnr1_standard_comp_id 
_struct_conn.ptnr1_symmetry 
_struct_conn.ptnr2_label_asym_id 
_struct_conn.ptnr2_label_comp_id 
_struct_conn.ptnr2_label_seq_id 
_struct_conn.ptnr2_label_atom_id 
_struct_conn.pdbx_ptnr2_label_alt_id 
_struct_conn.pdbx_ptnr2_PDB_ins_code 
_struct_conn.ptnr1_auth_asym_id 
_struct_conn.ptnr1_auth_comp_id 
_struct_conn.ptnr1_auth_seq_id 
_struct_conn.ptnr2_auth_asym_id 
_struct_conn.ptnr2_auth_comp_id 
_struct_conn.ptnr2_auth_seq_id 
_struct_conn.ptnr2_symmetry 
_struct_conn.pdbx_ptnr3_label_atom_id 
_struct_conn.pdbx_ptnr3_label_seq_id 
_struct_conn.pdbx_ptnr3_label_comp_id 
_struct_conn.pdbx_ptnr3_label_asym_id 
_struct_conn.pdbx_ptnr3_label_alt_id 
_struct_conn.pdbx_ptnr3_PDB_ins_code 
_struct_conn.details 
_struct_conn.pdbx_dist_value 
_struct_conn.pdbx_value_order 
_struct_conn.pdbx_role 
disulf1 disulf ?    ? A CYS 120 SG ? ? ? 1_555 A CYS 152 SG  ? ? A CYS 120 A CYS 152 1_555 ? ? ? ? ? ? ? 2.031 ? ? 
covale1 covale one  ? A SER 63  OG ? ? ? 1_555 C WKE .   C2  ? ? A SER 63  A WKE 202 1_555 ? ? ? ? ? ? ? 1.430 ? ? 
covale2 covale none ? A SER 69  CB ? ? ? 1_555 B G3P .   O4P ? ? A SER 69  A G3P 201 1_555 ? ? ? ? ? ? ? 1.399 ? ? 
# 
loop_
_struct_conn_type.id 
_struct_conn_type.criteria 
_struct_conn_type.reference 
disulf ? ? 
covale ? ? 
# 
loop_
_pdbx_modification_feature.ordinal 
_pdbx_modification_feature.label_comp_id 
_pdbx_modification_feature.label_asym_id 
_pdbx_modification_feature.label_seq_id 
_pdbx_modification_feature.label_alt_id 
_pdbx_modification_feature.modified_residue_label_comp_id 
_pdbx_modification_feature.modified_residue_label_asym_id 
_pdbx_modification_feature.modified_residue_label_seq_id 
_pdbx_modification_feature.modified_residue_label_alt_id 
_pdbx_modification_feature.auth_comp_id 
_pdbx_modification_feature.auth_asym_id 
_pdbx_modification_feature.auth_seq_id 
_pdbx_modification_feature.PDB_ins_code 
_pdbx_modification_feature.symmetry 
_pdbx_modification_feature.modified_residue_auth_comp_id 
_pdbx_modification_feature.modified_residue_auth_asym_id 
_pdbx_modification_feature.modified_residue_auth_seq_id 
_pdbx_modification_feature.modified_residue_PDB_ins_code 
_pdbx_modification_feature.modified_residue_symmetry 
_pdbx_modification_feature.comp_id_linking_atom 
_pdbx_modification_feature.modified_residue_id_linking_atom 
_pdbx_modification_feature.modified_residue_id 
_pdbx_modification_feature.ref_pcm_id 
_pdbx_modification_feature.ref_comp_id 
_pdbx_modification_feature.type 
_pdbx_modification_feature.category 
1 G3P B .   ? SER A 69  ? G3P A 201 ? 1_555 SER A 69  ? 1_555 O4P CB SER 4 G3P None 'Covalent chemical modification' 
2 WKE C .   ? SER A 63  ? WKE A 202 ? 1_555 SER A 63  ? 1_555 C2  OG SER 1 WKE None 'Covalent chemical modification' 
3 CYS A 120 ? CYS A 152 ? CYS A 120 ? 1_555 CYS A 152 ? 1_555 SG  SG .   . .   None 'Disulfide bridge'               
# 
loop_
_struct_sheet.id 
_struct_sheet.type 
_struct_sheet.number_strands 
_struct_sheet.details 
AA1 ? 4 ? 
AA2 ? 2 ? 
# 
loop_
_struct_sheet_order.sheet_id 
_struct_sheet_order.range_id_1 
_struct_sheet_order.range_id_2 
_struct_sheet_order.offset 
_struct_sheet_order.sense 
AA1 1 2 ? anti-parallel 
AA1 2 3 ? anti-parallel 
AA1 3 4 ? anti-parallel 
AA2 1 2 ? anti-parallel 
# 
loop_
_struct_sheet_range.sheet_id 
_struct_sheet_range.id 
_struct_sheet_range.beg_label_comp_id 
_struct_sheet_range.beg_label_asym_id 
_struct_sheet_range.beg_label_seq_id 
_struct_sheet_range.pdbx_beg_PDB_ins_code 
_struct_sheet_range.end_label_comp_id 
_struct_sheet_range.end_label_asym_id 
_struct_sheet_range.end_label_seq_id 
_struct_sheet_range.pdbx_end_PDB_ins_code 
_struct_sheet_range.beg_auth_comp_id 
_struct_sheet_range.beg_auth_asym_id 
_struct_sheet_range.beg_auth_seq_id 
_struct_sheet_range.end_auth_comp_id 
_struct_sheet_range.end_auth_asym_id 
_struct_sheet_range.end_auth_seq_id 
AA1 1 VAL A 77  ? LYS A 83  ? VAL A 77  LYS A 83  
AA1 2 VAL A 86  ? MET A 91  ? VAL A 86  MET A 91  
AA1 3 LYS A 104 ? ARG A 111 ? LYS A 104 ARG A 111 
AA1 4 VAL A 116 ? GLY A 121 ? VAL A 116 GLY A 121 
AA2 1 VAL A 124 ? ALA A 125 ? VAL A 124 ALA A 125 
AA2 2 LYS A 136 ? ALA A 137 ? LYS A 136 ALA A 137 
# 
loop_
_pdbx_struct_sheet_hbond.sheet_id 
_pdbx_struct_sheet_hbond.range_id_1 
_pdbx_struct_sheet_hbond.range_id_2 
_pdbx_struct_sheet_hbond.range_1_label_atom_id 
_pdbx_struct_sheet_hbond.range_1_label_comp_id 
_pdbx_struct_sheet_hbond.range_1_label_asym_id 
_pdbx_struct_sheet_hbond.range_1_label_seq_id 
_pdbx_struct_sheet_hbond.range_1_PDB_ins_code 
_pdbx_struct_sheet_hbond.range_1_auth_atom_id 
_pdbx_struct_sheet_hbond.range_1_auth_comp_id 
_pdbx_struct_sheet_hbond.range_1_auth_asym_id 
_pdbx_struct_sheet_hbond.range_1_auth_seq_id 
_pdbx_struct_sheet_hbond.range_2_label_atom_id 
_pdbx_struct_sheet_hbond.range_2_label_comp_id 
_pdbx_struct_sheet_hbond.range_2_label_asym_id 
_pdbx_struct_sheet_hbond.range_2_label_seq_id 
_pdbx_struct_sheet_hbond.range_2_PDB_ins_code 
_pdbx_struct_sheet_hbond.range_2_auth_atom_id 
_pdbx_struct_sheet_hbond.range_2_auth_comp_id 
_pdbx_struct_sheet_hbond.range_2_auth_asym_id 
_pdbx_struct_sheet_hbond.range_2_auth_seq_id 
AA1 1 2 N LYS A 78  ? N LYS A 78  O GLN A 90  ? O GLN A 90  
AA1 2 3 N ILE A 87  ? N ILE A 87  O LEU A 107 ? O LEU A 107 
AA1 3 4 N TRP A 108 ? N TRP A 108 O PHE A 119 ? O PHE A 119 
AA2 1 2 N ALA A 125 ? N ALA A 125 O LYS A 136 ? O LYS A 136 
# 
_pdbx_entry_details.entry_id                   8P3B 
_pdbx_entry_details.has_ligand_of_interest     Y 
_pdbx_entry_details.compound_details           ? 
_pdbx_entry_details.source_details             ? 
_pdbx_entry_details.nonpolymer_details         ? 
_pdbx_entry_details.sequence_details           ? 
_pdbx_entry_details.has_protein_modification   Y 
# 
_space_group_symop.id              1 
_space_group_symop.operation_xyz   x,y,z 
# 
_em_3d_fitting.id                1 
_em_3d_fitting.entry_id          8P3B 
_em_3d_fitting.method            ? 
_em_3d_fitting.target_criteria   ? 
_em_3d_fitting.details           ? 
_em_3d_fitting.overall_b_value   ? 
_em_3d_fitting.ref_space         ? 
_em_3d_fitting.ref_protocol      'FLEXIBLE FIT' 
# 
_em_3d_reconstruction.entry_id                    8P3B 
_em_3d_reconstruction.id                          1 
_em_3d_reconstruction.method                      ? 
_em_3d_reconstruction.algorithm                   ? 
_em_3d_reconstruction.citation_id                 ? 
_em_3d_reconstruction.details                     ? 
_em_3d_reconstruction.resolution                  3.15 
_em_3d_reconstruction.resolution_method           'FSC 0.143 CUT-OFF' 
_em_3d_reconstruction.magnification_calibration   ? 
_em_3d_reconstruction.nominal_pixel_size          ? 
_em_3d_reconstruction.actual_pixel_size           ? 
_em_3d_reconstruction.num_particles               1127987 
_em_3d_reconstruction.euler_angles_details        ? 
_em_3d_reconstruction.num_class_averages          ? 
_em_3d_reconstruction.refinement_type             ? 
_em_3d_reconstruction.image_processing_id         1 
_em_3d_reconstruction.symmetry_type               HELICAL 
# 
_em_buffer.id            1 
_em_buffer.specimen_id   1 
_em_buffer.name          ? 
_em_buffer.details       ? 
_em_buffer.pH            7.4 
# 
_em_entity_assembly.id                   1 
_em_entity_assembly.parent_id            0 
_em_entity_assembly.source               NATURAL 
_em_entity_assembly.type                 COMPLEX 
_em_entity_assembly.name                 'PilE variant SA containing GATDH and G3P PTMs' 
_em_entity_assembly.details              ? 
_em_entity_assembly.synonym              ? 
_em_entity_assembly.oligomeric_details   ? 
_em_entity_assembly.entity_id_list       1 
# 
_em_imaging.entry_id                        8P3B 
_em_imaging.id                              1 
_em_imaging.astigmatism                     ? 
_em_imaging.electron_beam_tilt_params       ? 
_em_imaging.residual_tilt                   ? 
_em_imaging.microscope_model                'FEI TITAN KRIOS' 
_em_imaging.specimen_holder_type            ? 
_em_imaging.specimen_holder_model           ? 
_em_imaging.details                         ? 
_em_imaging.date                            ? 
_em_imaging.accelerating_voltage            300 
_em_imaging.illumination_mode               'FLOOD BEAM' 
_em_imaging.mode                            'BRIGHT FIELD' 
_em_imaging.nominal_cs                      ? 
_em_imaging.nominal_defocus_min             1000 
_em_imaging.nominal_defocus_max             3000 
_em_imaging.calibrated_defocus_min          ? 
_em_imaging.calibrated_defocus_max          ? 
_em_imaging.tilt_angle_min                  ? 
_em_imaging.tilt_angle_max                  ? 
_em_imaging.nominal_magnification           ? 
_em_imaging.calibrated_magnification        ? 
_em_imaging.electron_source                 'FIELD EMISSION GUN' 
_em_imaging.citation_id                     ? 
_em_imaging.temperature                     ? 
_em_imaging.detector_distance               ? 
_em_imaging.recording_temperature_minimum   ? 
_em_imaging.recording_temperature_maximum   ? 
_em_imaging.alignment_procedure             ? 
_em_imaging.c2_aperture_diameter            ? 
_em_imaging.specimen_id                     1 
_em_imaging.cryogen                         ? 
# 
_em_vitrification.entry_id              8P3B 
_em_vitrification.id                    1 
_em_vitrification.specimen_id           1 
_em_vitrification.cryogen_name          ETHANE 
_em_vitrification.humidity              ? 
_em_vitrification.temp                  ? 
_em_vitrification.chamber_temperature   ? 
_em_vitrification.instrument            ? 
_em_vitrification.method                ? 
_em_vitrification.time_resolved_state   ? 
_em_vitrification.citation_id           ? 
_em_vitrification.details               ? 
# 
_em_experiment.entry_id                8P3B 
_em_experiment.id                      1 
_em_experiment.reconstruction_method   HELICAL 
_em_experiment.aggregation_state       FILAMENT 
_em_experiment.entity_assembly_id      1 
# 
loop_
_chem_comp_atom.comp_id 
_chem_comp_atom.atom_id 
_chem_comp_atom.type_symbol 
_chem_comp_atom.pdbx_aromatic_flag 
_chem_comp_atom.pdbx_stereo_config 
_chem_comp_atom.pdbx_ordinal 
ALA N    N N N 1   
ALA CA   C N S 2   
ALA C    C N N 3   
ALA O    O N N 4   
ALA CB   C N N 5   
ALA OXT  O N N 6   
ALA H    H N N 7   
ALA H2   H N N 8   
ALA HA   H N N 9   
ALA HB1  H N N 10  
ALA HB2  H N N 11  
ALA HB3  H N N 12  
ALA HXT  H N N 13  
ARG N    N N N 14  
ARG CA   C N S 15  
ARG C    C N N 16  
ARG O    O N N 17  
ARG CB   C N N 18  
ARG CG   C N N 19  
ARG CD   C N N 20  
ARG NE   N N N 21  
ARG CZ   C N N 22  
ARG NH1  N N N 23  
ARG NH2  N N N 24  
ARG OXT  O N N 25  
ARG H    H N N 26  
ARG H2   H N N 27  
ARG HA   H N N 28  
ARG HB2  H N N 29  
ARG HB3  H N N 30  
ARG HG2  H N N 31  
ARG HG3  H N N 32  
ARG HD2  H N N 33  
ARG HD3  H N N 34  
ARG HE   H N N 35  
ARG HH11 H N N 36  
ARG HH12 H N N 37  
ARG HH21 H N N 38  
ARG HH22 H N N 39  
ARG HXT  H N N 40  
ASN N    N N N 41  
ASN CA   C N S 42  
ASN C    C N N 43  
ASN O    O N N 44  
ASN CB   C N N 45  
ASN CG   C N N 46  
ASN OD1  O N N 47  
ASN ND2  N N N 48  
ASN OXT  O N N 49  
ASN H    H N N 50  
ASN H2   H N N 51  
ASN HA   H N N 52  
ASN HB2  H N N 53  
ASN HB3  H N N 54  
ASN HD21 H N N 55  
ASN HD22 H N N 56  
ASN HXT  H N N 57  
ASP N    N N N 58  
ASP CA   C N S 59  
ASP C    C N N 60  
ASP O    O N N 61  
ASP CB   C N N 62  
ASP CG   C N N 63  
ASP OD1  O N N 64  
ASP OD2  O N N 65  
ASP OXT  O N N 66  
ASP H    H N N 67  
ASP H2   H N N 68  
ASP HA   H N N 69  
ASP HB2  H N N 70  
ASP HB3  H N N 71  
ASP HD2  H N N 72  
ASP HXT  H N N 73  
CYS N    N N N 74  
CYS CA   C N R 75  
CYS C    C N N 76  
CYS O    O N N 77  
CYS CB   C N N 78  
CYS SG   S N N 79  
CYS OXT  O N N 80  
CYS H    H N N 81  
CYS H2   H N N 82  
CYS HA   H N N 83  
CYS HB2  H N N 84  
CYS HB3  H N N 85  
CYS HG   H N N 86  
CYS HXT  H N N 87  
G3P O1   O N N 88  
G3P C1   C N N 89  
G3P C2   C N R 90  
G3P O2   O N N 91  
G3P C3   C N N 92  
G3P O1P  O N N 93  
G3P O4P  O N N 94  
G3P O2P  O N N 95  
G3P O3P  O N N 96  
G3P P    P N N 97  
G3P HO1  H N N 98  
G3P H11  H N N 99  
G3P H12  H N N 100 
G3P H2   H N N 101 
G3P HO2  H N N 102 
G3P H31  H N N 103 
G3P H32  H N N 104 
G3P HOP3 H N N 105 
G3P HOP4 H N N 106 
GLN N    N N N 107 
GLN CA   C N S 108 
GLN C    C N N 109 
GLN O    O N N 110 
GLN CB   C N N 111 
GLN CG   C N N 112 
GLN CD   C N N 113 
GLN OE1  O N N 114 
GLN NE2  N N N 115 
GLN OXT  O N N 116 
GLN H    H N N 117 
GLN H2   H N N 118 
GLN HA   H N N 119 
GLN HB2  H N N 120 
GLN HB3  H N N 121 
GLN HG2  H N N 122 
GLN HG3  H N N 123 
GLN HE21 H N N 124 
GLN HE22 H N N 125 
GLN HXT  H N N 126 
GLU N    N N N 127 
GLU CA   C N S 128 
GLU C    C N N 129 
GLU O    O N N 130 
GLU CB   C N N 131 
GLU CG   C N N 132 
GLU CD   C N N 133 
GLU OE1  O N N 134 
GLU OE2  O N N 135 
GLU OXT  O N N 136 
GLU H    H N N 137 
GLU H2   H N N 138 
GLU HA   H N N 139 
GLU HB2  H N N 140 
GLU HB3  H N N 141 
GLU HG2  H N N 142 
GLU HG3  H N N 143 
GLU HE2  H N N 144 
GLU HXT  H N N 145 
GLY N    N N N 146 
GLY CA   C N N 147 
GLY C    C N N 148 
GLY O    O N N 149 
GLY OXT  O N N 150 
GLY H    H N N 151 
GLY H2   H N N 152 
GLY HA2  H N N 153 
GLY HA3  H N N 154 
GLY HXT  H N N 155 
HIS N    N N N 156 
HIS CA   C N S 157 
HIS C    C N N 158 
HIS O    O N N 159 
HIS CB   C N N 160 
HIS CG   C Y N 161 
HIS ND1  N Y N 162 
HIS CD2  C Y N 163 
HIS CE1  C Y N 164 
HIS NE2  N Y N 165 
HIS OXT  O N N 166 
HIS H    H N N 167 
HIS H2   H N N 168 
HIS HA   H N N 169 
HIS HB2  H N N 170 
HIS HB3  H N N 171 
HIS HD1  H N N 172 
HIS HD2  H N N 173 
HIS HE1  H N N 174 
HIS HE2  H N N 175 
HIS HXT  H N N 176 
ILE N    N N N 177 
ILE CA   C N S 178 
ILE C    C N N 179 
ILE O    O N N 180 
ILE CB   C N S 181 
ILE CG1  C N N 182 
ILE CG2  C N N 183 
ILE CD1  C N N 184 
ILE OXT  O N N 185 
ILE H    H N N 186 
ILE H2   H N N 187 
ILE HA   H N N 188 
ILE HB   H N N 189 
ILE HG12 H N N 190 
ILE HG13 H N N 191 
ILE HG21 H N N 192 
ILE HG22 H N N 193 
ILE HG23 H N N 194 
ILE HD11 H N N 195 
ILE HD12 H N N 196 
ILE HD13 H N N 197 
ILE HXT  H N N 198 
LEU N    N N N 199 
LEU CA   C N S 200 
LEU C    C N N 201 
LEU O    O N N 202 
LEU CB   C N N 203 
LEU CG   C N N 204 
LEU CD1  C N N 205 
LEU CD2  C N N 206 
LEU OXT  O N N 207 
LEU H    H N N 208 
LEU H2   H N N 209 
LEU HA   H N N 210 
LEU HB2  H N N 211 
LEU HB3  H N N 212 
LEU HG   H N N 213 
LEU HD11 H N N 214 
LEU HD12 H N N 215 
LEU HD13 H N N 216 
LEU HD21 H N N 217 
LEU HD22 H N N 218 
LEU HD23 H N N 219 
LEU HXT  H N N 220 
LYS N    N N N 221 
LYS CA   C N S 222 
LYS C    C N N 223 
LYS O    O N N 224 
LYS CB   C N N 225 
LYS CG   C N N 226 
LYS CD   C N N 227 
LYS CE   C N N 228 
LYS NZ   N N N 229 
LYS OXT  O N N 230 
LYS H    H N N 231 
LYS H2   H N N 232 
LYS HA   H N N 233 
LYS HB2  H N N 234 
LYS HB3  H N N 235 
LYS HG2  H N N 236 
LYS HG3  H N N 237 
LYS HD2  H N N 238 
LYS HD3  H N N 239 
LYS HE2  H N N 240 
LYS HE3  H N N 241 
LYS HZ1  H N N 242 
LYS HZ2  H N N 243 
LYS HZ3  H N N 244 
LYS HXT  H N N 245 
MET N    N N N 246 
MET CA   C N S 247 
MET C    C N N 248 
MET O    O N N 249 
MET CB   C N N 250 
MET CG   C N N 251 
MET SD   S N N 252 
MET CE   C N N 253 
MET OXT  O N N 254 
MET H    H N N 255 
MET H2   H N N 256 
MET HA   H N N 257 
MET HB2  H N N 258 
MET HB3  H N N 259 
MET HG2  H N N 260 
MET HG3  H N N 261 
MET HE1  H N N 262 
MET HE2  H N N 263 
MET HE3  H N N 264 
MET HXT  H N N 265 
PHE N    N N N 266 
PHE CA   C N S 267 
PHE C    C N N 268 
PHE O    O N N 269 
PHE CB   C N N 270 
PHE CG   C Y N 271 
PHE CD1  C Y N 272 
PHE CD2  C Y N 273 
PHE CE1  C Y N 274 
PHE CE2  C Y N 275 
PHE CZ   C Y N 276 
PHE OXT  O N N 277 
PHE H    H N N 278 
PHE H2   H N N 279 
PHE HA   H N N 280 
PHE HB2  H N N 281 
PHE HB3  H N N 282 
PHE HD1  H N N 283 
PHE HD2  H N N 284 
PHE HE1  H N N 285 
PHE HE2  H N N 286 
PHE HZ   H N N 287 
PHE HXT  H N N 288 
PRO N    N N N 289 
PRO CA   C N S 290 
PRO C    C N N 291 
PRO O    O N N 292 
PRO CB   C N N 293 
PRO CG   C N N 294 
PRO CD   C N N 295 
PRO OXT  O N N 296 
PRO H    H N N 297 
PRO HA   H N N 298 
PRO HB2  H N N 299 
PRO HB3  H N N 300 
PRO HG2  H N N 301 
PRO HG3  H N N 302 
PRO HD2  H N N 303 
PRO HD3  H N N 304 
PRO HXT  H N N 305 
SER N    N N N 306 
SER CA   C N S 307 
SER C    C N N 308 
SER O    O N N 309 
SER CB   C N N 310 
SER OG   O N N 311 
SER OXT  O N N 312 
SER H    H N N 313 
SER H2   H N N 314 
SER HA   H N N 315 
SER HB2  H N N 316 
SER HB3  H N N 317 
SER HG   H N N 318 
SER HXT  H N N 319 
THR N    N N N 320 
THR CA   C N S 321 
THR C    C N N 322 
THR O    O N N 323 
THR CB   C N R 324 
THR OG1  O N N 325 
THR CG2  C N N 326 
THR OXT  O N N 327 
THR H    H N N 328 
THR H2   H N N 329 
THR HA   H N N 330 
THR HB   H N N 331 
THR HG1  H N N 332 
THR HG21 H N N 333 
THR HG22 H N N 334 
THR HG23 H N N 335 
THR HXT  H N N 336 
TRP N    N N N 337 
TRP CA   C N S 338 
TRP C    C N N 339 
TRP O    O N N 340 
TRP CB   C N N 341 
TRP CG   C Y N 342 
TRP CD1  C Y N 343 
TRP CD2  C Y N 344 
TRP NE1  N Y N 345 
TRP CE2  C Y N 346 
TRP CE3  C Y N 347 
TRP CZ2  C Y N 348 
TRP CZ3  C Y N 349 
TRP CH2  C Y N 350 
TRP OXT  O N N 351 
TRP H    H N N 352 
TRP H2   H N N 353 
TRP HA   H N N 354 
TRP HB2  H N N 355 
TRP HB3  H N N 356 
TRP HD1  H N N 357 
TRP HE1  H N N 358 
TRP HE3  H N N 359 
TRP HZ2  H N N 360 
TRP HZ3  H N N 361 
TRP HH2  H N N 362 
TRP HXT  H N N 363 
TYR N    N N N 364 
TYR CA   C N S 365 
TYR C    C N N 366 
TYR O    O N N 367 
TYR CB   C N N 368 
TYR CG   C Y N 369 
TYR CD1  C Y N 370 
TYR CD2  C Y N 371 
TYR CE1  C Y N 372 
TYR CE2  C Y N 373 
TYR CZ   C Y N 374 
TYR OH   O N N 375 
TYR OXT  O N N 376 
TYR H    H N N 377 
TYR H2   H N N 378 
TYR HA   H N N 379 
TYR HB2  H N N 380 
TYR HB3  H N N 381 
TYR HD1  H N N 382 
TYR HD2  H N N 383 
TYR HE1  H N N 384 
TYR HE2  H N N 385 
TYR HH   H N N 386 
TYR HXT  H N N 387 
VAL N    N N N 388 
VAL CA   C N S 389 
VAL C    C N N 390 
VAL O    O N N 391 
VAL CB   C N N 392 
VAL CG1  C N N 393 
VAL CG2  C N N 394 
VAL OXT  O N N 395 
VAL H    H N N 396 
VAL H2   H N N 397 
VAL HA   H N N 398 
VAL HB   H N N 399 
VAL HG11 H N N 400 
VAL HG12 H N N 401 
VAL HG13 H N N 402 
VAL HG21 H N N 403 
VAL HG22 H N N 404 
VAL HG23 H N N 405 
VAL HXT  H N N 406 
WKE C1   C N R 407 
WKE C2   C N R 408 
WKE C3   C N R 409 
WKE C4   C N N 410 
WKE C5   C N N 411 
WKE C6   C N S 412 
WKE C7   C N S 413 
WKE C8   C N N 414 
WKE C9   C N R 415 
WKE C10  C N N 416 
WKE N1   N N N 417 
WKE O1   O N N 418 
WKE O6   O N N 419 
WKE O3   O N N 420 
WKE O4   O N N 421 
WKE O5   O N N 422 
WKE N    N N N 423 
WKE C    C N N 424 
WKE O    O N N 425 
WKE H1   H N N 426 
WKE H2   H N N 427 
WKE H4   H N N 428 
WKE H5   H N N 429 
WKE H6   H N N 430 
WKE H7   H N N 431 
WKE H8   H N N 432 
WKE H9   H N N 433 
WKE H10  H N N 434 
WKE H11  H N N 435 
WKE H12  H N N 436 
WKE H13  H N N 437 
WKE H14  H N N 438 
WKE H15  H N N 439 
WKE H16  H N N 440 
WKE H17  H N N 441 
WKE H18  H N N 442 
WKE H19  H N N 443 
WKE H20  H N N 444 
WKE O2   O N N 445 
WKE H3   H N N 446 
# 
loop_
_chem_comp_bond.comp_id 
_chem_comp_bond.atom_id_1 
_chem_comp_bond.atom_id_2 
_chem_comp_bond.value_order 
_chem_comp_bond.pdbx_aromatic_flag 
_chem_comp_bond.pdbx_stereo_config 
_chem_comp_bond.pdbx_ordinal 
ALA N   CA   sing N N 1   
ALA N   H    sing N N 2   
ALA N   H2   sing N N 3   
ALA CA  C    sing N N 4   
ALA CA  CB   sing N N 5   
ALA CA  HA   sing N N 6   
ALA C   O    doub N N 7   
ALA C   OXT  sing N N 8   
ALA CB  HB1  sing N N 9   
ALA CB  HB2  sing N N 10  
ALA CB  HB3  sing N N 11  
ALA OXT HXT  sing N N 12  
ARG N   CA   sing N N 13  
ARG N   H    sing N N 14  
ARG N   H2   sing N N 15  
ARG CA  C    sing N N 16  
ARG CA  CB   sing N N 17  
ARG CA  HA   sing N N 18  
ARG C   O    doub N N 19  
ARG C   OXT  sing N N 20  
ARG CB  CG   sing N N 21  
ARG CB  HB2  sing N N 22  
ARG CB  HB3  sing N N 23  
ARG CG  CD   sing N N 24  
ARG CG  HG2  sing N N 25  
ARG CG  HG3  sing N N 26  
ARG CD  NE   sing N N 27  
ARG CD  HD2  sing N N 28  
ARG CD  HD3  sing N N 29  
ARG NE  CZ   sing N N 30  
ARG NE  HE   sing N N 31  
ARG CZ  NH1  sing N N 32  
ARG CZ  NH2  doub N N 33  
ARG NH1 HH11 sing N N 34  
ARG NH1 HH12 sing N N 35  
ARG NH2 HH21 sing N N 36  
ARG NH2 HH22 sing N N 37  
ARG OXT HXT  sing N N 38  
ASN N   CA   sing N N 39  
ASN N   H    sing N N 40  
ASN N   H2   sing N N 41  
ASN CA  C    sing N N 42  
ASN CA  CB   sing N N 43  
ASN CA  HA   sing N N 44  
ASN C   O    doub N N 45  
ASN C   OXT  sing N N 46  
ASN CB  CG   sing N N 47  
ASN CB  HB2  sing N N 48  
ASN CB  HB3  sing N N 49  
ASN CG  OD1  doub N N 50  
ASN CG  ND2  sing N N 51  
ASN ND2 HD21 sing N N 52  
ASN ND2 HD22 sing N N 53  
ASN OXT HXT  sing N N 54  
ASP N   CA   sing N N 55  
ASP N   H    sing N N 56  
ASP N   H2   sing N N 57  
ASP CA  C    sing N N 58  
ASP CA  CB   sing N N 59  
ASP CA  HA   sing N N 60  
ASP C   O    doub N N 61  
ASP C   OXT  sing N N 62  
ASP CB  CG   sing N N 63  
ASP CB  HB2  sing N N 64  
ASP CB  HB3  sing N N 65  
ASP CG  OD1  doub N N 66  
ASP CG  OD2  sing N N 67  
ASP OD2 HD2  sing N N 68  
ASP OXT HXT  sing N N 69  
CYS N   CA   sing N N 70  
CYS N   H    sing N N 71  
CYS N   H2   sing N N 72  
CYS CA  C    sing N N 73  
CYS CA  CB   sing N N 74  
CYS CA  HA   sing N N 75  
CYS C   O    doub N N 76  
CYS C   OXT  sing N N 77  
CYS CB  SG   sing N N 78  
CYS CB  HB2  sing N N 79  
CYS CB  HB3  sing N N 80  
CYS SG  HG   sing N N 81  
CYS OXT HXT  sing N N 82  
G3P O1  C1   sing N N 83  
G3P C1  C2   sing N N 84  
G3P C2  O2   sing N N 85  
G3P C2  C3   sing N N 86  
G3P C3  O1P  sing N N 87  
G3P O1P P    sing N N 88  
G3P O4P P    sing N N 89  
G3P O2P P    doub N N 90  
G3P O3P P    sing N N 91  
G3P O1  HO1  sing N N 92  
G3P C1  H11  sing N N 93  
G3P C1  H12  sing N N 94  
G3P C2  H2   sing N N 95  
G3P O2  HO2  sing N N 96  
G3P C3  H31  sing N N 97  
G3P C3  H32  sing N N 98  
G3P O3P HOP3 sing N N 99  
G3P O4P HOP4 sing N N 100 
GLN N   CA   sing N N 101 
GLN N   H    sing N N 102 
GLN N   H2   sing N N 103 
GLN CA  C    sing N N 104 
GLN CA  CB   sing N N 105 
GLN CA  HA   sing N N 106 
GLN C   O    doub N N 107 
GLN C   OXT  sing N N 108 
GLN CB  CG   sing N N 109 
GLN CB  HB2  sing N N 110 
GLN CB  HB3  sing N N 111 
GLN CG  CD   sing N N 112 
GLN CG  HG2  sing N N 113 
GLN CG  HG3  sing N N 114 
GLN CD  OE1  doub N N 115 
GLN CD  NE2  sing N N 116 
GLN NE2 HE21 sing N N 117 
GLN NE2 HE22 sing N N 118 
GLN OXT HXT  sing N N 119 
GLU N   CA   sing N N 120 
GLU N   H    sing N N 121 
GLU N   H2   sing N N 122 
GLU CA  C    sing N N 123 
GLU CA  CB   sing N N 124 
GLU CA  HA   sing N N 125 
GLU C   O    doub N N 126 
GLU C   OXT  sing N N 127 
GLU CB  CG   sing N N 128 
GLU CB  HB2  sing N N 129 
GLU CB  HB3  sing N N 130 
GLU CG  CD   sing N N 131 
GLU CG  HG2  sing N N 132 
GLU CG  HG3  sing N N 133 
GLU CD  OE1  doub N N 134 
GLU CD  OE2  sing N N 135 
GLU OE2 HE2  sing N N 136 
GLU OXT HXT  sing N N 137 
GLY N   CA   sing N N 138 
GLY N   H    sing N N 139 
GLY N   H2   sing N N 140 
GLY CA  C    sing N N 141 
GLY CA  HA2  sing N N 142 
GLY CA  HA3  sing N N 143 
GLY C   O    doub N N 144 
GLY C   OXT  sing N N 145 
GLY OXT HXT  sing N N 146 
HIS N   CA   sing N N 147 
HIS N   H    sing N N 148 
HIS N   H2   sing N N 149 
HIS CA  C    sing N N 150 
HIS CA  CB   sing N N 151 
HIS CA  HA   sing N N 152 
HIS C   O    doub N N 153 
HIS C   OXT  sing N N 154 
HIS CB  CG   sing N N 155 
HIS CB  HB2  sing N N 156 
HIS CB  HB3  sing N N 157 
HIS CG  ND1  sing Y N 158 
HIS CG  CD2  doub Y N 159 
HIS ND1 CE1  doub Y N 160 
HIS ND1 HD1  sing N N 161 
HIS CD2 NE2  sing Y N 162 
HIS CD2 HD2  sing N N 163 
HIS CE1 NE2  sing Y N 164 
HIS CE1 HE1  sing N N 165 
HIS NE2 HE2  sing N N 166 
HIS OXT HXT  sing N N 167 
ILE N   CA   sing N N 168 
ILE N   H    sing N N 169 
ILE N   H2   sing N N 170 
ILE CA  C    sing N N 171 
ILE CA  CB   sing N N 172 
ILE CA  HA   sing N N 173 
ILE C   O    doub N N 174 
ILE C   OXT  sing N N 175 
ILE CB  CG1  sing N N 176 
ILE CB  CG2  sing N N 177 
ILE CB  HB   sing N N 178 
ILE CG1 CD1  sing N N 179 
ILE CG1 HG12 sing N N 180 
ILE CG1 HG13 sing N N 181 
ILE CG2 HG21 sing N N 182 
ILE CG2 HG22 sing N N 183 
ILE CG2 HG23 sing N N 184 
ILE CD1 HD11 sing N N 185 
ILE CD1 HD12 sing N N 186 
ILE CD1 HD13 sing N N 187 
ILE OXT HXT  sing N N 188 
LEU N   CA   sing N N 189 
LEU N   H    sing N N 190 
LEU N   H2   sing N N 191 
LEU CA  C    sing N N 192 
LEU CA  CB   sing N N 193 
LEU CA  HA   sing N N 194 
LEU C   O    doub N N 195 
LEU C   OXT  sing N N 196 
LEU CB  CG   sing N N 197 
LEU CB  HB2  sing N N 198 
LEU CB  HB3  sing N N 199 
LEU CG  CD1  sing N N 200 
LEU CG  CD2  sing N N 201 
LEU CG  HG   sing N N 202 
LEU CD1 HD11 sing N N 203 
LEU CD1 HD12 sing N N 204 
LEU CD1 HD13 sing N N 205 
LEU CD2 HD21 sing N N 206 
LEU CD2 HD22 sing N N 207 
LEU CD2 HD23 sing N N 208 
LEU OXT HXT  sing N N 209 
LYS N   CA   sing N N 210 
LYS N   H    sing N N 211 
LYS N   H2   sing N N 212 
LYS CA  C    sing N N 213 
LYS CA  CB   sing N N 214 
LYS CA  HA   sing N N 215 
LYS C   O    doub N N 216 
LYS C   OXT  sing N N 217 
LYS CB  CG   sing N N 218 
LYS CB  HB2  sing N N 219 
LYS CB  HB3  sing N N 220 
LYS CG  CD   sing N N 221 
LYS CG  HG2  sing N N 222 
LYS CG  HG3  sing N N 223 
LYS CD  CE   sing N N 224 
LYS CD  HD2  sing N N 225 
LYS CD  HD3  sing N N 226 
LYS CE  NZ   sing N N 227 
LYS CE  HE2  sing N N 228 
LYS CE  HE3  sing N N 229 
LYS NZ  HZ1  sing N N 230 
LYS NZ  HZ2  sing N N 231 
LYS NZ  HZ3  sing N N 232 
LYS OXT HXT  sing N N 233 
MET N   CA   sing N N 234 
MET N   H    sing N N 235 
MET N   H2   sing N N 236 
MET CA  C    sing N N 237 
MET CA  CB   sing N N 238 
MET CA  HA   sing N N 239 
MET C   O    doub N N 240 
MET C   OXT  sing N N 241 
MET CB  CG   sing N N 242 
MET CB  HB2  sing N N 243 
MET CB  HB3  sing N N 244 
MET CG  SD   sing N N 245 
MET CG  HG2  sing N N 246 
MET CG  HG3  sing N N 247 
MET SD  CE   sing N N 248 
MET CE  HE1  sing N N 249 
MET CE  HE2  sing N N 250 
MET CE  HE3  sing N N 251 
MET OXT HXT  sing N N 252 
PHE N   CA   sing N N 253 
PHE N   H    sing N N 254 
PHE N   H2   sing N N 255 
PHE CA  C    sing N N 256 
PHE CA  CB   sing N N 257 
PHE CA  HA   sing N N 258 
PHE C   O    doub N N 259 
PHE C   OXT  sing N N 260 
PHE CB  CG   sing N N 261 
PHE CB  HB2  sing N N 262 
PHE CB  HB3  sing N N 263 
PHE CG  CD1  doub Y N 264 
PHE CG  CD2  sing Y N 265 
PHE CD1 CE1  sing Y N 266 
PHE CD1 HD1  sing N N 267 
PHE CD2 CE2  doub Y N 268 
PHE CD2 HD2  sing N N 269 
PHE CE1 CZ   doub Y N 270 
PHE CE1 HE1  sing N N 271 
PHE CE2 CZ   sing Y N 272 
PHE CE2 HE2  sing N N 273 
PHE CZ  HZ   sing N N 274 
PHE OXT HXT  sing N N 275 
PRO N   CA   sing N N 276 
PRO N   CD   sing N N 277 
PRO N   H    sing N N 278 
PRO CA  C    sing N N 279 
PRO CA  CB   sing N N 280 
PRO CA  HA   sing N N 281 
PRO C   O    doub N N 282 
PRO C   OXT  sing N N 283 
PRO CB  CG   sing N N 284 
PRO CB  HB2  sing N N 285 
PRO CB  HB3  sing N N 286 
PRO CG  CD   sing N N 287 
PRO CG  HG2  sing N N 288 
PRO CG  HG3  sing N N 289 
PRO CD  HD2  sing N N 290 
PRO CD  HD3  sing N N 291 
PRO OXT HXT  sing N N 292 
SER N   CA   sing N N 293 
SER N   H    sing N N 294 
SER N   H2   sing N N 295 
SER CA  C    sing N N 296 
SER CA  CB   sing N N 297 
SER CA  HA   sing N N 298 
SER C   O    doub N N 299 
SER C   OXT  sing N N 300 
SER CB  OG   sing N N 301 
SER CB  HB2  sing N N 302 
SER CB  HB3  sing N N 303 
SER OG  HG   sing N N 304 
SER OXT HXT  sing N N 305 
THR N   CA   sing N N 306 
THR N   H    sing N N 307 
THR N   H2   sing N N 308 
THR CA  C    sing N N 309 
THR CA  CB   sing N N 310 
THR CA  HA   sing N N 311 
THR C   O    doub N N 312 
THR C   OXT  sing N N 313 
THR CB  OG1  sing N N 314 
THR CB  CG2  sing N N 315 
THR CB  HB   sing N N 316 
THR OG1 HG1  sing N N 317 
THR CG2 HG21 sing N N 318 
THR CG2 HG22 sing N N 319 
THR CG2 HG23 sing N N 320 
THR OXT HXT  sing N N 321 
TRP N   CA   sing N N 322 
TRP N   H    sing N N 323 
TRP N   H2   sing N N 324 
TRP CA  C    sing N N 325 
TRP CA  CB   sing N N 326 
TRP CA  HA   sing N N 327 
TRP C   O    doub N N 328 
TRP C   OXT  sing N N 329 
TRP CB  CG   sing N N 330 
TRP CB  HB2  sing N N 331 
TRP CB  HB3  sing N N 332 
TRP CG  CD1  doub Y N 333 
TRP CG  CD2  sing Y N 334 
TRP CD1 NE1  sing Y N 335 
TRP CD1 HD1  sing N N 336 
TRP CD2 CE2  doub Y N 337 
TRP CD2 CE3  sing Y N 338 
TRP NE1 CE2  sing Y N 339 
TRP NE1 HE1  sing N N 340 
TRP CE2 CZ2  sing Y N 341 
TRP CE3 CZ3  doub Y N 342 
TRP CE3 HE3  sing N N 343 
TRP CZ2 CH2  doub Y N 344 
TRP CZ2 HZ2  sing N N 345 
TRP CZ3 CH2  sing Y N 346 
TRP CZ3 HZ3  sing N N 347 
TRP CH2 HH2  sing N N 348 
TRP OXT HXT  sing N N 349 
TYR N   CA   sing N N 350 
TYR N   H    sing N N 351 
TYR N   H2   sing N N 352 
TYR CA  C    sing N N 353 
TYR CA  CB   sing N N 354 
TYR CA  HA   sing N N 355 
TYR C   O    doub N N 356 
TYR C   OXT  sing N N 357 
TYR CB  CG   sing N N 358 
TYR CB  HB2  sing N N 359 
TYR CB  HB3  sing N N 360 
TYR CG  CD1  doub Y N 361 
TYR CG  CD2  sing Y N 362 
TYR CD1 CE1  sing Y N 363 
TYR CD1 HD1  sing N N 364 
TYR CD2 CE2  doub Y N 365 
TYR CD2 HD2  sing N N 366 
TYR CE1 CZ   doub Y N 367 
TYR CE1 HE1  sing N N 368 
TYR CE2 CZ   sing Y N 369 
TYR CE2 HE2  sing N N 370 
TYR CZ  OH   sing N N 371 
TYR OH  HH   sing N N 372 
TYR OXT HXT  sing N N 373 
VAL N   CA   sing N N 374 
VAL N   H    sing N N 375 
VAL N   H2   sing N N 376 
VAL CA  C    sing N N 377 
VAL CA  CB   sing N N 378 
VAL CA  HA   sing N N 379 
VAL C   O    doub N N 380 
VAL C   OXT  sing N N 381 
VAL CB  CG1  sing N N 382 
VAL CB  CG2  sing N N 383 
VAL CB  HB   sing N N 384 
VAL CG1 HG11 sing N N 385 
VAL CG1 HG12 sing N N 386 
VAL CG1 HG13 sing N N 387 
VAL CG2 HG21 sing N N 388 
VAL CG2 HG22 sing N N 389 
VAL CG2 HG23 sing N N 390 
VAL OXT HXT  sing N N 391 
WKE O5  C10  sing N N 392 
WKE O4  C9   sing N N 393 
WKE C10 C9   sing N N 394 
WKE C9  C8   sing N N 395 
WKE N1  C8   sing N N 396 
WKE N1  C7   sing N N 397 
WKE C8  O3   doub N N 398 
WKE C6  O6   sing N N 399 
WKE C6  C7   sing N N 400 
WKE C6  C3   sing N N 401 
WKE O1  C4   doub N N 402 
WKE N   C4   sing N N 403 
WKE N   C3   sing N N 404 
WKE C7  C1   sing N N 405 
WKE C4  C5   sing N N 406 
WKE C1  C    sing N N 407 
WKE C1  O    sing N N 408 
WKE C3  C2   sing N N 409 
WKE C2  O    sing N N 410 
WKE C1  H1   sing N N 411 
WKE C2  H2   sing N N 412 
WKE C3  H4   sing N N 413 
WKE C5  H5   sing N N 414 
WKE C5  H6   sing N N 415 
WKE C5  H7   sing N N 416 
WKE C6  H8   sing N N 417 
WKE C7  H9   sing N N 418 
WKE C9  H10  sing N N 419 
WKE C10 H11  sing N N 420 
WKE C10 H12  sing N N 421 
WKE N1  H13  sing N N 422 
WKE O6  H14  sing N N 423 
WKE O4  H15  sing N N 424 
WKE O5  H16  sing N N 425 
WKE N   H17  sing N N 426 
WKE C   H18  sing N N 427 
WKE C   H19  sing N N 428 
WKE C   H20  sing N N 429 
WKE C2  O2   sing N N 430 
WKE O2  H3   sing N N 431 
# 
_em_admin.current_status     REL 
_em_admin.deposition_date    2023-05-17 
_em_admin.deposition_site    PDBE 
_em_admin.entry_id           8P3B 
_em_admin.last_update        2024-11-20 
_em_admin.map_release_date   2024-04-03 
_em_admin.title              'Neisseria meningitidis Type IV pilus SA-GATDH variant' 
# 
_em_ctf_correction.details                  ? 
_em_ctf_correction.em_image_processing_id   1 
_em_ctf_correction.id                       1 
_em_ctf_correction.type                     'PHASE FLIPPING AND AMPLITUDE CORRECTION' 
# 
_em_entity_assembly_molwt.entity_assembly_id   1 
_em_entity_assembly_molwt.experimental_flag    NO 
_em_entity_assembly_molwt.id                   1 
_em_entity_assembly_molwt.units                ? 
_em_entity_assembly_molwt.value                ? 
# 
_em_entity_assembly_naturalsource.cell                 ? 
_em_entity_assembly_naturalsource.cellular_location    ? 
_em_entity_assembly_naturalsource.entity_assembly_id   1 
_em_entity_assembly_naturalsource.id                   2 
_em_entity_assembly_naturalsource.ncbi_tax_id          604162 
_em_entity_assembly_naturalsource.organism             'Neisseria meningitidis 8013' 
_em_entity_assembly_naturalsource.organelle            ? 
_em_entity_assembly_naturalsource.organ                ? 
_em_entity_assembly_naturalsource.strain               ? 
_em_entity_assembly_naturalsource.tissue               ? 
# 
_em_helical_entity.id                             1 
_em_helical_entity.image_processing_id            1 
_em_helical_entity.details                        ? 
_em_helical_entity.axial_symmetry                 C1 
_em_helical_entity.angular_rotation_per_subunit   100.612 
_em_helical_entity.axial_rise_per_subunit         10.446 
# 
_em_image_processing.details              ? 
_em_image_processing.id                   1 
_em_image_processing.image_recording_id   1 
# 
_em_image_recording.average_exposure_time               ? 
_em_image_recording.avg_electron_dose_per_subtomogram   ? 
_em_image_recording.avg_electron_dose_per_image         40 
_em_image_recording.details                             ? 
_em_image_recording.detector_mode                       ? 
_em_image_recording.film_or_detector_model              'FEI FALCON IV (4k x 4k)' 
_em_image_recording.id                                  1 
_em_image_recording.imaging_id                          1 
_em_image_recording.num_diffraction_images              ? 
_em_image_recording.num_grids_imaged                    ? 
_em_image_recording.num_real_images                     ? 
# 
loop_
_em_software.category 
_em_software.details 
_em_software.id 
_em_software.image_processing_id 
_em_software.fitting_id 
_em_software.imaging_id 
_em_software.name 
_em_software.version 
'PARTICLE SELECTION'       ? 1  1 ? ? ? ? 
'IMAGE ACQUISITION'        ? 2  ? ? 1 ? ? 
MASKING                    ? 3  ? ? ? ? ? 
'CTF CORRECTION'           ? 4  1 ? ? ? ? 
'LAYERLINE INDEXING'       ? 5  ? ? ? ? ? 
'DIFFRACTION INDEXING'     ? 6  ? ? ? ? ? 
'MODEL FITTING'            ? 7  ? 1 ? ? ? 
OTHER                      ? 8  ? ? ? ? ? 
'INITIAL EULER ASSIGNMENT' ? 9  1 ? ? ? ? 
'FINAL EULER ASSIGNMENT'   ? 10 1 ? ? ? ? 
CLASSIFICATION             ? 11 1 ? ? ? ? 
RECONSTRUCTION             ? 12 1 ? ? ? ? 
'MODEL REFINEMENT'         ? 13 ? 1 ? ? ? 
# 
_em_specimen.concentration           0.01 
_em_specimen.details                 ? 
_em_specimen.embedding_applied       NO 
_em_specimen.experiment_id           1 
_em_specimen.id                      1 
_em_specimen.shadowing_applied       NO 
_em_specimen.staining_applied        NO 
_em_specimen.vitrification_applied   YES 
# 
_pdbx_audit_support.funding_organization   'Agence Nationale de la Recherche (ANR)' 
_pdbx_audit_support.country                France 
_pdbx_audit_support.grant_number           'ANR 18 CE11 0022' 
_pdbx_audit_support.ordinal                1 
# 
_space_group.crystal_system   triclinic 
_space_group.name_H-M_alt     'P 1' 
_space_group.IT_number        1 
_space_group.name_Hall        'P 1' 
_space_group.id               1 
# 
_atom_sites.entry_id                    8P3B 
_atom_sites.Cartn_transf_matrix[1][1]   ? 
_atom_sites.Cartn_transf_matrix[1][2]   ? 
_atom_sites.Cartn_transf_matrix[1][3]   ? 
_atom_sites.Cartn_transf_matrix[2][1]   ? 
_atom_sites.Cartn_transf_matrix[2][2]   ? 
_atom_sites.Cartn_transf_matrix[2][3]   ? 
_atom_sites.Cartn_transf_matrix[3][1]   ? 
_atom_sites.Cartn_transf_matrix[3][2]   ? 
_atom_sites.Cartn_transf_matrix[3][3]   ? 
_atom_sites.Cartn_transf_vector[1]      ? 
_atom_sites.Cartn_transf_vector[2]      ? 
_atom_sites.Cartn_transf_vector[3]      ? 
_atom_sites.fract_transf_matrix[1][1]   1.000000 
_atom_sites.fract_transf_matrix[1][2]   0.000000 
_atom_sites.fract_transf_matrix[1][3]   0.000000 
_atom_sites.fract_transf_matrix[2][1]   0.000000 
_atom_sites.fract_transf_matrix[2][2]   1.000000 
_atom_sites.fract_transf_matrix[2][3]   0.000000 
_atom_sites.fract_transf_matrix[3][1]   0.000000 
_atom_sites.fract_transf_matrix[3][2]   0.000000 
_atom_sites.fract_transf_matrix[3][3]   1.000000 
_atom_sites.fract_transf_vector[1]      0.00000 
_atom_sites.fract_transf_vector[2]      0.00000 
_atom_sites.fract_transf_vector[3]      0.00000 
_atom_sites.solution_primary            ? 
_atom_sites.solution_secondary          ? 
_atom_sites.solution_hydrogens          ? 
_atom_sites.special_details             ? 
# 
loop_
_atom_type.symbol 
C 
N 
O 
P 
S 
# 
loop_
_atom_site.group_PDB 
_atom_site.id 
_atom_site.type_symbol 
_atom_site.label_atom_id 
_atom_site.label_alt_id 
_atom_site.label_comp_id 
_atom_site.label_asym_id 
_atom_site.label_entity_id 
_atom_site.label_seq_id 
_atom_site.pdbx_PDB_ins_code 
_atom_site.Cartn_x 
_atom_site.Cartn_y 
_atom_site.Cartn_z 
_atom_site.occupancy 
_atom_site.B_iso_or_equiv 
_atom_site.pdbx_formal_charge 
_atom_site.auth_seq_id 
_atom_site.auth_comp_id 
_atom_site.auth_asym_id 
_atom_site.auth_atom_id 
_atom_site.pdbx_PDB_model_num 
ATOM   1    N N   . PHE A 1 1   ? 16.79881  -15.66433 -54.67532 1.000 60.13614 ? 1   PHE A N   1 
ATOM   2    C CA  . PHE A 1 1   ? 17.65590  -15.22722 -53.58101 1.000 60.22654 ? 1   PHE A CA  1 
ATOM   3    C C   . PHE A 1 1   ? 18.97897  -15.98401 -53.58437 1.000 61.80156 ? 1   PHE A C   1 
ATOM   4    O O   . PHE A 1 1   ? 19.22597  -16.81607 -54.45645 1.000 64.70177 ? 1   PHE A O   1 
ATOM   5    C CB  . PHE A 1 1   ? 16.94859  -15.41240 -52.23764 1.000 62.21287 ? 1   PHE A CB  1 
ATOM   6    C CG  . PHE A 1 1   ? 16.00255  -16.57749 -52.20468 1.000 64.11060 ? 1   PHE A CG  1 
ATOM   7    C CD1 . PHE A 1 1   ? 16.48077  -17.87318 -52.11778 1.000 64.57539 ? 1   PHE A CD1 1 
ATOM   8    C CD2 . PHE A 1 1   ? 14.63438  -16.37659 -52.25454 1.000 63.43245 ? 1   PHE A CD2 1 
ATOM   9    C CE1 . PHE A 1 1   ? 15.61185  -18.94647 -52.08523 1.000 63.93081 ? 1   PHE A CE1 1 
ATOM   10   C CE2 . PHE A 1 1   ? 13.76098  -17.44579 -52.22206 1.000 62.43573 ? 1   PHE A CE2 1 
ATOM   11   C CZ  . PHE A 1 1   ? 14.25034  -18.73176 -52.13726 1.000 61.57709 ? 1   PHE A CZ  1 
ATOM   12   N N   . THR A 1 2   ? 19.82763  -15.68909 -52.60298 1.000 65.70643 ? 2   THR A N   1 
ATOM   13   C CA  . THR A 1 2   ? 21.12800  -16.33342 -52.47147 1.000 65.91838 ? 2   THR A CA  1 
ATOM   14   C C   . THR A 1 2   ? 21.33847  -16.68912 -51.00320 1.000 66.47094 ? 2   THR A C   1 
ATOM   15   O O   . THR A 1 2   ? 20.42294  -16.58770 -50.18065 1.000 69.50013 ? 2   THR A O   1 
ATOM   16   C CB  . THR A 1 2   ? 22.24654  -15.43105 -53.01060 1.000 69.15206 ? 2   THR A CB  1 
ATOM   17   O OG1 . THR A 1 2   ? 22.07006  -14.09790 -52.51514 1.000 70.63782 ? 2   THR A OG1 1 
ATOM   18   C CG2 . THR A 1 2   ? 22.23541  -15.41093 -54.53203 1.000 66.80253 ? 2   THR A CG2 1 
ATOM   19   N N   . LEU A 1 3   ? 22.56058  -17.11386 -50.67267 1.000 55.74819 ? 3   LEU A N   1 
ATOM   20   C CA  . LEU A 1 3   ? 22.86880  -17.48537 -49.29575 1.000 57.32285 ? 3   LEU A CA  1 
ATOM   21   C C   . LEU A 1 3   ? 22.88985  -16.27336 -48.37296 1.000 62.07699 ? 3   LEU A C   1 
ATOM   22   O O   . LEU A 1 3   ? 22.63524  -16.40760 -47.16882 1.000 67.28656 ? 3   LEU A O   1 
ATOM   23   C CB  . LEU A 1 3   ? 24.20846  -18.21797 -49.23887 1.000 54.85663 ? 3   LEU A CB  1 
ATOM   24   C CG  . LEU A 1 3   ? 24.14745  -19.74127 -49.12451 1.000 57.37814 ? 3   LEU A CG  1 
ATOM   25   C CD1 . LEU A 1 3   ? 25.53124  -20.31139 -48.86768 1.000 56.87926 ? 3   LEU A CD1 1 
ATOM   26   C CD2 . LEU A 1 3   ? 23.18017  -20.16077 -48.02980 1.000 59.32806 ? 3   LEU A CD2 1 
ATOM   27   N N   . ILE A 1 4   ? 23.19375  -15.09091 -48.91304 1.000 50.99991 ? 4   ILE A N   1 
ATOM   28   C CA  . ILE A 1 4   ? 23.23772  -13.88396 -48.09274 1.000 51.52028 ? 4   ILE A CA  1 
ATOM   29   C C   . ILE A 1 4   ? 21.86131  -13.58124 -47.51687 1.000 56.04155 ? 4   ILE A C   1 
ATOM   30   O O   . ILE A 1 4   ? 21.73072  -13.19781 -46.34732 1.000 64.70404 ? 4   ILE A O   1 
ATOM   31   C CB  . ILE A 1 4   ? 23.78419  -12.70113 -48.91249 1.000 53.85565 ? 4   ILE A CB  1 
ATOM   32   C CG1 . ILE A 1 4   ? 25.14006  -13.05870 -49.52148 1.000 55.90624 ? 4   ILE A CG1 1 
ATOM   33   C CG2 . ILE A 1 4   ? 23.90602  -11.46141 -48.04384 1.000 54.39381 ? 4   ILE A CG2 1 
ATOM   34   C CD1 . ILE A 1 4   ? 25.59949  -12.09853 -50.59315 1.000 55.34743 ? 4   ILE A CD1 1 
ATOM   35   N N   . GLU A 1 5   ? 20.81374  -13.74665 -48.32723 1.000 54.43317 ? 5   GLU A N   1 
ATOM   36   C CA  . GLU A 1 5   ? 19.45864  -13.50998 -47.84157 1.000 54.04246 ? 5   GLU A CA  1 
ATOM   37   C C   . GLU A 1 5   ? 19.09205  -14.48260 -46.72704 1.000 58.04580 ? 5   GLU A C   1 
ATOM   38   O O   . GLU A 1 5   ? 18.46794  -14.09230 -45.73361 1.000 62.73281 ? 5   GLU A O   1 
ATOM   39   C CB  . GLU A 1 5   ? 18.46381  -13.61180 -48.99700 1.000 56.87500 ? 5   GLU A CB  1 
ATOM   40   C CG  . GLU A 1 5   ? 17.00871  -13.51367 -48.57423 1.000 61.01397 ? 5   GLU A CG  1 
ATOM   41   C CD  . GLU A 1 5   ? 16.10319  -13.06415 -49.70296 1.000 65.57961 ? 5   GLU A CD  1 
ATOM   42   O OE1 . GLU A 1 5   ? 16.61514  -12.47974 -50.68081 1.000 66.25642 ? 5   GLU A OE1 1 
ATOM   43   O OE2 . GLU A 1 5   ? 14.87910  -13.29502 -49.61262 1.000 62.73524 ? 5   GLU A OE2 1 
ATOM   44   N N   . LEU A 1 6   ? 19.47053  -15.75480 -46.87233 1.000 51.25953 ? 6   LEU A N   1 
ATOM   45   C CA  . LEU A 1 6   ? 19.18198  -16.73375 -45.82848 1.000 50.80552 ? 6   LEU A CA  1 
ATOM   46   C C   . LEU A 1 6   ? 19.93070  -16.40956 -44.54114 1.000 53.78233 ? 6   LEU A C   1 
ATOM   47   O O   . LEU A 1 6   ? 19.37400  -16.53624 -43.44233 1.000 60.07752 ? 6   LEU A O   1 
ATOM   48   C CB  . LEU A 1 6   ? 19.53003  -18.13887 -46.31613 1.000 51.77771 ? 6   LEU A CB  1 
ATOM   49   C CG  . LEU A 1 6   ? 18.74076  -18.64373 -47.52497 1.000 53.14114 ? 6   LEU A CG  1 
ATOM   50   C CD1 . LEU A 1 6   ? 19.27519  -19.98820 -47.99202 1.000 55.20496 ? 6   LEU A CD1 1 
ATOM   51   C CD2 . LEU A 1 6   ? 17.25962  -18.73446 -47.20180 1.000 50.78509 ? 6   LEU A CD2 1 
ATOM   52   N N   . MET A 1 7   ? 21.19470  -15.99445 -44.65434 1.000 46.41499 ? 7   MET A N   1 
ATOM   53   C CA  . MET A 1 7   ? 21.94838  -15.60750 -43.46585 1.000 45.09117 ? 7   MET A CA  1 
ATOM   54   C C   . MET A 1 7   ? 21.32346  -14.39341 -42.78940 1.000 48.20042 ? 7   MET A C   1 
ATOM   55   O O   . MET A 1 7   ? 21.25068  -14.32769 -41.55600 1.000 56.89741 ? 7   MET A O   1 
ATOM   56   C CB  . MET A 1 7   ? 23.40502  -15.33290 -43.83400 1.000 45.98564 ? 7   MET A CB  1 
ATOM   57   C CG  . MET A 1 7   ? 24.20801  -16.58607 -44.13558 1.000 51.43228 ? 7   MET A CG  1 
ATOM   58   S SD  . MET A 1 7   ? 23.67127  -18.00143 -43.15828 1.000 64.45008 ? 7   MET A SD  1 
ATOM   59   C CE  . MET A 1 7   ? 23.61563  -19.27794 -44.41110 1.000 51.68770 ? 7   MET A CE  1 
ATOM   60   N N   . ILE A 1 8   ? 20.86332  -13.42288 -43.58173 1.000 40.69752 ? 8   ILE A N   1 
ATOM   61   C CA  . ILE A 1 8   ? 20.19739  -12.25089 -43.01957 1.000 40.12014 ? 8   ILE A CA  1 
ATOM   62   C C   . ILE A 1 8   ? 18.90942  -12.65651 -42.31284 1.000 46.47125 ? 8   ILE A C   1 
ATOM   63   O O   . ILE A 1 8   ? 18.58123  -12.13514 -41.24019 1.000 50.76959 ? 8   ILE A O   1 
ATOM   64   C CB  . ILE A 1 8   ? 19.94296  -11.20538 -44.12150 1.000 39.69858 ? 8   ILE A CB  1 
ATOM   65   C CG1 . ILE A 1 8   ? 21.22552  -10.42777 -44.41724 1.000 42.53259 ? 8   ILE A CG1 1 
ATOM   66   C CG2 . ILE A 1 8   ? 18.82835  -10.25258 -43.72207 1.000 42.80467 ? 8   ILE A CG2 1 
ATOM   67   C CD1 . ILE A 1 8   ? 21.30456  -9.89524  -45.82859 1.000 48.32262 ? 8   ILE A CD1 1 
ATOM   68   N N   . VAL A 1 9   ? 18.16020  -13.59145 -42.90129 1.000 44.94053 ? 9   VAL A N   1 
ATOM   69   C CA  . VAL A 1 9   ? 16.92646  -14.06592 -42.27806 1.000 40.55540 ? 9   VAL A CA  1 
ATOM   70   C C   . VAL A 1 9   ? 17.22630  -14.74116 -40.94519 1.000 42.80445 ? 9   VAL A C   1 
ATOM   71   O O   . VAL A 1 9   ? 16.52581  -14.52308 -39.94742 1.000 48.01246 ? 9   VAL A O   1 
ATOM   72   C CB  . VAL A 1 9   ? 16.17560  -15.00808 -43.23773 1.000 42.89942 ? 9   VAL A CB  1 
ATOM   73   C CG1 . VAL A 1 9   ? 15.22242  -15.91120 -42.47195 1.000 43.72595 ? 9   VAL A CG1 1 
ATOM   74   C CG2 . VAL A 1 9   ? 15.42760  -14.20511 -44.28898 1.000 45.16826 ? 9   VAL A CG2 1 
ATOM   75   N N   . ILE A 1 10  ? 18.27213  -15.56932 -40.90686 1.000 42.31460 ? 10  ILE A N   1 
ATOM   76   C CA  . ILE A 1 10  ? 18.65046  -16.23575 -39.66235 1.000 40.58155 ? 10  ILE A CA  1 
ATOM   77   C C   . ILE A 1 10  ? 19.06499  -15.21151 -38.61130 1.000 42.38628 ? 10  ILE A C   1 
ATOM   78   O O   . ILE A 1 10  ? 18.70783  -15.32850 -37.43117 1.000 46.87411 ? 10  ILE A O   1 
ATOM   79   C CB  . ILE A 1 10  ? 19.76263  -17.26732 -39.92803 1.000 36.24007 ? 10  ILE A CB  1 
ATOM   80   C CG1 . ILE A 1 10  ? 19.18417  -18.50367 -40.61699 1.000 35.53017 ? 10  ILE A CG1 1 
ATOM   81   C CG2 . ILE A 1 10  ? 20.45686  -17.65938 -38.63580 1.000 38.65259 ? 10  ILE A CG2 1 
ATOM   82   C CD1 . ILE A 1 10  ? 20.16599  -19.21900 -41.51189 1.000 40.26054 ? 10  ILE A CD1 1 
ATOM   83   N N   . ALA A 1 11  ? 19.82158  -14.19041 -39.02117 1.000 36.40243 ? 11  ALA A N   1 
ATOM   84   C CA  . ALA A 1 11  ? 20.22859  -13.14687 -38.08469 1.000 36.29237 ? 11  ALA A CA  1 
ATOM   85   C C   . ALA A 1 11  ? 19.02476  -12.38500 -37.54258 1.000 39.83315 ? 11  ALA A C   1 
ATOM   86   O O   . ALA A 1 11  ? 18.97516  -12.05297 -36.35294 1.000 43.10734 ? 11  ALA A O   1 
ATOM   87   C CB  . ALA A 1 11  ? 21.21024  -12.19024 -38.75959 1.000 39.15779 ? 11  ALA A CB  1 
ATOM   88   N N   . ILE A 1 12  ? 18.04798  -12.09075 -38.40242 1.000 41.39664 ? 12  ILE A N   1 
ATOM   89   C CA  . ILE A 1 12  ? 16.84531  -11.39226 -37.95714 1.000 36.28087 ? 12  ILE A CA  1 
ATOM   90   C C   . ILE A 1 12  ? 16.05571  -12.25635 -36.98121 1.000 36.69893 ? 12  ILE A C   1 
ATOM   91   O O   . ILE A 1 12  ? 15.51281  -11.75860 -35.98599 1.000 44.99812 ? 12  ILE A O   1 
ATOM   92   C CB  . ILE A 1 12  ? 15.99341  -10.97537 -39.17001 1.000 36.07792 ? 12  ILE A CB  1 
ATOM   93   C CG1 . ILE A 1 12  ? 16.68157  -9.85058  -39.94318 1.000 38.63658 ? 12  ILE A CG1 1 
ATOM   94   C CG2 . ILE A 1 12  ? 14.60553  -10.53904 -38.73262 1.000 39.48100 ? 12  ILE A CG2 1 
ATOM   95   C CD1 . ILE A 1 12  ? 15.89340  -9.36125  -41.13509 1.000 40.80765 ? 12  ILE A CD1 1 
ATOM   96   N N   . VAL A 1 13  ? 15.97554  -13.56122 -37.25019 1.000 38.38635 ? 13  VAL A N   1 
ATOM   97   C CA  . VAL A 1 13  ? 15.29919  -14.47152 -36.32940 1.000 38.90208 ? 13  VAL A CA  1 
ATOM   98   C C   . VAL A 1 13  ? 16.00035  -14.47432 -34.97732 1.000 40.40287 ? 13  VAL A C   1 
ATOM   99   O O   . VAL A 1 13  ? 15.35327  -14.43370 -33.92296 1.000 42.10531 ? 13  VAL A O   1 
ATOM   100  C CB  . VAL A 1 13  ? 15.22534  -15.88536 -36.93605 1.000 41.57142 ? 13  VAL A CB  1 
ATOM   101  C CG1 . VAL A 1 13  ? 15.03967  -16.92852 -35.84702 1.000 39.24234 ? 13  VAL A CG1 1 
ATOM   102  C CG2 . VAL A 1 13  ? 14.09995  -15.96631 -37.95342 1.000 44.95025 ? 13  VAL A CG2 1 
ATOM   103  N N   . GLY A 1 14  ? 17.33321  -14.51590 -34.98632 1.000 43.45562 ? 14  GLY A N   1 
ATOM   104  C CA  . GLY A 1 14  ? 18.07285  -14.46057 -33.73533 1.000 41.28219 ? 14  GLY A CA  1 
ATOM   105  C C   . GLY A 1 14  ? 17.86440  -13.15648 -32.98897 1.000 44.10727 ? 14  GLY A C   1 
ATOM   106  O O   . GLY A 1 14  ? 17.79265  -13.13861 -31.75796 1.000 45.88463 ? 14  GLY A O   1 
ATOM   107  N N   . ILE A 1 15  ? 17.77434  -12.04666 -33.72392 1.000 43.12504 ? 15  ILE A N   1 
ATOM   108  C CA  . ILE A 1 15  ? 17.51502  -10.75092 -33.09941 1.000 40.47874 ? 15  ILE A CA  1 
ATOM   109  C C   . ILE A 1 15  ? 16.14496  -10.74995 -32.43388 1.000 39.64477 ? 15  ILE A C   1 
ATOM   110  O O   . ILE A 1 15  ? 15.98684  -10.30151 -31.29225 1.000 41.54709 ? 15  ILE A O   1 
ATOM   111  C CB  . ILE A 1 15  ? 17.63739  -9.62147  -34.13892 1.000 42.71329 ? 15  ILE A CB  1 
ATOM   112  C CG1 . ILE A 1 15  ? 19.09654  -9.19527  -34.29908 1.000 45.78343 ? 15  ILE A CG1 1 
ATOM   113  C CG2 . ILE A 1 15  ? 16.77996  -8.43029  -33.74724 1.000 37.40350 ? 15  ILE A CG2 1 
ATOM   114  C CD1 . ILE A 1 15  ? 19.30373  -8.13376  -35.35441 1.000 41.71841 ? 15  ILE A CD1 1 
ATOM   115  N N   . LEU A 1 16  ? 15.13404  -11.26213 -33.13856 1.000 45.80858 ? 16  LEU A N   1 
ATOM   116  C CA  . LEU A 1 16  ? 13.78163  -11.27837 -32.59056 1.000 43.02209 ? 16  LEU A CA  1 
ATOM   117  C C   . LEU A 1 16  ? 13.65298  -12.25090 -31.42502 1.000 45.21874 ? 16  LEU A C   1 
ATOM   118  O O   . LEU A 1 16  ? 12.79195  -12.06371 -30.55830 1.000 46.24903 ? 16  LEU A O   1 
ATOM   119  C CB  . LEU A 1 16  ? 12.77455  -11.62962 -33.68515 1.000 42.88516 ? 16  LEU A CB  1 
ATOM   120  C CG  . LEU A 1 16  ? 12.39078  -10.50412 -34.64709 1.000 46.94677 ? 16  LEU A CG  1 
ATOM   121  C CD1 . LEU A 1 16  ? 11.92212  -11.07082 -35.97631 1.000 45.54018 ? 16  LEU A CD1 1 
ATOM   122  C CD2 . LEU A 1 16  ? 11.32099  -9.61727  -34.03411 1.000 45.94432 ? 16  LEU A CD2 1 
ATOM   123  N N   . ALA A 1 17  ? 14.48597  -13.29400 -31.39070 1.000 49.45868 ? 17  ALA A N   1 
ATOM   124  C CA  . ALA A 1 17  ? 14.39774  -14.27409 -30.31219 1.000 45.83186 ? 17  ALA A CA  1 
ATOM   125  C C   . ALA A 1 17  ? 14.72888  -13.65315 -28.96031 1.000 45.29018 ? 17  ALA A C   1 
ATOM   126  O O   . ALA A 1 17  ? 14.06615  -13.94349 -27.95775 1.000 47.82743 ? 17  ALA A O   1 
ATOM   127  C CB  . ALA A 1 17  ? 15.32326  -15.45526 -30.59998 1.000 45.53603 ? 17  ALA A CB  1 
ATOM   128  N N   . ALA A 1 18  ? 15.74710  -12.79987 -28.90955 1.000 45.30767 ? 18  ALA A N   1 
ATOM   129  C CA  . ALA A 1 18  ? 16.19588  -12.17207 -27.66871 1.000 44.47051 ? 18  ALA A CA  1 
ATOM   130  C C   . ALA A 1 18  ? 15.95464  -10.66955 -27.76859 1.000 47.47750 ? 18  ALA A C   1 
ATOM   131  O O   . ALA A 1 18  ? 16.75351  -9.94119  -28.36377 1.000 48.78026 ? 18  ALA A O   1 
ATOM   132  C CB  . ALA A 1 18  ? 17.66551  -12.48290 -27.40391 1.000 45.98681 ? 18  ALA A CB  1 
ATOM   133  N N   . VAL A 1 19  ? 14.85088  -10.20853 -27.17953 1.000 49.44253 ? 19  VAL A N   1 
ATOM   134  C CA  . VAL A 1 19  ? 14.50099  -8.79614  -27.15784 1.000 49.54086 ? 19  VAL A CA  1 
ATOM   135  C C   . VAL A 1 19  ? 14.17676  -8.39292  -25.72643 1.000 52.48740 ? 19  VAL A C   1 
ATOM   136  O O   . VAL A 1 19  ? 13.79408  -9.21648  -24.89266 1.000 55.91487 ? 19  VAL A O   1 
ATOM   137  C CB  . VAL A 1 19  ? 13.31377  -8.46763  -28.08905 1.000 49.55226 ? 19  VAL A CB  1 
ATOM   138  C CG1 . VAL A 1 19  ? 13.69414  -8.70239  -29.54141 1.000 49.92655 ? 19  VAL A CG1 1 
ATOM   139  C CG2 . VAL A 1 19  ? 12.09782  -9.29612  -27.71026 1.000 48.36469 ? 19  VAL A CG2 1 
ATOM   140  N N   . ALA A 1 20  ? 14.33934  -7.10268  -25.44979 1.000 52.14534 ? 20  ALA A N   1 
ATOM   141  C CA  . ALA A 1 20  ? 14.06003  -6.58017  -24.12170 1.000 50.08755 ? 20  ALA A CA  1 
ATOM   142  C C   . ALA A 1 20  ? 12.55855  -6.53525  -23.86390 1.000 52.02935 ? 20  ALA A C   1 
ATOM   143  O O   . ALA A 1 20  ? 11.75376  -6.31392  -24.77238 1.000 57.36699 ? 20  ALA A O   1 
ATOM   144  C CB  . ALA A 1 20  ? 14.66124  -5.18498  -23.95878 1.000 49.29718 ? 20  ALA A CB  1 
ATOM   145  N N   . LEU A 1 21  ? 12.18516  -6.75035  -22.60524 1.000 50.08329 ? 21  LEU A N   1 
ATOM   146  C CA  . LEU A 1 21  ? 10.79170  -6.71235  -22.20081 1.000 53.16817 ? 21  LEU A CA  1 
ATOM   147  C C   . LEU A 1 21  ? 10.52392  -5.50449  -21.30903 1.000 54.67938 ? 21  LEU A C   1 
ATOM   148  O O   . LEU A 1 21  ? 11.40668  -5.06648  -20.56479 1.000 59.90136 ? 21  LEU A O   1 
ATOM   149  C CB  . LEU A 1 21  ? 10.39731  -7.98708  -21.44591 1.000 55.24025 ? 21  LEU A CB  1 
ATOM   150  C CG  . LEU A 1 21  ? 10.36399  -9.28761  -22.24738 1.000 58.94003 ? 21  LEU A CG  1 
ATOM   151  C CD1 . LEU A 1 21  ? 10.07157  -10.46364 -21.33313 1.000 53.02699 ? 21  LEU A CD1 1 
ATOM   152  C CD2 . LEU A 1 21  ? 9.33659   -9.20439  -23.36439 1.000 58.09272 ? 21  LEU A CD2 1 
ATOM   153  N N   . PRO A 1 22  ? 9.31959   -4.94275  -21.36103 1.000 49.92333 ? 22  PRO A N   1 
ATOM   154  C CA  . PRO A 1 22  ? 8.97745   -3.83964  -20.45790 1.000 47.06018 ? 22  PRO A CA  1 
ATOM   155  C C   . PRO A 1 22  ? 8.85998   -4.32671  -19.02132 1.000 58.45476 ? 22  PRO A C   1 
ATOM   156  O O   . PRO A 1 22  ? 8.91185   -5.52184  -18.72445 1.000 64.59632 ? 22  PRO A O   1 
ATOM   157  C CB  . PRO A 1 22  ? 7.63233   -3.33587  -20.99095 1.000 48.63856 ? 22  PRO A CB  1 
ATOM   158  C CG  . PRO A 1 22  ? 7.51575   -3.90691  -22.37097 1.000 56.39958 ? 22  PRO A CG  1 
ATOM   159  C CD  . PRO A 1 22  ? 8.25081   -5.20561  -22.33604 1.000 56.83170 ? 22  PRO A CD  1 
ATOM   160  N N   . ALA A 1 23  ? 8.69392   -3.36603  -18.11637 1.000 59.16691 ? 23  ALA A N   1 
ATOM   161  C CA  . ALA A 1 23  ? 8.65592   -3.64740  -16.68253 1.000 56.04190 ? 23  ALA A CA  1 
ATOM   162  C C   . ALA A 1 23  ? 7.25077   -4.08680  -16.29020 1.000 59.45830 ? 23  ALA A C   1 
ATOM   163  O O   . ALA A 1 23  ? 6.42236   -3.28679  -15.85323 1.000 64.28826 ? 23  ALA A O   1 
ATOM   164  C CB  . ALA A 1 23  ? 9.09796   -2.42682  -15.88593 1.000 53.90529 ? 23  ALA A CB  1 
ATOM   165  N N   . TYR A 1 24  ? 6.97726   -5.38238  -16.44838 1.000 49.30843 ? 24  TYR A N   1 
ATOM   166  C CA  . TYR A 1 24  ? 5.73987   -5.96436  -15.94476 1.000 49.44081 ? 24  TYR A CA  1 
ATOM   167  C C   . TYR A 1 24  ? 5.78817   -6.21881  -14.44462 1.000 56.95241 ? 24  TYR A C   1 
ATOM   168  O O   . TYR A 1 24  ? 4.73968   -6.47514  -13.83296 1.000 64.45076 ? 24  TYR A O   1 
ATOM   169  C CB  . TYR A 1 24  ? 5.43624   -7.26980  -16.68169 1.000 49.89704 ? 24  TYR A CB  1 
ATOM   170  C CG  . TYR A 1 24  ? 5.24920   -7.10155  -18.17163 1.000 53.19142 ? 24  TYR A CG  1 
ATOM   171  C CD1 . TYR A 1 24  ? 4.40566   -6.12342  -18.67818 1.000 55.32589 ? 24  TYR A CD1 1 
ATOM   172  C CD2 . TYR A 1 24  ? 5.91314   -7.92246  -19.07128 1.000 55.49204 ? 24  TYR A CD2 1 
ATOM   173  C CE1 . TYR A 1 24  ? 4.22994   -5.96668  -20.03821 1.000 54.05932 ? 24  TYR A CE1 1 
ATOM   174  C CE2 . TYR A 1 24  ? 5.74370   -7.77307  -20.43265 1.000 53.55408 ? 24  TYR A CE2 1 
ATOM   175  C CZ  . TYR A 1 24  ? 4.90153   -6.79371  -20.91018 1.000 52.81778 ? 24  TYR A CZ  1 
ATOM   176  O OH  . TYR A 1 24  ? 4.72951   -6.64113  -22.26594 1.000 56.71673 ? 24  TYR A OH  1 
ATOM   177  N N   . GLN A 1 25  ? 6.97974   -6.14659  -13.84739 1.000 51.02536 ? 25  GLN A N   1 
ATOM   178  C CA  . GLN A 1 25  ? 7.11051   -6.31876  -12.40685 1.000 49.53244 ? 25  GLN A CA  1 
ATOM   179  C C   . GLN A 1 25  ? 6.32124   -5.25663  -11.65564 1.000 55.97474 ? 25  GLN A C   1 
ATOM   180  O O   . GLN A 1 25  ? 5.71005   -5.54463  -10.62148 1.000 63.40203 ? 25  GLN A O   1 
ATOM   181  C CB  . GLN A 1 25  ? 8.58599   -6.27703  -12.01299 1.000 49.41556 ? 25  GLN A CB  1 
ATOM   182  C CG  . GLN A 1 25  ? 9.37177   -5.18198  -12.71359 1.000 54.47639 ? 25  GLN A CG  1 
ATOM   183  C CD  . GLN A 1 25  ? 10.84637  -5.49985  -12.82951 1.000 57.56745 ? 25  GLN A CD  1 
ATOM   184  O OE1 . GLN A 1 25  ? 11.60516  -5.33920  -11.87457 1.000 61.47858 ? 25  GLN A OE1 1 
ATOM   185  N NE2 . GLN A 1 25  ? 11.26229  -5.95039  -14.00579 1.000 56.12573 ? 25  GLN A NE2 1 
ATOM   186  N N   . ASP A 1 26  ? 6.31831   -4.02204  -12.16386 1.000 53.44054 ? 26  ASP A N   1 
ATOM   187  C CA  . ASP A 1 26  ? 5.54334   -2.96133  -11.52859 1.000 55.28017 ? 26  ASP A CA  1 
ATOM   188  C C   . ASP A 1 26  ? 4.05022   -3.26596  -11.56479 1.000 58.58552 ? 26  ASP A C   1 
ATOM   189  O O   . ASP A 1 26  ? 3.33840   -3.03715  -10.57960 1.000 63.80696 ? 26  ASP A O   1 
ATOM   190  C CB  . ASP A 1 26  ? 5.83554   -1.62347  -12.20589 1.000 57.37283 ? 26  ASP A CB  1 
ATOM   191  C CG  . ASP A 1 26  ? 7.31577   -1.40157  -12.44174 1.000 64.53773 ? 26  ASP A CG  1 
ATOM   192  O OD1 . ASP A 1 26  ? 8.12996   -1.93158  -11.65761 1.000 65.09347 ? 26  ASP A OD1 1 
ATOM   193  O OD2 . ASP A 1 26  ? 7.66538   -0.69557  -13.41073 1.000 66.49584 ? 26  ASP A OD2 1 
ATOM   194  N N   . TYR A 1 27  ? 3.55514   -3.77849  -12.69369 1.000 46.11632 ? 27  TYR A N   1 
ATOM   195  C CA  . TYR A 1 27  ? 2.13767   -4.11383  -12.79239 1.000 45.19717 ? 27  TYR A CA  1 
ATOM   196  C C   . TYR A 1 27  ? 1.76718   -5.25040  -11.84632 1.000 52.96042 ? 27  TYR A C   1 
ATOM   197  O O   . TYR A 1 27  ? 0.72541   -5.19621  -11.17704 1.000 61.38347 ? 27  TYR A O   1 
ATOM   198  C CB  . TYR A 1 27  ? 1.78538   -4.47177  -14.23474 1.000 48.97357 ? 27  TYR A CB  1 
ATOM   199  C CG  . TYR A 1 27  ? 2.10088   -3.37379  -15.22436 1.000 52.99351 ? 27  TYR A CG  1 
ATOM   200  C CD1 . TYR A 1 27  ? 1.93178   -2.03878  -14.88605 1.000 53.53325 ? 27  TYR A CD1 1 
ATOM   201  C CD2 . TYR A 1 27  ? 2.56952   -3.67185  -16.49554 1.000 52.37937 ? 27  TYR A CD2 1 
ATOM   202  C CE1 . TYR A 1 27  ? 2.22011   -1.03211  -15.78522 1.000 52.02313 ? 27  TYR A CE1 1 
ATOM   203  C CE2 . TYR A 1 27  ? 2.86037   -2.67134  -17.40160 1.000 52.12856 ? 27  TYR A CE2 1 
ATOM   204  C CZ  . TYR A 1 27  ? 2.68388   -1.35387  -17.04068 1.000 52.98327 ? 27  TYR A CZ  1 
ATOM   205  O OH  . TYR A 1 27  ? 2.97191   -0.35373  -17.93927 1.000 55.18185 ? 27  TYR A OH  1 
ATOM   206  N N   . THR A 1 28  ? 2.60693   -6.28679  -11.77171 1.000 46.05622 ? 28  THR A N   1 
ATOM   207  C CA  . THR A 1 28  ? 2.33915   -7.36991  -10.82909 1.000 41.57599 ? 28  THR A CA  1 
ATOM   208  C C   . THR A 1 28  ? 2.38072   -6.86862  -9.38923  1.000 49.30273 ? 28  THR A C   1 
ATOM   209  O O   . THR A 1 28  ? 1.56987   -7.28657  -8.55135  1.000 59.84454 ? 28  THR A O   1 
ATOM   210  C CB  . THR A 1 28  ? 3.33688   -8.50857  -11.03120 1.000 45.68615 ? 28  THR A CB  1 
ATOM   211  O OG1 . THR A 1 28  ? 4.67175   -7.99015  -10.99229 1.000 55.29630 ? 28  THR A OG1 1 
ATOM   212  C CG2 . THR A 1 28  ? 3.10006   -9.18826  -12.36861 1.000 48.06457 ? 28  THR A CG2 1 
ATOM   213  N N   . ALA A 1 29  ? 3.31743   -5.96713  -9.08426  1.000 42.46228 ? 29  ALA A N   1 
ATOM   214  C CA  . ALA A 1 29  ? 3.39350   -5.39622  -7.74535  1.000 42.38802 ? 29  ALA A CA  1 
ATOM   215  C C   . ALA A 1 29  ? 2.14003   -4.60035  -7.41325  1.000 45.12367 ? 29  ALA A C   1 
ATOM   216  O O   . ALA A 1 29  ? 1.63723   -4.66609  -6.28771  1.000 55.78745 ? 29  ALA A O   1 
ATOM   217  C CB  . ALA A 1 29  ? 4.63691   -4.51757  -7.62076  1.000 47.38823 ? 29  ALA A CB  1 
ATOM   218  N N   . ARG A 1 30  ? 1.62755   -3.83321  -8.37702  1.000 42.39106 ? 30  ARG A N   1 
ATOM   219  C CA  . ARG A 1 30  ? 0.38668   -3.09643  -8.15559  1.000 40.85161 ? 30  ARG A CA  1 
ATOM   220  C C   . ARG A 1 30  ? -0.77678  -4.04724  -7.90298  1.000 43.25753 ? 30  ARG A C   1 
ATOM   221  O O   . ARG A 1 30  ? -1.59955  -3.81880  -7.00300  1.000 50.93900 ? 30  ARG A O   1 
ATOM   222  C CB  . ARG A 1 30  ? 0.09548   -2.19710  -9.35628  1.000 37.93597 ? 30  ARG A CB  1 
ATOM   223  C CG  . ARG A 1 30  ? -0.39419  -0.80853  -8.99591  1.000 45.21650 ? 30  ARG A CG  1 
ATOM   224  C CD  . ARG A 1 30  ? -0.38720  0.10934   -10.20795 1.000 49.06262 ? 30  ARG A CD  1 
ATOM   225  N NE  . ARG A 1 30  ? 0.95738   0.31642   -10.73134 1.000 48.89324 ? 30  ARG A NE  1 
ATOM   226  C CZ  . ARG A 1 30  ? 1.26194   1.17248   -11.69705 1.000 46.93400 ? 30  ARG A CZ  1 
ATOM   227  N NH1 . ARG A 1 30  ? 0.33702   1.92059   -12.27462 1.000 47.99303 ? 30  ARG A NH1 1 
ATOM   228  N NH2 . ARG A 1 30  ? 2.52672   1.28168   -12.09217 1.000 45.62246 ? 30  ARG A NH2 1 
ATOM   229  N N   . ALA A 1 31  ? -0.85298  -5.12795  -8.68342  1.000 41.60536 ? 31  ALA A N   1 
ATOM   230  C CA  . ALA A 1 31  ? -1.91732  -6.10695  -8.48889  1.000 41.21978 ? 31  ALA A CA  1 
ATOM   231  C C   . ALA A 1 31  ? -1.84172  -6.73697  -7.10394  1.000 46.01400 ? 31  ALA A C   1 
ATOM   232  O O   . ALA A 1 31  ? -2.87318  -6.98297  -6.46823  1.000 52.51853 ? 31  ALA A O   1 
ATOM   233  C CB  . ALA A 1 31  ? -1.84802  -7.18110  -9.57300  1.000 39.06658 ? 31  ALA A CB  1 
ATOM   234  N N   . GLN A 1 32  ? -0.62809  -7.01002  -6.62094  1.000 50.05006 ? 32  GLN A N   1 
ATOM   235  C CA  . GLN A 1 32  ? -0.48240  -7.60453  -5.29445  1.000 50.65585 ? 32  GLN A CA  1 
ATOM   236  C C   . GLN A 1 32  ? -0.77704  -6.59377  -4.18828  1.000 51.36140 ? 32  GLN A C   1 
ATOM   237  O O   . GLN A 1 32  ? -1.32471  -6.95604  -3.14082  1.000 53.71688 ? 32  GLN A O   1 
ATOM   238  C CB  . GLN A 1 32  ? 0.91910   -8.19107  -5.13821  1.000 47.74607 ? 32  GLN A CB  1 
ATOM   239  C CG  . GLN A 1 32  ? 1.18257   -9.37587  -6.05180  1.000 48.65624 ? 32  GLN A CG  1 
ATOM   240  C CD  . GLN A 1 32  ? 2.55575   -9.97718  -5.85171  1.000 52.01749 ? 32  GLN A CD  1 
ATOM   241  O OE1 . GLN A 1 32  ? 3.37470   -9.44727  -5.10297  1.000 58.47492 ? 32  GLN A OE1 1 
ATOM   242  N NE2 . GLN A 1 32  ? 2.81596   -11.09189 -6.52205  1.000 48.36887 ? 32  GLN A NE2 1 
ATOM   243  N N   . VAL A 1 33  ? -0.41794  -5.32489  -4.39916  1.000 44.44316 ? 33  VAL A N   1 
ATOM   244  C CA  . VAL A 1 33  ? -0.67489  -4.28463  -3.40573  1.000 40.51181 ? 33  VAL A CA  1 
ATOM   245  C C   . VAL A 1 33  ? -2.17000  -4.00730  -3.28549  1.000 46.10139 ? 33  VAL A C   1 
ATOM   246  O O   . VAL A 1 33  ? -2.65202  -3.58876  -2.22013  1.000 53.72842 ? 33  VAL A O   1 
ATOM   247  C CB  . VAL A 1 33  ? 0.12644   -3.01666  -3.76692  1.000 42.49701 ? 33  VAL A CB  1 
ATOM   248  C CG1 . VAL A 1 33  ? -0.39837  -1.79385  -3.03243  1.000 47.67172 ? 33  VAL A CG1 1 
ATOM   249  C CG2 . VAL A 1 33  ? 1.60013   -3.21814  -3.46040  1.000 44.69939 ? 33  VAL A CG2 1 
ATOM   250  N N   . SER A 1 34  ? -2.92348  -4.22181  -4.36808  1.000 44.61158 ? 34  SER A N   1 
ATOM   251  C CA  . SER A 1 34  ? -4.37145  -4.03649  -4.30622  1.000 43.32004 ? 34  SER A CA  1 
ATOM   252  C C   . SER A 1 34  ? -5.00038  -4.90310  -3.21871  1.000 48.89835 ? 34  SER A C   1 
ATOM   253  O O   . SER A 1 34  ? -5.97032  -4.49133  -2.56927  1.000 52.94612 ? 34  SER A O   1 
ATOM   254  C CB  . SER A 1 34  ? -4.99802  -4.34528  -5.66485  1.000 48.99299 ? 34  SER A CB  1 
ATOM   255  O OG  . SER A 1 34  ? -5.30356  -5.72343  -5.78185  1.000 54.88736 ? 34  SER A OG  1 
ATOM   256  N N   . GLU A 1 35  ? -4.46173  -6.10641  -3.00360  1.000 54.72999 ? 35  GLU A N   1 
ATOM   257  C CA  . GLU A 1 35  ? -4.98823  -6.97704  -1.95587  1.000 53.86789 ? 35  GLU A CA  1 
ATOM   258  C C   . GLU A 1 35  ? -4.80039  -6.36128  -0.57454  1.000 52.52660 ? 35  GLU A C   1 
ATOM   259  O O   . GLU A 1 35  ? -5.71288  -6.39886  0.25977   1.000 56.03887 ? 35  GLU A O   1 
ATOM   260  C CB  . GLU A 1 35  ? -4.31780  -8.34884  -2.02772  1.000 55.16569 ? 35  GLU A CB  1 
ATOM   261  C CG  . GLU A 1 35  ? -4.25509  -9.08169  -0.69762  1.000 56.36312 ? 35  GLU A CG  1 
ATOM   262  C CD  . GLU A 1 35  ? -4.16441  -10.58483 -0.86448  1.000 65.12550 ? 35  GLU A CD  1 
ATOM   263  O OE1 . GLU A 1 35  ? -4.08207  -11.05229 -2.01970  1.000 64.98002 ? 35  GLU A OE1 1 
ATOM   264  O OE2 . GLU A 1 35  ? -4.17556  -11.29954 0.15966   1.000 63.03832 ? 35  GLU A OE2 1 
ATOM   265  N N   . ALA A 1 36  ? -3.62312  -5.78924  -0.31326  1.000 47.35450 ? 36  ALA A N   1 
ATOM   266  C CA  . ALA A 1 36  ? -3.39247  -5.13192  0.96867   1.000 44.52346 ? 36  ALA A CA  1 
ATOM   267  C C   . ALA A 1 36  ? -4.28535  -3.91081  1.12853   1.000 45.33550 ? 36  ALA A C   1 
ATOM   268  O O   . ALA A 1 36  ? -4.76349  -3.62474  2.23238   1.000 48.61487 ? 36  ALA A O   1 
ATOM   269  C CB  . ALA A 1 36  ? -1.92345  -4.74181  1.10693   1.000 46.09488 ? 36  ALA A CB  1 
ATOM   270  N N   . ILE A 1 37  ? -4.51453  -3.17533  0.03942   1.000 50.90387 ? 37  ILE A N   1 
ATOM   271  C CA  . ILE A 1 37  ? -5.41810  -2.02709  0.10030   1.000 47.25656 ? 37  ILE A CA  1 
ATOM   272  C C   . ILE A 1 37  ? -6.82084  -2.48125  0.48802   1.000 47.40028 ? 37  ILE A C   1 
ATOM   273  O O   . ILE A 1 37  ? -7.47304  -1.88449  1.35489   1.000 50.54459 ? 37  ILE A O   1 
ATOM   274  C CB  . ILE A 1 37  ? -5.41841  -1.26956  -1.23970  1.000 45.06545 ? 37  ILE A CB  1 
ATOM   275  C CG1 . ILE A 1 37  ? -4.16503  -0.40313  -1.36286  1.000 51.21428 ? 37  ILE A CG1 1 
ATOM   276  C CG2 . ILE A 1 37  ? -6.66611  -0.41390  -1.37207  1.000 47.72053 ? 37  ILE A CG2 1 
ATOM   277  C CD1 . ILE A 1 37  ? -4.09157  0.37968   -2.65266  1.000 49.31807 ? 37  ILE A CD1 1 
ATOM   278  N N   . LEU A 1 38  ? -7.29723  -3.55922  -0.13959  1.000 48.29871 ? 38  LEU A N   1 
ATOM   279  C CA  . LEU A 1 38  ? -8.61953  -4.08557  0.18613   1.000 45.81380 ? 38  LEU A CA  1 
ATOM   280  C C   . LEU A 1 38  ? -8.68517  -4.56813  1.63009   1.000 46.31690 ? 38  LEU A C   1 
ATOM   281  O O   . LEU A 1 38  ? -9.68905  -4.35246  2.31886   1.000 49.53606 ? 38  LEU A O   1 
ATOM   282  C CB  . LEU A 1 38  ? -8.98547  -5.21761  -0.77293  1.000 49.93721 ? 38  LEU A CB  1 
ATOM   283  C CG  . LEU A 1 38  ? -9.69574  -4.81731  -2.06644  1.000 52.68349 ? 38  LEU A CG  1 
ATOM   284  C CD1 . LEU A 1 38  ? -9.89293  -6.02690  -2.96366  1.000 50.59854 ? 38  LEU A CD1 1 
ATOM   285  C CD2 . LEU A 1 38  ? -11.02621 -4.14966  -1.76272  1.000 52.99759 ? 38  LEU A CD2 1 
ATOM   286  N N   . LEU A 1 39  ? -7.62813  -5.23282  2.10279   1.000 48.33646 ? 39  LEU A N   1 
ATOM   287  C CA  . LEU A 1 39  ? -7.61459  -5.72118  3.47882   1.000 43.08001 ? 39  LEU A CA  1 
ATOM   288  C C   . LEU A 1 39  ? -7.64634  -4.57063  4.47682   1.000 42.14537 ? 39  LEU A C   1 
ATOM   289  O O   . LEU A 1 39  ? -8.35109  -4.63742  5.49023   1.000 41.54859 ? 39  LEU A O   1 
ATOM   290  C CB  . LEU A 1 39  ? -6.38493  -6.59770  3.71321   1.000 40.53366 ? 39  LEU A CB  1 
ATOM   291  C CG  . LEU A 1 39  ? -6.63311  -8.07534  4.01897   1.000 40.31891 ? 39  LEU A CG  1 
ATOM   292  C CD1 . LEU A 1 39  ? -5.41126  -8.69629  4.67115   1.000 46.70680 ? 39  LEU A CD1 1 
ATOM   293  C CD2 . LEU A 1 39  ? -7.85728  -8.24836  4.90042   1.000 44.71078 ? 39  LEU A CD2 1 
ATOM   294  N N   . ALA A 1 40  ? -6.88767  -3.50584  4.20972   1.000 49.83309 ? 40  ALA A N   1 
ATOM   295  C CA  . ALA A 1 40  ? -6.86987  -2.35958  5.10984   1.000 46.75782 ? 40  ALA A CA  1 
ATOM   296  C C   . ALA A 1 40  ? -8.14492  -1.53294  5.02544   1.000 49.05892 ? 40  ALA A C   1 
ATOM   297  O O   . ALA A 1 40  ? -8.46459  -0.81444  5.97779   1.000 51.33225 ? 40  ALA A O   1 
ATOM   298  C CB  . ALA A 1 40  ? -5.65885  -1.47504  4.81369   1.000 51.92478 ? 40  ALA A CB  1 
ATOM   299  N N   . GLU A 1 41  ? -8.87539  -1.61241  3.91079   1.000 55.01997 ? 41  GLU A N   1 
ATOM   300  C CA  . GLU A 1 41  ? -10.10916 -0.84377  3.78267   1.000 48.41591 ? 41  GLU A CA  1 
ATOM   301  C C   . GLU A 1 41  ? -11.18764 -1.33019  4.74389   1.000 51.76657 ? 41  GLU A C   1 
ATOM   302  O O   . GLU A 1 41  ? -12.08273 -0.55925  5.10822   1.000 58.51556 ? 41  GLU A O   1 
ATOM   303  C CB  . GLU A 1 41  ? -10.61670 -0.90715  2.34221   1.000 51.10615 ? 41  GLU A CB  1 
ATOM   304  C CG  . GLU A 1 41  ? -11.69693 0.10918   2.01362   1.000 57.29240 ? 41  GLU A CG  1 
ATOM   305  C CD  . GLU A 1 41  ? -13.00981 -0.54170  1.62567   1.000 63.17648 ? 41  GLU A CD  1 
ATOM   306  O OE1 . GLU A 1 41  ? -12.99023 -1.71655  1.20218   1.000 60.34036 ? 41  GLU A OE1 1 
ATOM   307  O OE2 . GLU A 1 41  ? -14.06162 0.12135   1.74415   1.000 62.87037 ? 41  GLU A OE2 1 
ATOM   308  N N   . GLY A 1 42  ? -11.12060 -2.59081  5.17010   1.000 49.86257 ? 42  GLY A N   1 
ATOM   309  C CA  . GLY A 1 42  ? -12.16277 -3.16062  6.00419   1.000 47.62632 ? 42  GLY A CA  1 
ATOM   310  C C   . GLY A 1 42  ? -12.10886 -2.79069  7.46976   1.000 50.05581 ? 42  GLY A C   1 
ATOM   311  O O   . GLY A 1 42  ? -13.03465 -3.13304  8.21081   1.000 57.15454 ? 42  GLY A O   1 
ATOM   312  N N   . GLN A 1 43  ? -11.05630 -2.10560  7.90864   1.000 45.96420 ? 43  GLN A N   1 
ATOM   313  C CA  . GLN A 1 43  ? -10.91236 -1.70080  9.29994   1.000 44.76622 ? 43  GLN A CA  1 
ATOM   314  C C   . GLN A 1 43  ? -11.39170 -0.27910  9.55944   1.000 50.58969 ? 43  GLN A C   1 
ATOM   315  O O   . GLN A 1 43  ? -11.24097 0.21542   10.68042  1.000 57.60224 ? 43  GLN A O   1 
ATOM   316  C CB  . GLN A 1 43  ? -9.45167  -1.83917  9.73870   1.000 44.79370 ? 43  GLN A CB  1 
ATOM   317  C CG  . GLN A 1 43  ? -9.13041  -3.15793  10.41656  1.000 44.69640 ? 43  GLN A CG  1 
ATOM   318  C CD  . GLN A 1 43  ? -9.09500  -4.31786  9.44459   1.000 49.13577 ? 43  GLN A CD  1 
ATOM   319  O OE1 . GLN A 1 43  ? -8.54542  -4.20771  8.34965   1.000 57.20296 ? 43  GLN A OE1 1 
ATOM   320  N NE2 . GLN A 1 43  ? -9.68186  -5.44030  9.84101   1.000 49.90007 ? 43  GLN A NE2 1 
ATOM   321  N N   . LYS A 1 44  ? -11.96164 0.38864   8.55439   1.000 43.96590 ? 44  LYS A N   1 
ATOM   322  C CA  . LYS A 1 44  ? -12.37726 1.77703   8.72273   1.000 42.01468 ? 44  LYS A CA  1 
ATOM   323  C C   . LYS A 1 44  ? -13.60156 1.90576   9.62032   1.000 48.38509 ? 44  LYS A C   1 
ATOM   324  O O   . LYS A 1 44  ? -13.73761 2.90470   10.33828  1.000 55.49395 ? 44  LYS A O   1 
ATOM   325  C CB  . LYS A 1 44  ? -12.65868 2.40565   7.35867   1.000 43.11174 ? 44  LYS A CB  1 
ATOM   326  C CG  . LYS A 1 44  ? -11.41699 2.63062   6.51054   1.000 51.35025 ? 44  LYS A CG  1 
ATOM   327  C CD  . LYS A 1 44  ? -11.75391 2.86436   5.04125   1.000 50.34008 ? 44  LYS A CD  1 
ATOM   328  C CE  . LYS A 1 44  ? -13.19052 3.32040   4.84381   1.000 44.78613 ? 44  LYS A CE  1 
ATOM   329  N NZ  . LYS A 1 44  ? -13.47499 3.64121   3.41940   1.000 45.02248 ? 44  LYS A NZ  1 
ATOM   330  N N   . SER A 1 45  ? -14.49951 0.91824   9.58919   1.000 48.28951 ? 45  SER A N   1 
ATOM   331  C CA  . SER A 1 45  ? -15.76557 1.03492   10.30696  1.000 45.28519 ? 45  SER A CA  1 
ATOM   332  C C   . SER A 1 45  ? -15.54713 1.14923   11.81087  1.000 46.79140 ? 45  SER A C   1 
ATOM   333  O O   . SER A 1 45  ? -16.14137 2.00962   12.47167  1.000 57.10432 ? 45  SER A O   1 
ATOM   334  C CB  . SER A 1 45  ? -16.65874 -0.16207  9.98271   1.000 50.21530 ? 45  SER A CB  1 
ATOM   335  O OG  . SER A 1 45  ? -16.81364 -0.31758  8.58331   1.000 55.75691 ? 45  SER A OG  1 
ATOM   336  N N   . ALA A 1 46  ? -14.69525 0.28690   12.37061  1.000 40.66874 ? 46  ALA A N   1 
ATOM   337  C CA  . ALA A 1 46  ? -14.46634 0.30580   13.81185  1.000 44.78078 ? 46  ALA A CA  1 
ATOM   338  C C   . ALA A 1 46  ? -13.81439 1.60912   14.25434  1.000 52.08241 ? 46  ALA A C   1 
ATOM   339  O O   . ALA A 1 46  ? -14.20891 2.19672   15.27012  1.000 55.96255 ? 46  ALA A O   1 
ATOM   340  C CB  . ALA A 1 46  ? -13.60807 -0.88965  14.22136  1.000 45.63317 ? 46  ALA A CB  1 
ATOM   341  N N   . VAL A 1 47  ? -12.81698 2.07821   13.50163  1.000 41.19603 ? 47  VAL A N   1 
ATOM   342  C CA  . VAL A 1 47  ? -12.13228 3.31874   13.85558  1.000 39.21374 ? 47  VAL A CA  1 
ATOM   343  C C   . VAL A 1 47  ? -13.10163 4.49216   13.80279  1.000 46.88626 ? 47  VAL A C   1 
ATOM   344  O O   . VAL A 1 47  ? -13.13267 5.33884   14.70587  1.000 54.44798 ? 47  VAL A O   1 
ATOM   345  C CB  . VAL A 1 47  ? -10.92287 3.54498   12.93171  1.000 34.97712 ? 47  VAL A CB  1 
ATOM   346  C CG1 . VAL A 1 47  ? -10.20092 4.82690   13.30733  1.000 47.76651 ? 47  VAL A CG1 1 
ATOM   347  C CG2 . VAL A 1 47  ? -9.97973  2.35822   12.99562  1.000 38.44769 ? 47  VAL A CG2 1 
ATOM   348  N N   . THR A 1 48  ? -13.91021 4.55807   12.74185  1.000 39.91364 ? 48  THR A N   1 
ATOM   349  C CA  . THR A 1 48  ? -14.86909 5.64955   12.61339  1.000 34.24371 ? 48  THR A CA  1 
ATOM   350  C C   . THR A 1 48  ? -15.89677 5.61779   13.73682  1.000 47.86298 ? 48  THR A C   1 
ATOM   351  O O   . THR A 1 48  ? -16.23118 6.66193   14.31010  1.000 58.00582 ? 48  THR A O   1 
ATOM   352  C CB  . THR A 1 48  ? -15.56152 5.58465   11.25321  1.000 42.21273 ? 48  THR A CB  1 
ATOM   353  O OG1 . THR A 1 48  ? -14.57549 5.49193   10.21828  1.000 51.46374 ? 48  THR A OG1 1 
ATOM   354  C CG2 . THR A 1 48  ? -16.40540 6.82726   11.02722  1.000 44.94217 ? 48  THR A CG2 1 
ATOM   355  N N   . GLU A 1 49  ? -16.40711 4.42882   14.06974  1.000 48.15017 ? 49  GLU A N   1 
ATOM   356  C CA  . GLU A 1 49  ? -17.39114 4.32533   15.14148  1.000 43.89290 ? 49  GLU A CA  1 
ATOM   357  C C   . GLU A 1 49  ? -16.79759 4.74759   16.47858  1.000 47.28383 ? 49  GLU A C   1 
ATOM   358  O O   . GLU A 1 49  ? -17.43766 5.47765   17.24698  1.000 54.23889 ? 49  GLU A O   1 
ATOM   359  C CB  . GLU A 1 49  ? -17.93375 2.89931   15.21970  1.000 42.93492 ? 49  GLU A CB  1 
ATOM   360  C CG  . GLU A 1 49  ? -18.98514 2.69573   16.29498  1.000 51.73376 ? 49  GLU A CG  1 
ATOM   361  C CD  . GLU A 1 49  ? -18.93563 1.30845   16.90314  1.000 60.15138 ? 49  GLU A CD  1 
ATOM   362  O OE1 . GLU A 1 49  ? -19.00438 0.32121   16.14124  1.000 59.48878 ? 49  GLU A OE1 1 
ATOM   363  O OE2 . GLU A 1 49  ? -18.82824 1.20471   18.14322  1.000 60.19308 ? 49  GLU A OE2 1 
ATOM   364  N N   . TYR A 1 50  ? -15.57117 4.30551   16.77277  1.000 40.37979 ? 50  TYR A N   1 
ATOM   365  C CA  . TYR A 1 50  ? -14.93798 4.69160   18.02880  1.000 36.53038 ? 50  TYR A CA  1 
ATOM   366  C C   . TYR A 1 50  ? -14.71346 6.19535   18.09173  1.000 42.75998 ? 50  TYR A C   1 
ATOM   367  O O   . TYR A 1 50  ? -14.95753 6.82195   19.12972  1.000 50.55035 ? 50  TYR A O   1 
ATOM   368  C CB  . TYR A 1 50  ? -13.61680 3.94577   18.21244  1.000 37.92993 ? 50  TYR A CB  1 
ATOM   369  C CG  . TYR A 1 50  ? -13.01788 4.11196   19.59145  1.000 39.28813 ? 50  TYR A CG  1 
ATOM   370  C CD1 . TYR A 1 50  ? -12.15717 5.16250   19.87431  1.000 41.87175 ? 50  TYR A CD1 1 
ATOM   371  C CD2 . TYR A 1 50  ? -13.31741 3.22174   20.61077  1.000 42.80073 ? 50  TYR A CD2 1 
ATOM   372  C CE1 . TYR A 1 50  ? -11.61246 5.32062   21.13099  1.000 40.25525 ? 50  TYR A CE1 1 
ATOM   373  C CE2 . TYR A 1 50  ? -12.77592 3.37230   21.87084  1.000 38.96020 ? 50  TYR A CE2 1 
ATOM   374  C CZ  . TYR A 1 50  ? -11.92488 4.42377   22.12480  1.000 37.33669 ? 50  TYR A CZ  1 
ATOM   375  O OH  . TYR A 1 50  ? -11.38208 4.57932   23.37794  1.000 45.51861 ? 50  TYR A OH  1 
ATOM   376  N N   . TYR A 1 51  ? -14.24972 6.79514   16.99195  1.000 41.36103 ? 51  TYR A N   1 
ATOM   377  C CA  . TYR A 1 51  ? -14.02728 8.23681   16.98927  1.000 35.12137 ? 51  TYR A CA  1 
ATOM   378  C C   . TYR A 1 51  ? -15.33126 8.99766   17.18298  1.000 43.65139 ? 51  TYR A C   1 
ATOM   379  O O   . TYR A 1 51  ? -15.37801 9.98463   17.92652  1.000 49.55527 ? 51  TYR A O   1 
ATOM   380  C CB  . TYR A 1 51  ? -13.34994 8.67114   15.69197  1.000 39.01478 ? 51  TYR A CB  1 
ATOM   381  C CG  . TYR A 1 51  ? -13.24846 10.17138  15.55527  1.000 38.27329 ? 51  TYR A CG  1 
ATOM   382  C CD1 . TYR A 1 51  ? -12.55047 10.92363  16.48739  1.000 42.81008 ? 51  TYR A CD1 1 
ATOM   383  C CD2 . TYR A 1 51  ? -13.85921 10.83646  14.50351  1.000 40.07828 ? 51  TYR A CD2 1 
ATOM   384  C CE1 . TYR A 1 51  ? -12.45724 12.29363  16.37302  1.000 40.77596 ? 51  TYR A CE1 1 
ATOM   385  C CE2 . TYR A 1 51  ? -13.77070 12.20768  14.38080  1.000 44.36021 ? 51  TYR A CE2 1 
ATOM   386  C CZ  . TYR A 1 51  ? -13.06853 12.93043  15.31902  1.000 45.22363 ? 51  TYR A CZ  1 
ATOM   387  O OH  . TYR A 1 51  ? -12.97580 14.29721  15.20378  1.000 53.47421 ? 51  TYR A OH  1 
ATOM   388  N N   . LEU A 1 52  ? -16.40117 8.55812   16.51782  1.000 44.23953 ? 52  LEU A N   1 
ATOM   389  C CA  . LEU A 1 52  ? -17.67653 9.25605   16.63315  1.000 35.42841 ? 52  LEU A CA  1 
ATOM   390  C C   . LEU A 1 52  ? -18.25966 9.12750   18.03487  1.000 40.51907 ? 52  LEU A C   1 
ATOM   391  O O   . LEU A 1 52  ? -18.83390 10.08698  18.56187  1.000 50.01980 ? 52  LEU A O   1 
ATOM   392  C CB  . LEU A 1 52  ? -18.65993 8.72648   15.59092  1.000 35.81611 ? 52  LEU A CB  1 
ATOM   393  C CG  . LEU A 1 52  ? -18.36758 9.09420   14.13588  1.000 42.58595 ? 52  LEU A CG  1 
ATOM   394  C CD1 . LEU A 1 52  ? -19.42118 8.50569   13.21431  1.000 42.52238 ? 52  LEU A CD1 1 
ATOM   395  C CD2 . LEU A 1 52  ? -18.28222 10.60143  13.96658  1.000 42.90275 ? 52  LEU A CD2 1 
ATOM   396  N N   . ASN A 1 53  ? -18.12444 7.95638   18.65722  1.000 44.66671 ? 53  ASN A N   1 
ATOM   397  C CA  . ASN A 1 53  ? -18.76580 7.72192   19.94496  1.000 38.21015 ? 53  ASN A CA  1 
ATOM   398  C C   . ASN A 1 53  ? -17.94958 8.21416   21.13265  1.000 43.80965 ? 53  ASN A C   1 
ATOM   399  O O   . ASN A 1 53  ? -18.53110 8.53750   22.17447  1.000 46.04861 ? 53  ASN A O   1 
ATOM   400  C CB  . ASN A 1 53  ? -19.06163 6.23075   20.12002  1.000 47.01955 ? 53  ASN A CB  1 
ATOM   401  C CG  . ASN A 1 53  ? -20.48693 5.87486   19.75483  1.000 52.62874 ? 53  ASN A CG  1 
ATOM   402  O OD1 . ASN A 1 53  ? -21.34384 5.72276   20.62520  1.000 56.24472 ? 53  ASN A OD1 1 
ATOM   403  N ND2 . ASN A 1 53  ? -20.74965 5.74135   18.46066  1.000 49.40998 ? 53  ASN A ND2 1 
ATOM   404  N N   . HIS A 1 54  ? -16.62111 8.28225   21.01368  1.000 43.89734 ? 54  HIS A N   1 
ATOM   405  C CA  . HIS A 1 54  ? -15.77764 8.63529   22.14674  1.000 37.82823 ? 54  HIS A CA  1 
ATOM   406  C C   . HIS A 1 54  ? -15.08212 9.98132   22.01367  1.000 40.49724 ? 54  HIS A C   1 
ATOM   407  O O   . HIS A 1 54  ? -14.61217 10.51235  23.02380  1.000 45.60394 ? 54  HIS A O   1 
ATOM   408  C CB  . HIS A 1 54  ? -14.71413 7.55238   22.37574  1.000 38.93911 ? 54  HIS A CB  1 
ATOM   409  C CG  . HIS A 1 54  ? -15.20701 6.38060   23.16493  1.000 40.04735 ? 54  HIS A CG  1 
ATOM   410  N ND1 . HIS A 1 54  ? -16.14038 5.49327   22.67531  1.000 42.64920 ? 54  HIS A ND1 1 
ATOM   411  C CD2 . HIS A 1 54  ? -14.89496 5.94927   24.40942  1.000 39.21151 ? 54  HIS A CD2 1 
ATOM   412  C CE1 . HIS A 1 54  ? -16.38283 4.56631   23.58433  1.000 42.10221 ? 54  HIS A CE1 1 
ATOM   413  N NE2 . HIS A 1 54  ? -15.63991 4.82004   24.64605  1.000 41.46483 ? 54  HIS A NE2 1 
ATOM   414  N N   . GLY A 1 55  ? -15.00204 10.54310  20.81121  1.000 41.12326 ? 55  GLY A N   1 
ATOM   415  C CA  . GLY A 1 55  ? -14.39137 11.84031  20.62113  1.000 40.49569 ? 55  GLY A CA  1 
ATOM   416  C C   . GLY A 1 55  ? -12.88468 11.84177  20.49564  1.000 44.14741 ? 55  GLY A C   1 
ATOM   417  O O   . GLY A 1 55  ? -12.29091 12.92385  20.41146  1.000 46.88951 ? 55  GLY A O   1 
ATOM   418  N N   . GLU A 1 56  ? -12.24435 10.67587  20.48130  1.000 53.43175 ? 56  GLU A N   1 
ATOM   419  C CA  . GLU A 1 56  ? -10.80400 10.59970  20.29633  1.000 48.19143 ? 56  GLU A CA  1 
ATOM   420  C C   . GLU A 1 56  ? -10.47388 9.32961   19.52836  1.000 51.74245 ? 56  GLU A C   1 
ATOM   421  O O   . GLU A 1 56  ? -11.24252 8.36471   19.52362  1.000 58.96452 ? 56  GLU A O   1 
ATOM   422  C CB  . GLU A 1 56  ? -10.05833 10.63686  21.63475  1.000 50.40960 ? 56  GLU A CB  1 
ATOM   423  C CG  . GLU A 1 56  ? -10.13887 9.35097   22.43299  1.000 55.69901 ? 56  GLU A CG  1 
ATOM   424  C CD  . GLU A 1 56  ? -9.74604  9.54560   23.88239  1.000 60.84209 ? 56  GLU A CD  1 
ATOM   425  O OE1 . GLU A 1 56  ? -8.81490  10.33493  24.14500  1.000 60.93947 ? 56  GLU A OE1 1 
ATOM   426  O OE2 . GLU A 1 56  ? -10.36833 8.91100   24.75929  1.000 59.61757 ? 56  GLU A OE2 1 
ATOM   427  N N   . TRP A 1 57  ? -9.31872  9.34446   18.87176  1.000 42.07465 ? 57  TRP A N   1 
ATOM   428  C CA  . TRP A 1 57  ? -8.92488  8.22495   18.03584  1.000 41.39481 ? 57  TRP A CA  1 
ATOM   429  C C   . TRP A 1 57  ? -8.53138  7.02228   18.89255  1.000 45.96857 ? 57  TRP A C   1 
ATOM   430  O O   . TRP A 1 57  ? -8.00752  7.18090   19.99834  1.000 54.06998 ? 57  TRP A O   1 
ATOM   431  C CB  . TRP A 1 57  ? -7.76173  8.61900   17.13163  1.000 39.83382 ? 57  TRP A CB  1 
ATOM   432  C CG  . TRP A 1 57  ? -8.11982  9.65016   16.11054  1.000 41.07791 ? 57  TRP A CG  1 
ATOM   433  C CD1 . TRP A 1 57  ? -7.73321  10.95545  16.09757  1.000 42.67700 ? 57  TRP A CD1 1 
ATOM   434  C CD2 . TRP A 1 57  ? -8.93753  9.46221   14.95023  1.000 44.13561 ? 57  TRP A CD2 1 
ATOM   435  N NE1 . TRP A 1 57  ? -8.25864  11.59397  15.00256  1.000 46.46536 ? 57  TRP A NE1 1 
ATOM   436  C CE2 . TRP A 1 57  ? -9.00196  10.69803  14.28144  1.000 38.43682 ? 57  TRP A CE2 1 
ATOM   437  C CE3 . TRP A 1 57  ? -9.62074  8.36822   14.41179  1.000 50.00777 ? 57  TRP A CE3 1 
ATOM   438  C CZ2 . TRP A 1 57  ? -9.72146  10.87175  13.10347  1.000 38.01603 ? 57  TRP A CZ2 1 
ATOM   439  C CZ3 . TRP A 1 57  ? -10.33462 8.54360   13.24156  1.000 45.89613 ? 57  TRP A CZ3 1 
ATOM   440  C CH2 . TRP A 1 57  ? -10.37992 9.78519   12.60126  1.000 43.53328 ? 57  TRP A CH2 1 
ATOM   441  N N   . PRO A 1 58  ? -8.78018  5.80845   18.40589  1.000 37.94197 ? 58  PRO A N   1 
ATOM   442  C CA  . PRO A 1 58  ? -8.34146  4.61824   19.13934  1.000 35.06274 ? 58  PRO A CA  1 
ATOM   443  C C   . PRO A 1 58  ? -6.82629  4.53439   19.20645  1.000 40.96694 ? 58  PRO A C   1 
ATOM   444  O O   . PRO A 1 58  ? -6.11305  4.98460   18.30739  1.000 50.59664 ? 58  PRO A O   1 
ATOM   445  C CB  . PRO A 1 58  ? -8.92693  3.46152   18.32234  1.000 38.64761 ? 58  PRO A CB  1 
ATOM   446  C CG  . PRO A 1 58  ? -9.12199  4.02511   16.96018  1.000 40.16339 ? 58  PRO A CG  1 
ATOM   447  C CD  . PRO A 1 58  ? -9.49214  5.46030   17.16614  1.000 39.05964 ? 58  PRO A CD  1 
ATOM   448  N N   . GLY A 1 59  ? -6.33777  3.94182   20.29130  1.000 47.98482 ? 59  GLY A N   1 
ATOM   449  C CA  . GLY A 1 59  ? -4.91012  3.85170   20.51927  1.000 45.52287 ? 59  GLY A CA  1 
ATOM   450  C C   . GLY A 1 59  ? -4.24588  2.65342   19.87470  1.000 51.91427 ? 59  GLY A C   1 
ATOM   451  O O   . GLY A 1 59  ? -3.15078  2.77408   19.31831  1.000 58.37907 ? 59  GLY A O   1 
ATOM   452  N N   . ASP A 1 60  ? -4.89053  1.49252   19.94003  1.000 55.48236 ? 60  ASP A N   1 
ATOM   453  C CA  . ASP A 1 60  ? -4.31603  0.26488   19.40565  1.000 51.04257 ? 60  ASP A CA  1 
ATOM   454  C C   . ASP A 1 60  ? -5.44439  -0.60787  18.86773  1.000 54.33719 ? 60  ASP A C   1 
ATOM   455  O O   . ASP A 1 60  ? -6.60861  -0.19832  18.83410  1.000 58.82768 ? 60  ASP A O   1 
ATOM   456  C CB  . ASP A 1 60  ? -3.48845  -0.45448  20.47737  1.000 53.58301 ? 60  ASP A CB  1 
ATOM   457  C CG  . ASP A 1 60  ? -4.28038  -0.72440  21.73946  1.000 62.51124 ? 60  ASP A CG  1 
ATOM   458  O OD1 . ASP A 1 60  ? -4.97208  0.19918   22.21686  1.000 62.82358 ? 60  ASP A OD1 1 
ATOM   459  O OD2 . ASP A 1 60  ? -4.21162  -1.85980  22.25507  1.000 68.63299 ? 60  ASP A OD2 1 
ATOM   460  N N   . ASN A 1 61  ? -5.08961  -1.82144  18.43860  1.000 53.22020 ? 61  ASN A N   1 
ATOM   461  C CA  . ASN A 1 61  ? -6.08057  -2.73395  17.87703  1.000 51.13202 ? 61  ASN A CA  1 
ATOM   462  C C   . ASN A 1 61  ? -7.11307  -3.14591  18.91792  1.000 53.48914 ? 61  ASN A C   1 
ATOM   463  O O   . ASN A 1 61  ? -8.30717  -3.24406  18.61264  1.000 58.50913 ? 61  ASN A O   1 
ATOM   464  C CB  . ASN A 1 61  ? -5.38805  -3.96728  17.29902  1.000 50.60173 ? 61  ASN A CB  1 
ATOM   465  C CG  . ASN A 1 61  ? -4.59079  -3.65690  16.05181  1.000 56.37395 ? 61  ASN A CG  1 
ATOM   466  O OD1 . ASN A 1 61  ? -3.59804  -2.93191  16.10007  1.000 60.41154 ? 61  ASN A OD1 1 
ATOM   467  N ND2 . ASN A 1 61  ? -5.02001  -4.20816  14.92396  1.000 53.06483 ? 61  ASN A ND2 1 
ATOM   468  N N   . SER A 1 62  ? -6.67023  -3.40153  20.15121  1.000 55.12114 ? 62  SER A N   1 
ATOM   469  C CA  . SER A 1 62  ? -7.58521  -3.87014  21.18720  1.000 53.42436 ? 62  SER A CA  1 
ATOM   470  C C   . SER A 1 62  ? -8.65740  -2.83341  21.49465  1.000 54.40450 ? 62  SER A C   1 
ATOM   471  O O   . SER A 1 62  ? -9.83368  -3.17700  21.65963  1.000 59.29269 ? 62  SER A O   1 
ATOM   472  C CB  . SER A 1 62  ? -6.80564  -4.22470  22.45247  1.000 55.27252 ? 62  SER A CB  1 
ATOM   473  O OG  . SER A 1 62  ? -7.66763  -4.31216  23.57319  1.000 59.03095 ? 62  SER A OG  1 
ATOM   474  N N   . SER A 1 63  ? -8.27131  -1.55928  21.58114  1.000 51.41077 ? 63  SER A N   1 
ATOM   475  C CA  . SER A 1 63  ? -9.24431  -0.51529  21.88354  1.000 47.38977 ? 63  SER A CA  1 
ATOM   476  C C   . SER A 1 63  ? -10.23878 -0.33271  20.74367  1.000 48.44659 ? 63  SER A C   1 
ATOM   477  O O   . SER A 1 63  ? -11.43015 -0.10671  20.98388  1.000 54.15070 ? 63  SER A O   1 
ATOM   478  C CB  . SER A 1 63  ? -8.52944  0.79966   22.18982  1.000 47.04818 ? 63  SER A CB  1 
ATOM   479  O OG  . SER A 1 63  ? -9.41428  1.69155   22.84240  1.000 59.29597 ? 63  SER A OG  1 
ATOM   480  N N   . ALA A 1 64  ? -9.76870  -0.41844  19.49738  1.000 53.20742 ? 64  ALA A N   1 
ATOM   481  C CA  . ALA A 1 64  ? -10.65947 -0.23781  18.35512  1.000 52.63714 ? 64  ALA A CA  1 
ATOM   482  C C   . ALA A 1 64  ? -11.71064 -1.33811  18.28723  1.000 49.06611 ? 64  ALA A C   1 
ATOM   483  O O   . ALA A 1 64  ? -12.88185 -1.06765  17.99859  1.000 52.28468 ? 64  ALA A O   1 
ATOM   484  C CB  . ALA A 1 64  ? -9.84982  -0.18852  17.06054  1.000 54.35131 ? 64  ALA A CB  1 
ATOM   485  N N   . GLY A 1 65  ? -11.31580 -2.58041  18.54889  1.000 51.51261 ? 65  GLY A N   1 
ATOM   486  C CA  . GLY A 1 65  ? -12.24568 -3.69060  18.50391  1.000 53.97745 ? 65  GLY A CA  1 
ATOM   487  C C   . GLY A 1 65  ? -12.00295 -4.62806  17.34025  1.000 56.72895 ? 65  GLY A C   1 
ATOM   488  O O   . GLY A 1 65  ? -12.94473 -5.21357  16.79816  1.000 60.22784 ? 65  GLY A O   1 
ATOM   489  N N   . VAL A 1 66  ? -10.74044 -4.77800  16.94632  1.000 54.83658 ? 66  VAL A N   1 
ATOM   490  C CA  . VAL A 1 66  ? -10.35359 -5.65853  15.85512  1.000 51.83923 ? 66  VAL A CA  1 
ATOM   491  C C   . VAL A 1 66  ? -9.32562  -6.65674  16.37737  1.000 54.63558 ? 66  VAL A C   1 
ATOM   492  O O   . VAL A 1 66  ? -8.83009  -6.54675  17.49877  1.000 58.16150 ? 66  VAL A O   1 
ATOM   493  C CB  . VAL A 1 66  ? -9.79994  -4.88456  14.64372  1.000 49.58759 ? 66  VAL A CB  1 
ATOM   494  C CG1 . VAL A 1 66  ? -10.77633 -3.80517  14.21130  1.000 49.98060 ? 66  VAL A CG1 1 
ATOM   495  C CG2 . VAL A 1 66  ? -8.44642  -4.28152  14.97512  1.000 53.72723 ? 66  VAL A CG2 1 
ATOM   496  N N   . ALA A 1 67  ? -9.01068  -7.64109  15.54039  1.000 48.16640 ? 67  ALA A N   1 
ATOM   497  C CA  . ALA A 1 67  ? -8.07093  -8.68151  15.92173  1.000 46.77624 ? 67  ALA A CA  1 
ATOM   498  C C   . ALA A 1 67  ? -6.64965  -8.12535  15.98689  1.000 48.96939 ? 67  ALA A C   1 
ATOM   499  O O   . ALA A 1 67  ? -6.37986  -6.97586  15.62699  1.000 56.44575 ? 67  ALA A O   1 
ATOM   500  C CB  . ALA A 1 67  ? -8.14029  -9.85086  14.94131  1.000 49.52450 ? 67  ALA A CB  1 
ATOM   501  N N   . THR A 1 68  ? -5.73117  -8.96508  16.45647  1.000 52.46362 ? 68  THR A N   1 
ATOM   502  C CA  . THR A 1 68  ? -4.33848  -8.56535  16.57072  1.000 52.42546 ? 68  THR A CA  1 
ATOM   503  C C   . THR A 1 68  ? -3.71442  -8.39357  15.18852  1.000 59.75404 ? 68  THR A C   1 
ATOM   504  O O   . THR A 1 68  ? -4.23703  -8.86566  14.17480  1.000 66.49652 ? 68  THR A O   1 
ATOM   505  C CB  . THR A 1 68  ? -3.54455  -9.59232  17.37717  1.000 52.74762 ? 68  THR A CB  1 
ATOM   506  O OG1 . THR A 1 68  ? -3.76574  -10.90115 16.83787  1.000 59.95138 ? 68  THR A OG1 1 
ATOM   507  C CG2 . THR A 1 68  ? -3.97491  -9.57116  18.83330  1.000 53.51581 ? 68  THR A CG2 1 
ATOM   508  N N   . SER A 1 69  ? -2.57744  -7.69446  15.15985  1.000 56.46743 ? 69  SER A N   1 
ATOM   509  C CA  . SER A 1 69  ? -1.91877  -7.40218  13.89091  1.000 58.15761 ? 69  SER A CA  1 
ATOM   510  C C   . SER A 1 69  ? -1.45908  -8.67626  13.19422  1.000 59.62697 ? 69  SER A C   1 
ATOM   511  O O   . SER A 1 69  ? -1.60569  -8.81259  11.97411  1.000 65.00525 ? 69  SER A O   1 
ATOM   512  C CB  . SER A 1 69  ? -0.73840  -6.45900  14.11923  1.000 61.13580 ? 69  SER A CB  1 
ATOM   513  N N   . ALA A 1 70  ? -0.90608  -9.62394  13.95164  1.000 55.42827 ? 70  ALA A N   1 
ATOM   514  C CA  . ALA A 1 70  ? -0.39600  -10.85515 13.36290  1.000 57.82523 ? 70  ALA A CA  1 
ATOM   515  C C   . ALA A 1 70  ? -1.49941  -11.79432 12.89753  1.000 57.64375 ? 70  ALA A C   1 
ATOM   516  O O   . ALA A 1 70  ? -1.19834  -12.78516 12.22423  1.000 61.00498 ? 70  ALA A O   1 
ATOM   517  C CB  . ALA A 1 70  ? 0.50768   -11.57830 14.36187  1.000 57.32239 ? 70  ALA A CB  1 
ATOM   518  N N   . ASP A 1 71  ? -2.75823  -11.51552 13.23586  1.000 50.10385 ? 71  ASP A N   1 
ATOM   519  C CA  . ASP A 1 71  ? -3.86565  -12.37538 12.84388  1.000 48.72047 ? 71  ASP A CA  1 
ATOM   520  C C   . ASP A 1 71  ? -4.58254  -11.90699 11.58576  1.000 54.54155 ? 71  ASP A C   1 
ATOM   521  O O   . ASP A 1 71  ? -5.27831  -12.71113 10.95667  1.000 58.39887 ? 71  ASP A O   1 
ATOM   522  C CB  . ASP A 1 71  ? -4.88077  -12.48676 13.98671  1.000 51.56367 ? 71  ASP A CB  1 
ATOM   523  C CG  . ASP A 1 71  ? -4.51023  -13.55907 14.99046  1.000 60.53079 ? 71  ASP A CG  1 
ATOM   524  O OD1 . ASP A 1 71  ? -3.54310  -14.30553 14.73360  1.000 60.06518 ? 71  ASP A OD1 1 
ATOM   525  O OD2 . ASP A 1 71  ? -5.18531  -13.65601 16.03646  1.000 60.93174 ? 71  ASP A OD2 1 
ATOM   526  N N   . ILE A 1 72  ? -4.43628  -10.63952 11.20468  1.000 55.00691 ? 72  ILE A N   1 
ATOM   527  C CA  . ILE A 1 72  ? -5.02926  -10.12631 9.96797   1.000 50.55792 ? 72  ILE A CA  1 
ATOM   528  C C   . ILE A 1 72  ? -3.99390  -10.35780 8.87216   1.000 54.98381 ? 72  ILE A C   1 
ATOM   529  O O   . ILE A 1 72  ? -3.19657  -9.48084  8.53980   1.000 56.65188 ? 72  ILE A O   1 
ATOM   530  C CB  . ILE A 1 72  ? -5.43269  -8.65962  10.08736  1.000 49.61656 ? 72  ILE A CB  1 
ATOM   531  C CG1 . ILE A 1 72  ? -6.09725  -8.39490  11.43812  1.000 54.04048 ? 72  ILE A CG1 1 
ATOM   532  C CG2 . ILE A 1 72  ? -6.36581  -8.27295  8.95355   1.000 46.42096 ? 72  ILE A CG2 1 
ATOM   533  C CD1 . ILE A 1 72  ? -6.52895  -6.95980  11.63113  1.000 53.44411 ? 72  ILE A CD1 1 
ATOM   534  N N   . LYS A 1 73  ? -4.00985  -11.55905 8.30150   1.000 56.23779 ? 73  LYS A N   1 
ATOM   535  C CA  . LYS A 1 73  ? -3.03831  -11.95413 7.29528   1.000 54.44844 ? 73  LYS A CA  1 
ATOM   536  C C   . LYS A 1 73  ? -3.75236  -12.48165 6.06085   1.000 51.10773 ? 73  LYS A C   1 
ATOM   537  O O   . LYS A 1 73  ? -4.85706  -13.02472 6.14343   1.000 55.09824 ? 73  LYS A O   1 
ATOM   538  C CB  . LYS A 1 73  ? -2.07297  -13.01873 7.83390   1.000 55.80440 ? 73  LYS A CB  1 
ATOM   539  C CG  . LYS A 1 73  ? -2.73999  -14.32734 8.21589   1.000 55.47610 ? 73  LYS A CG  1 
ATOM   540  C CD  . LYS A 1 73  ? -1.71313  -15.37340 8.60912   1.000 56.59694 ? 73  LYS A CD  1 
ATOM   541  C CE  . LYS A 1 73  ? -1.69315  -15.58703 10.11180  1.000 57.79400 ? 73  LYS A CE  1 
ATOM   542  N NZ  . LYS A 1 73  ? -2.89341  -16.33279 10.57904  1.000 57.66771 ? 73  LYS A NZ  1 
ATOM   543  N N   . GLY A 1 74  ? -3.10598  -12.30996 4.91208   1.000 55.65722 ? 74  GLY A N   1 
ATOM   544  C CA  . GLY A 1 74  ? -3.63783  -12.79659 3.65651   1.000 58.72092 ? 74  GLY A CA  1 
ATOM   545  C C   . GLY A 1 74  ? -2.60190  -13.54513 2.84582   1.000 59.31452 ? 74  GLY A C   1 
ATOM   546  O O   . GLY A 1 74  ? -1.60787  -14.02944 3.39462   1.000 59.96001 ? 74  GLY A O   1 
ATOM   547  N N   . LYS A 1 75  ? -2.82490  -13.65134 1.53492   1.000 57.46362 ? 75  LYS A N   1 
ATOM   548  C CA  . LYS A 1 75  ? -1.87174  -14.35164 0.68085   1.000 58.01373 ? 75  LYS A CA  1 
ATOM   549  C C   . LYS A 1 75  ? -0.56163  -13.58291 0.56222   1.000 59.32065 ? 75  LYS A C   1 
ATOM   550  O O   . LYS A 1 75  ? 0.51653   -14.18651 0.52171   1.000 59.74248 ? 75  LYS A O   1 
ATOM   551  C CB  . LYS A 1 75  ? -2.48152  -14.59044 -0.69946  1.000 60.04260 ? 75  LYS A CB  1 
ATOM   552  C CG  . LYS A 1 75  ? -2.34982  -16.02061 -1.19411  1.000 60.43726 ? 75  LYS A CG  1 
ATOM   553  C CD  . LYS A 1 75  ? -3.28399  -16.28951 -2.36106  1.000 62.48439 ? 75  LYS A CD  1 
ATOM   554  C CE  . LYS A 1 75  ? -2.96882  -17.61963 -3.02464  1.000 62.63553 ? 75  LYS A CE  1 
ATOM   555  N NZ  . LYS A 1 75  ? -1.97330  -17.47065 -4.12179  1.000 62.46324 ? 75  LYS A NZ  1 
ATOM   556  N N   . TYR A 1 76  ? -0.63235  -12.25320 0.50492   1.000 55.18264 ? 76  TYR A N   1 
ATOM   557  C CA  . TYR A 1 76  ? 0.54834   -11.41949 0.33772   1.000 48.56461 ? 76  TYR A CA  1 
ATOM   558  C C   . TYR A 1 76  ? 0.70508   -10.36062 1.41999   1.000 54.40139 ? 76  TYR A C   1 
ATOM   559  O O   . TYR A 1 76  ? 1.63721   -9.55248  1.34028   1.000 61.59337 ? 76  TYR A O   1 
ATOM   560  C CB  . TYR A 1 76  ? 0.52445   -10.73847 -1.03715  1.000 49.58409 ? 76  TYR A CB  1 
ATOM   561  C CG  . TYR A 1 76  ? 0.32708   -11.69184 -2.19286  1.000 54.90025 ? 76  TYR A CG  1 
ATOM   562  C CD1 . TYR A 1 76  ? 1.30137   -12.62264 -2.52429  1.000 59.56941 ? 76  TYR A CD1 1 
ATOM   563  C CD2 . TYR A 1 76  ? -0.83144  -11.65824 -2.95494  1.000 50.78594 ? 76  TYR A CD2 1 
ATOM   564  C CE1 . TYR A 1 76  ? 1.12555   -13.49436 -3.58106  1.000 58.53868 ? 76  TYR A CE1 1 
ATOM   565  C CE2 . TYR A 1 76  ? -1.01588  -12.52577 -4.01222  1.000 49.20515 ? 76  TYR A CE2 1 
ATOM   566  C CZ  . TYR A 1 76  ? -0.03498  -13.44099 -4.32101  1.000 54.28175 ? 76  TYR A CZ  1 
ATOM   567  O OH  . TYR A 1 76  ? -0.21571  -14.30669 -5.37384  1.000 55.18022 ? 76  TYR A OH  1 
ATOM   568  N N   . VAL A 1 77  ? -0.16899  -10.33591 2.42236   1.000 53.62291 ? 77  VAL A N   1 
ATOM   569  C CA  . VAL A 1 77  ? -0.11822  -9.35615  3.50139   1.000 47.32157 ? 77  VAL A CA  1 
ATOM   570  C C   . VAL A 1 77  ? 0.25423   -10.07797 4.78716   1.000 50.20081 ? 77  VAL A C   1 
ATOM   571  O O   . VAL A 1 77  ? -0.33578  -11.11321 5.11908   1.000 56.76659 ? 77  VAL A O   1 
ATOM   572  C CB  . VAL A 1 77  ? -1.45619  -8.61389  3.65540   1.000 51.29939 ? 77  VAL A CB  1 
ATOM   573  C CG1 . VAL A 1 77  ? -1.25537  -7.31567  4.41689   1.000 51.18509 ? 77  VAL A CG1 1 
ATOM   574  C CG2 . VAL A 1 77  ? -2.07370  -8.34919  2.29366   1.000 54.27764 ? 77  VAL A CG2 1 
ATOM   575  N N   . LYS A 1 78  ? 1.23286   -9.53380  5.50817   1.000 47.58518 ? 78  LYS A N   1 
ATOM   576  C CA  . LYS A 1 78  ? 1.71551   -10.16057 6.73196   1.000 41.93334 ? 78  LYS A CA  1 
ATOM   577  C C   . LYS A 1 78  ? 0.96672   -9.68565  7.97035   1.000 53.27394 ? 78  LYS A C   1 
ATOM   578  O O   . LYS A 1 78  ? 0.58546   -10.50658 8.81133   1.000 60.20637 ? 78  LYS A O   1 
ATOM   579  C CB  . LYS A 1 78  ? 3.21254   -9.89609  6.90316   1.000 45.34067 ? 78  LYS A CB  1 
ATOM   580  C CG  . LYS A 1 78  ? 3.88045   -10.77787 7.94093   1.000 49.85454 ? 78  LYS A CG  1 
ATOM   581  C CD  . LYS A 1 78  ? 5.38768   -10.59455 7.93295   1.000 55.88172 ? 78  LYS A CD  1 
ATOM   582  C CE  . LYS A 1 78  ? 5.82004   -9.54376  8.93991   1.000 54.70271 ? 78  LYS A CE  1 
ATOM   583  N NZ  . LYS A 1 78  ? 6.17448   -10.14860 10.25272  1.000 53.89308 ? 78  LYS A NZ  1 
ATOM   584  N N   . GLU A 1 79  ? 0.74637   -8.38016  8.10489   1.000 62.26100 ? 79  GLU A N   1 
ATOM   585  C CA  . GLU A 1 79  ? 0.08947   -7.85270  9.29137   1.000 55.58390 ? 79  GLU A CA  1 
ATOM   586  C C   . GLU A 1 79  ? -0.53982  -6.50557  8.97090   1.000 56.55871 ? 79  GLU A C   1 
ATOM   587  O O   . GLU A 1 79  ? -0.09100  -5.79310  8.06945   1.000 64.98253 ? 79  GLU A O   1 
ATOM   588  C CB  . GLU A 1 79  ? 1.07559   -7.71747  10.45588  1.000 57.73947 ? 79  GLU A CB  1 
ATOM   589  C CG  . GLU A 1 79  ? 2.18575   -6.71218  10.21381  1.000 62.41383 ? 79  GLU A CG  1 
ATOM   590  C CD  . GLU A 1 79  ? 2.93650   -6.35894  11.48051  1.000 67.82618 ? 79  GLU A CD  1 
ATOM   591  O OE1 . GLU A 1 79  ? 2.97025   -7.19744  12.40490  1.000 66.54231 ? 79  GLU A OE1 1 
ATOM   592  O OE2 . GLU A 1 79  ? 3.49334   -5.24337  11.55247  1.000 68.66379 ? 79  GLU A OE2 1 
ATOM   593  N N   . VAL A 1 80  ? -1.58764  -6.17152  9.72090   1.000 49.96623 ? 80  VAL A N   1 
ATOM   594  C CA  . VAL A 1 80  ? -2.26199  -4.88230  9.62996   1.000 53.84892 ? 80  VAL A CA  1 
ATOM   595  C C   . VAL A 1 80  ? -2.40181  -4.32701  11.03934  1.000 54.22921 ? 80  VAL A C   1 
ATOM   596  O O   . VAL A 1 80  ? -2.94147  -5.00032  11.92381  1.000 60.57940 ? 80  VAL A O   1 
ATOM   597  C CB  . VAL A 1 80  ? -3.64013  -4.99954  8.95196   1.000 55.38979 ? 80  VAL A CB  1 
ATOM   598  C CG1 . VAL A 1 80  ? -4.48884  -3.77937  9.25834   1.000 52.23656 ? 80  VAL A CG1 1 
ATOM   599  C CG2 . VAL A 1 80  ? -3.47861  -5.17495  7.45327   1.000 57.71174 ? 80  VAL A CG2 1 
ATOM   600  N N   . GLU A 1 81  ? -1.92219  -3.10323  11.24774  1.000 53.30774 ? 81  GLU A N   1 
ATOM   601  C CA  . GLU A 1 81  ? -1.87692  -2.50088  12.57074  1.000 51.88819 ? 81  GLU A CA  1 
ATOM   602  C C   . GLU A 1 81  ? -2.59192  -1.15808  12.56621  1.000 54.26078 ? 81  GLU A C   1 
ATOM   603  O O   . GLU A 1 81  ? -2.55581  -0.41839  11.57948  1.000 61.73733 ? 81  GLU A O   1 
ATOM   604  C CB  . GLU A 1 81  ? -0.43079  -2.31385  13.04651  1.000 52.09517 ? 81  GLU A CB  1 
ATOM   605  C CG  . GLU A 1 81  ? -0.28857  -2.10159  14.54293  1.000 62.53551 ? 81  GLU A CG  1 
ATOM   606  C CD  . GLU A 1 81  ? 1.02843   -1.45088  14.91375  1.000 67.18255 ? 81  GLU A CD  1 
ATOM   607  O OE1 . GLU A 1 81  ? 1.61387   -0.76099  14.05318  1.000 65.00255 ? 81  GLU A OE1 1 
ATOM   608  O OE2 . GLU A 1 81  ? 1.47831   -1.62887  16.06522  1.000 64.17828 ? 81  GLU A OE2 1 
ATOM   609  N N   . VAL A 1 82  ? -3.24375  -0.85317  13.68539  1.000 44.85474 ? 82  VAL A N   1 
ATOM   610  C CA  . VAL A 1 82  ? -3.90349  0.42855   13.90651  1.000 46.33299 ? 82  VAL A CA  1 
ATOM   611  C C   . VAL A 1 82  ? -3.23848  1.08713   15.10602  1.000 51.43150 ? 82  VAL A C   1 
ATOM   612  O O   . VAL A 1 82  ? -3.19777  0.50322   16.19617  1.000 57.39908 ? 82  VAL A O   1 
ATOM   613  C CB  . VAL A 1 82  ? -5.41342  0.26429   14.13827  1.000 43.25962 ? 82  VAL A CB  1 
ATOM   614  C CG1 . VAL A 1 82  ? -6.01485  1.55965   14.65262  1.000 46.81348 ? 82  VAL A CG1 1 
ATOM   615  C CG2 . VAL A 1 82  ? -6.10143  -0.17659  12.85843  1.000 47.30725 ? 82  VAL A CG2 1 
ATOM   616  N N   . LYS A 1 83  ? -2.71932  2.29749   14.90894  1.000 40.93173 ? 83  LYS A N   1 
ATOM   617  C CA  . LYS A 1 83  ? -2.01824  3.02460   15.96434  1.000 38.97094 ? 83  LYS A CA  1 
ATOM   618  C C   . LYS A 1 83  ? -2.38775  4.49740   15.86889  1.000 46.06699 ? 83  LYS A C   1 
ATOM   619  O O   . LYS A 1 83  ? -1.97849  5.18050   14.92581  1.000 52.11263 ? 83  LYS A O   1 
ATOM   620  C CB  . LYS A 1 83  ? -0.50595  2.83704   15.85685  1.000 39.47861 ? 83  LYS A CB  1 
ATOM   621  C CG  . LYS A 1 83  ? 0.26900   3.41030   17.02945  1.000 47.50725 ? 83  LYS A CG  1 
ATOM   622  C CD  . LYS A 1 83  ? 1.75870   3.44909   16.74281  1.000 47.23184 ? 83  LYS A CD  1 
ATOM   623  C CE  . LYS A 1 83  ? 2.56477   3.06325   17.97124  1.000 50.47451 ? 83  LYS A CE  1 
ATOM   624  N NZ  . LYS A 1 83  ? 1.85163   2.06134   18.81048  1.000 55.33514 ? 83  LYS A NZ  1 
ATOM   625  N N   . ASN A 1 84  ? -3.15998  4.97913   16.84361  1.000 43.19260 ? 84  ASN A N   1 
ATOM   626  C CA  . ASN A 1 84  ? -3.55144  6.38618   16.93925  1.000 35.65538 ? 84  ASN A CA  1 
ATOM   627  C C   . ASN A 1 84  ? -4.35336  6.84593   15.72484  1.000 40.78898 ? 84  ASN A C   1 
ATOM   628  O O   . ASN A 1 84  ? -4.32450  8.02316   15.36000  1.000 52.56781 ? 84  ASN A O   1 
ATOM   629  C CB  . ASN A 1 84  ? -2.33359  7.29053   17.14810  1.000 37.54498 ? 84  ASN A CB  1 
ATOM   630  C CG  . ASN A 1 84  ? -1.78682  7.21271   18.55748  1.000 42.88415 ? 84  ASN A CG  1 
ATOM   631  O OD1 . ASN A 1 84  ? -2.49033  6.82183   19.48654  1.000 47.76095 ? 84  ASN A OD1 1 
ATOM   632  N ND2 . ASN A 1 84  ? -0.52447  7.58525   18.72392  1.000 44.97895 ? 84  ASN A ND2 1 
ATOM   633  N N   . GLY A 1 85  ? -5.07765  5.92808   15.08961  1.000 39.59324 ? 85  GLY A N   1 
ATOM   634  C CA  . GLY A 1 85  ? -5.98669  6.27562   14.01871  1.000 40.28671 ? 85  GLY A CA  1 
ATOM   635  C C   . GLY A 1 85  ? -5.48229  6.04146   12.61154  1.000 48.06674 ? 85  GLY A C   1 
ATOM   636  O O   . GLY A 1 85  ? -6.18466  6.40026   11.65927  1.000 51.89259 ? 85  GLY A O   1 
ATOM   637  N N   . VAL A 1 86  ? -4.30004  5.45486   12.44179  1.000 42.45045 ? 86  VAL A N   1 
ATOM   638  C CA  . VAL A 1 86  ? -3.75293  5.16247   11.12300  1.000 36.69435 ? 86  VAL A CA  1 
ATOM   639  C C   . VAL A 1 86  ? -3.65274  3.65259   10.96015  1.000 38.09934 ? 86  VAL A C   1 
ATOM   640  O O   . VAL A 1 86  ? -3.29601  2.93589   11.90183  1.000 48.92026 ? 86  VAL A O   1 
ATOM   641  C CB  . VAL A 1 86  ? -2.38326  5.83954   10.89540  1.000 36.06232 ? 86  VAL A CB  1 
ATOM   642  C CG1 . VAL A 1 86  ? -2.50623  7.34245   11.05429  1.000 38.96117 ? 86  VAL A CG1 1 
ATOM   643  C CG2 . VAL A 1 86  ? -1.33032  5.28959   11.83986  1.000 45.15962 ? 86  VAL A CG2 1 
ATOM   644  N N   . ILE A 1 87  ? -3.99932  3.17041   9.77070   1.000 35.44106 ? 87  ILE A N   1 
ATOM   645  C CA  . ILE A 1 87  ? -3.97157  1.74924   9.44752   1.000 36.66990 ? 87  ILE A CA  1 
ATOM   646  C C   . ILE A 1 87  ? -2.80211  1.50410   8.50649   1.000 40.07903 ? 87  ILE A C   1 
ATOM   647  O O   . ILE A 1 87  ? -2.78736  2.01238   7.37896   1.000 51.04115 ? 87  ILE A O   1 
ATOM   648  C CB  . ILE A 1 87  ? -5.29197  1.28612   8.81512   1.000 43.32754 ? 87  ILE A CB  1 
ATOM   649  C CG1 . ILE A 1 87  ? -6.47989  1.74662   9.65857   1.000 40.42127 ? 87  ILE A CG1 1 
ATOM   650  C CG2 . ILE A 1 87  ? -5.30454  -0.22346  8.65620   1.000 47.03147 ? 87  ILE A CG2 1 
ATOM   651  C CD1 . ILE A 1 87  ? -7.74872  1.93635   8.86543   1.000 42.36679 ? 87  ILE A CD1 1 
ATOM   652  N N   . THR A 1 88  ? -1.82884  0.71986   8.96187   1.000 40.39191 ? 88  THR A N   1 
ATOM   653  C CA  . THR A 1 88  ? -0.64130  0.39851   8.18235   1.000 43.95212 ? 88  THR A CA  1 
ATOM   654  C C   . THR A 1 88  ? -0.62293  -1.09226  7.88087   1.000 48.13535 ? 88  THR A C   1 
ATOM   655  O O   . THR A 1 88  ? -0.86708  -1.91278  8.77136   1.000 57.19361 ? 88  THR A O   1 
ATOM   656  C CB  . THR A 1 88  ? 0.63712   0.80065   8.92217   1.000 44.76686 ? 88  THR A CB  1 
ATOM   657  O OG1 . THR A 1 88  ? 0.85348   -0.08858  10.02461  1.000 55.12757 ? 88  THR A OG1 1 
ATOM   658  C CG2 . THR A 1 88  ? 0.52968   2.22502   9.43885   1.000 47.49090 ? 88  THR A CG2 1 
ATOM   659  N N   . ALA A 1 89  ? -0.33259  -1.43671  6.62981   1.000 41.35289 ? 89  ALA A N   1 
ATOM   660  C CA  . ALA A 1 89  ? -0.27127  -2.81903  6.18064   1.000 42.74576 ? 89  ALA A CA  1 
ATOM   661  C C   . ALA A 1 89  ? 1.13495   -3.13442  5.69477   1.000 49.94257 ? 89  ALA A C   1 
ATOM   662  O O   . ALA A 1 89  ? 1.73305   -2.35310  4.94932   1.000 56.96467 ? 89  ALA A O   1 
ATOM   663  C CB  . ALA A 1 89  ? -1.28355  -3.08398  5.06442   1.000 48.13975 ? 89  ALA A CB  1 
ATOM   664  N N   . GLN A 1 90  ? 1.65745   -4.28209  6.11665   1.000 50.63278 ? 90  GLN A N   1 
ATOM   665  C CA  . GLN A 1 90  ? 3.01264   -4.70047  5.79132   1.000 44.35765 ? 90  GLN A CA  1 
ATOM   666  C C   . GLN A 1 90  ? 2.97699   -5.97022  4.95384   1.000 49.65354 ? 90  GLN A C   1 
ATOM   667  O O   . GLN A 1 90  ? 2.24057   -6.91119  5.26562   1.000 59.01584 ? 90  GLN A O   1 
ATOM   668  C CB  . GLN A 1 90  ? 3.83541   -4.93396  7.06052   1.000 40.23397 ? 90  GLN A CB  1 
ATOM   669  C CG  . GLN A 1 90  ? 5.24846   -5.41614  6.80233   1.000 45.72760 ? 90  GLN A CG  1 
ATOM   670  C CD  . GLN A 1 90  ? 6.17090   -5.16775  7.97517   1.000 51.85629 ? 90  GLN A CD  1 
ATOM   671  O OE1 . GLN A 1 90  ? 5.92110   -5.63448  9.08538   1.000 56.71032 ? 90  GLN A OE1 1 
ATOM   672  N NE2 . GLN A 1 90  ? 7.24713   -4.42982  7.73489   1.000 50.16224 ? 90  GLN A NE2 1 
ATOM   673  N N   . MET A 1 91  ? 3.77691   -5.99052  3.89090   1.000 50.70172 ? 91  MET A N   1 
ATOM   674  C CA  . MET A 1 91  ? 3.84547   -7.14437  3.00885   1.000 46.53935 ? 91  MET A CA  1 
ATOM   675  C C   . MET A 1 91  ? 4.60967   -8.28339  3.68261   1.000 50.43186 ? 91  MET A C   1 
ATOM   676  O O   . MET A 1 91  ? 5.09272   -8.17001  4.81267   1.000 61.63066 ? 91  MET A O   1 
ATOM   677  C CB  . MET A 1 91  ? 4.50485   -6.76157  1.68782   1.000 49.76664 ? 91  MET A CB  1 
ATOM   678  C CG  . MET A 1 91  ? 3.72424   -5.75765  0.86584   1.000 50.17578 ? 91  MET A CG  1 
ATOM   679  S SD  . MET A 1 91  ? 2.21859   -6.44705  0.16640   1.000 55.93532 ? 91  MET A SD  1 
ATOM   680  C CE  . MET A 1 91  ? 1.35062   -4.94670  -0.26389  1.000 57.39162 ? 91  MET A CE  1 
ATOM   681  N N   . ALA A 1 92  ? 4.72130   -9.39933  2.96924   1.000 48.53604 ? 92  ALA A N   1 
ATOM   682  C CA  . ALA A 1 92  ? 5.42232   -10.57123 3.46740   1.000 50.34998 ? 92  ALA A CA  1 
ATOM   683  C C   . ALA A 1 92  ? 6.89047   -10.50896 3.04896   1.000 54.99693 ? 92  ALA A C   1 
ATOM   684  O O   . ALA A 1 92  ? 7.37294   -9.49420  2.53975   1.000 64.28456 ? 92  ALA A O   1 
ATOM   685  C CB  . ALA A 1 92  ? 4.74024   -11.84367 2.97183   1.000 53.10547 ? 92  ALA A CB  1 
ATOM   686  N N   . SER A 1 93  ? 7.62102   -11.60421 3.26258   1.000 50.84642 ? 93  SER A N   1 
ATOM   687  C CA  . SER A 1 93  ? 9.03147   -11.66718 2.91402   1.000 49.32412 ? 93  SER A CA  1 
ATOM   688  C C   . SER A 1 93  ? 9.38085   -12.82612 1.99099   1.000 55.85582 ? 93  SER A C   1 
ATOM   689  O O   . SER A 1 93  ? 10.54381  -12.94412 1.59123   1.000 61.00529 ? 93  SER A O   1 
ATOM   690  C CB  . SER A 1 93  ? 9.89219   -11.75653 4.18245   1.000 52.28665 ? 93  SER A CB  1 
ATOM   691  O OG  . SER A 1 93  ? 9.39187   -10.90263 5.19575   1.000 59.47421 ? 93  SER A OG  1 
ATOM   692  N N   . SER A 1 94  ? 8.42132   -13.68071 1.64427   1.000 55.53626 ? 94  SER A N   1 
ATOM   693  C CA  . SER A 1 94  ? 8.66079   -14.79403 0.73954   1.000 53.98634 ? 94  SER A CA  1 
ATOM   694  C C   . SER A 1 94  ? 7.43043   -15.00703 -0.12852  1.000 57.77705 ? 94  SER A C   1 
ATOM   695  O O   . SER A 1 94  ? 6.30781   -14.69089 0.27403   1.000 64.16407 ? 94  SER A O   1 
ATOM   696  C CB  . SER A 1 94  ? 8.99631   -16.08186 1.50187   1.000 57.84457 ? 94  SER A CB  1 
ATOM   697  O OG  . SER A 1 94  ? 9.75957   -15.80517 2.66303   1.000 62.74389 ? 94  SER A OG  1 
ATOM   698  N N   . ASN A 1 95  ? 7.65733   -15.55230 -1.32550  1.000 54.03597 ? 95  ASN A N   1 
ATOM   699  C CA  . ASN A 1 95  ? 6.59558   -15.79070 -2.30698  1.000 53.13299 ? 95  ASN A CA  1 
ATOM   700  C C   . ASN A 1 95  ? 5.86128   -14.49766 -2.65667  1.000 55.61720 ? 95  ASN A C   1 
ATOM   701  O O   . ASN A 1 95  ? 4.65369   -14.49229 -2.90138  1.000 60.58133 ? 95  ASN A O   1 
ATOM   702  C CB  . ASN A 1 95  ? 5.61305   -16.85973 -1.82058  1.000 55.02464 ? 95  ASN A CB  1 
ATOM   703  C CG  . ASN A 1 95  ? 6.21801   -18.25265 -1.80518  1.000 61.30652 ? 95  ASN A CG  1 
ATOM   704  O OD1 . ASN A 1 95  ? 7.43358   -18.41072 -1.91410  1.000 62.47991 ? 95  ASN A OD1 1 
ATOM   705  N ND2 . ASN A 1 95  ? 5.37548   -19.26817 -1.65958  1.000 63.28601 ? 95  ASN A ND2 1 
ATOM   706  N N   . VAL A 1 96  ? 6.60056   -13.38995 -2.67781  1.000 48.04729 ? 96  VAL A N   1 
ATOM   707  C CA  . VAL A 1 96  ? 6.06594   -12.07872 -3.02112  1.000 44.53638 ? 96  VAL A CA  1 
ATOM   708  C C   . VAL A 1 96  ? 7.01771   -11.44470 -4.02770  1.000 53.77772 ? 96  VAL A C   1 
ATOM   709  O O   . VAL A 1 96  ? 8.20109   -11.79151 -4.08907  1.000 60.16366 ? 96  VAL A O   1 
ATOM   710  C CB  . VAL A 1 96  ? 5.89089   -11.18762 -1.76368  1.000 51.24187 ? 96  VAL A CB  1 
ATOM   711  C CG1 . VAL A 1 96  ? 5.28628   -9.83554  -2.11181  1.000 55.89523 ? 96  VAL A CG1 1 
ATOM   712  C CG2 . VAL A 1 96  ? 5.03228   -11.88889 -0.72451  1.000 55.67459 ? 96  VAL A CG2 1 
ATOM   713  N N   . ASN A 1 97  ? 6.49050   -10.52362 -4.83360  1.000 53.93906 ? 97  ASN A N   1 
ATOM   714  C CA  . ASN A 1 97  ? 7.31091   -9.82310  -5.81266  1.000 46.56390 ? 97  ASN A CA  1 
ATOM   715  C C   . ASN A 1 97  ? 8.46625   -9.10398  -5.12711  1.000 52.90481 ? 97  ASN A C   1 
ATOM   716  O O   . ASN A 1 97  ? 8.31833   -8.55548  -4.03154  1.000 62.23730 ? 97  ASN A O   1 
ATOM   717  C CB  . ASN A 1 97  ? 6.46111   -8.82631  -6.59918  1.000 47.54709 ? 97  ASN A CB  1 
ATOM   718  C CG  . ASN A 1 97  ? 6.96458   -8.62070  -8.01137  1.000 55.98408 ? 97  ASN A CG  1 
ATOM   719  O OD1 . ASN A 1 97  ? 7.63588   -9.48424  -8.57495  1.000 60.13883 ? 97  ASN A OD1 1 
ATOM   720  N ND2 . ASN A 1 97  ? 6.64079   -7.47327  -8.59340  1.000 57.66207 ? 97  ASN A ND2 1 
ATOM   721  N N   . ASN A 1 98  ? 9.62870   -9.11730  -5.78387  1.000 45.95412 ? 98  ASN A N   1 
ATOM   722  C CA  . ASN A 1 98  ? 10.84898  -8.61697  -5.15916  1.000 45.80421 ? 98  ASN A CA  1 
ATOM   723  C C   . ASN A 1 98  ? 10.78041  -7.12259  -4.87504  1.000 53.73101 ? 98  ASN A C   1 
ATOM   724  O O   . ASN A 1 98  ? 11.46306  -6.63362  -3.96790  1.000 58.45212 ? 98  ASN A O   1 
ATOM   725  C CB  . ASN A 1 98  ? 12.05156  -8.92828  -6.04894  1.000 42.76702 ? 98  ASN A CB  1 
ATOM   726  C CG  . ASN A 1 98  ? 13.34078  -9.04652  -5.26580  1.000 50.03486 ? 98  ASN A CG  1 
ATOM   727  O OD1 . ASN A 1 98  ? 13.35902  -9.57253  -4.15395  1.000 55.07726 ? 98  ASN A OD1 1 
ATOM   728  N ND2 . ASN A 1 98  ? 14.43047  -8.55746  -5.84405  1.000 52.53715 ? 98  ASN A ND2 1 
ATOM   729  N N   . GLU A 1 99  ? 9.96987   -6.38185  -5.62985  1.000 55.48465 ? 99  GLU A N   1 
ATOM   730  C CA  . GLU A 1 99  ? 9.94112   -4.93214  -5.49259  1.000 50.30776 ? 99  GLU A CA  1 
ATOM   731  C C   . GLU A 1 99  ? 9.08760   -4.45599  -4.32440  1.000 52.74082 ? 99  GLU A C   1 
ATOM   732  O O   . GLU A 1 99  ? 9.20715   -3.29291  -3.92583  1.000 58.34154 ? 99  GLU A O   1 
ATOM   733  C CB  . GLU A 1 99  ? 9.43549   -4.29682  -6.78857  1.000 54.87678 ? 99  GLU A CB  1 
ATOM   734  C CG  . GLU A 1 99  ? 10.10853  -4.82919  -8.04127  1.000 55.41865 ? 99  GLU A CG  1 
ATOM   735  C CD  . GLU A 1 99  ? 11.51748  -4.30067  -8.21593  1.000 63.13503 ? 99  GLU A CD  1 
ATOM   736  O OE1 . GLU A 1 99  ? 12.45839  -4.92170  -7.67841  1.000 64.35446 ? 99  GLU A OE1 1 
ATOM   737  O OE2 . GLU A 1 99  ? 11.68503  -3.26349  -8.89124  1.000 65.17695 ? 99  GLU A OE2 1 
ATOM   738  N N   . ILE A 1 100 ? 8.23859   -5.31574  -3.76478  1.000 45.05525 ? 100 ILE A N   1 
ATOM   739  C CA  . ILE A 1 100 ? 7.34021   -4.90866  -2.68983  1.000 43.66864 ? 100 ILE A CA  1 
ATOM   740  C C   . ILE A 1 100 ? 7.51880   -5.82251  -1.48557  1.000 50.37861 ? 100 ILE A C   1 
ATOM   741  O O   . ILE A 1 100 ? 6.57386   -6.05682  -0.72483  1.000 55.72133 ? 100 ILE A O   1 
ATOM   742  C CB  . ILE A 1 100 ? 5.87447   -4.89758  -3.15987  1.000 44.42764 ? 100 ILE A CB  1 
ATOM   743  C CG1 . ILE A 1 100 ? 5.49877   -6.23766  -3.79009  1.000 48.16548 ? 100 ILE A CG1 1 
ATOM   744  C CG2 . ILE A 1 100 ? 5.63842   -3.76122  -4.13856  1.000 51.05781 ? 100 ILE A CG2 1 
ATOM   745  C CD1 . ILE A 1 100 ? 4.07770   -6.66093  -3.50210  1.000 53.84490 ? 100 ILE A CD1 1 
ATOM   746  N N   . LYS A 1 101 ? 8.72790   -6.34359  -1.30383  1.000 48.57085 ? 101 LYS A N   1 
ATOM   747  C CA  . LYS A 1 101 ? 9.01926   -7.23040  -0.18496  1.000 40.32444 ? 101 LYS A CA  1 
ATOM   748  C C   . LYS A 1 101 ? 9.31046   -6.40643  1.06424   1.000 44.23686 ? 101 LYS A C   1 
ATOM   749  O O   . LYS A 1 101 ? 10.29667  -5.66336  1.10867   1.000 51.16528 ? 101 LYS A O   1 
ATOM   750  C CB  . LYS A 1 101 ? 10.20209  -8.13351  -0.52326  1.000 41.03113 ? 101 LYS A CB  1 
ATOM   751  C CG  . LYS A 1 101 ? 10.07499  -9.54960  0.00165   1.000 51.47707 ? 101 LYS A CG  1 
ATOM   752  C CD  . LYS A 1 101 ? 11.18570  -10.43584 -0.53469  1.000 50.05002 ? 101 LYS A CD  1 
ATOM   753  C CE  . LYS A 1 101 ? 10.90251  -10.87693 -1.95871  1.000 46.50405 ? 101 LYS A CE  1 
ATOM   754  N NZ  . LYS A 1 101 ? 11.47691  -12.21922 -2.24452  1.000 43.13325 ? 101 LYS A NZ  1 
ATOM   755  N N   . GLY A 1 102 ? 8.45562   -6.53728  2.07578   1.000 46.57396 ? 102 GLY A N   1 
ATOM   756  C CA  . GLY A 1 102 ? 8.66747   -5.84239  3.33062   1.000 44.95102 ? 102 GLY A CA  1 
ATOM   757  C C   . GLY A 1 102 ? 8.33789   -4.36747  3.32107   1.000 50.69182 ? 102 GLY A C   1 
ATOM   758  O O   . GLY A 1 102 ? 8.90974   -3.60974  4.11070   1.000 52.57527 ? 102 GLY A O   1 
ATOM   759  N N   . LYS A 1 103 ? 7.42965   -3.93434  2.45417   1.000 50.13086 ? 103 LYS A N   1 
ATOM   760  C CA  . LYS A 1 103 ? 7.05130   -2.53372  2.34379   1.000 50.51053 ? 103 LYS A CA  1 
ATOM   761  C C   . LYS A 1 103 ? 5.72900   -2.27662  3.05872   1.000 50.52054 ? 103 LYS A C   1 
ATOM   762  O O   . LYS A 1 103 ? 4.97443   -3.20024  3.37209   1.000 56.67213 ? 103 LYS A O   1 
ATOM   763  C CB  . LYS A 1 103 ? 6.94529   -2.11693  0.87490   1.000 52.84849 ? 103 LYS A CB  1 
ATOM   764  C CG  . LYS A 1 103 ? 8.19091   -2.40857  0.05195   1.000 49.67653 ? 103 LYS A CG  1 
ATOM   765  C CD  . LYS A 1 103 ? 9.45551   -1.99608  0.78426   1.000 49.44653 ? 103 LYS A CD  1 
ATOM   766  C CE  . LYS A 1 103 ? 10.56128  -1.63198  -0.18878  1.000 51.68141 ? 103 LYS A CE  1 
ATOM   767  N NZ  . LYS A 1 103 ? 11.90079  -2.01660  0.33151   1.000 52.97676 ? 103 LYS A NZ  1 
ATOM   768  N N   . LYS A 1 104 ? 5.45449   -0.99723  3.31470   1.000 44.45740 ? 104 LYS A N   1 
ATOM   769  C CA  . LYS A 1 104 ? 4.28114   -0.58928  4.07307   1.000 42.33285 ? 104 LYS A CA  1 
ATOM   770  C C   . LYS A 1 104 ? 3.54558   0.54210   3.36835   1.000 48.56839 ? 104 LYS A C   1 
ATOM   771  O O   . LYS A 1 104 ? 4.14637   1.35224   2.65776   1.000 56.27523 ? 104 LYS A O   1 
ATOM   772  C CB  . LYS A 1 104 ? 4.65666   -0.13688  5.49100   1.000 42.04605 ? 104 LYS A CB  1 
ATOM   773  C CG  . LYS A 1 104 ? 5.58703   -1.07904  6.22823   1.000 46.99693 ? 104 LYS A CG  1 
ATOM   774  C CD  . LYS A 1 104 ? 6.34969   -0.35256  7.32038   1.000 50.02955 ? 104 LYS A CD  1 
ATOM   775  C CE  . LYS A 1 104 ? 5.62844   -0.44602  8.65131   1.000 48.92477 ? 104 LYS A CE  1 
ATOM   776  N NZ  . LYS A 1 104 ? 6.57602   -0.39178  9.79703   1.000 52.04262 ? 104 LYS A NZ  1 
ATOM   777  N N   . LEU A 1 105 ? 2.23058   0.58332   3.57799   1.000 40.73955 ? 105 LEU A N   1 
ATOM   778  C CA  . LEU A 1 105 ? 1.38746   1.68945   3.14805   1.000 35.06466 ? 105 LEU A CA  1 
ATOM   779  C C   . LEU A 1 105 ? 0.38634   1.98525   4.25539   1.000 38.86688 ? 105 LEU A C   1 
ATOM   780  O O   . LEU A 1 105 ? 0.05642   1.11538   5.06459   1.000 51.18858 ? 105 LEU A O   1 
ATOM   781  C CB  . LEU A 1 105 ? 0.66335   1.38395   1.83015   1.000 36.66354 ? 105 LEU A CB  1 
ATOM   782  C CG  . LEU A 1 105 ? -0.21043  0.13134   1.77915   1.000 43.13120 ? 105 LEU A CG  1 
ATOM   783  C CD1 . LEU A 1 105 ? -1.68162  0.49960   1.85118   1.000 45.76149 ? 105 LEU A CD1 1 
ATOM   784  C CD2 . LEU A 1 105 ? 0.08024   -0.66713  0.52213   1.000 47.08759 ? 105 LEU A CD2 1 
ATOM   785  N N   . SER A 1 106 ? -0.10100  3.22432   4.28782   1.000 35.93671 ? 106 SER A N   1 
ATOM   786  C CA  . SER A 1 106 ? -0.91679  3.68420   5.40170   1.000 34.62234 ? 106 SER A CA  1 
ATOM   787  C C   . SER A 1 106 ? -2.18872  4.35109   4.90064   1.000 41.46082 ? 106 SER A C   1 
ATOM   788  O O   . SER A 1 106 ? -2.24433  4.86699   3.78178   1.000 50.50007 ? 106 SER A O   1 
ATOM   789  C CB  . SER A 1 106 ? -0.14425  4.65988   6.29628   1.000 40.53828 ? 106 SER A CB  1 
ATOM   790  O OG  . SER A 1 106 ? -1.02560  5.39719   7.12477   1.000 43.25543 ? 106 SER A OG  1 
ATOM   791  N N   . LEU A 1 107 ? -3.21288  4.32776   5.75239   1.000 39.56781 ? 107 LEU A N   1 
ATOM   792  C CA  . LEU A 1 107 ? -4.48482  4.99435   5.50827   1.000 40.12590 ? 107 LEU A CA  1 
ATOM   793  C C   . LEU A 1 107 ? -4.85257  5.80299   6.74238   1.000 45.65627 ? 107 LEU A C   1 
ATOM   794  O O   . LEU A 1 107 ? -4.76013  5.29801   7.86560   1.000 50.18318 ? 107 LEU A O   1 
ATOM   795  C CB  . LEU A 1 107 ? -5.59285  3.98596   5.19328   1.000 38.23857 ? 107 LEU A CB  1 
ATOM   796  C CG  . LEU A 1 107 ? -5.81185  3.60918   3.72918   1.000 46.17876 ? 107 LEU A CG  1 
ATOM   797  C CD1 . LEU A 1 107 ? -4.82204  2.54011   3.29696   1.000 45.71437 ? 107 LEU A CD1 1 
ATOM   798  C CD2 . LEU A 1 107 ? -7.23913  3.14099   3.51218   1.000 41.07338 ? 107 LEU A CD2 1 
ATOM   799  N N   . TRP A 1 108 ? -5.26892  7.05030   6.53741   1.000 41.21241 ? 108 TRP A N   1 
ATOM   800  C CA  . TRP A 1 108 ? -5.63467  7.91511   7.64890   1.000 34.42813 ? 108 TRP A CA  1 
ATOM   801  C C   . TRP A 1 108 ? -6.75498  8.84574   7.21264   1.000 42.01971 ? 108 TRP A C   1 
ATOM   802  O O   . TRP A 1 108 ? -6.97973  9.06393   6.01947   1.000 50.78475 ? 108 TRP A O   1 
ATOM   803  C CB  . TRP A 1 108 ? -4.43233  8.71524   8.16360   1.000 36.93266 ? 108 TRP A CB  1 
ATOM   804  C CG  . TRP A 1 108 ? -3.95862  9.78732   7.23529   1.000 36.26004 ? 108 TRP A CG  1 
ATOM   805  C CD1 . TRP A 1 108 ? -4.18500  11.12575  7.34902   1.000 41.14726 ? 108 TRP A CD1 1 
ATOM   806  C CD2 . TRP A 1 108 ? -3.16095  9.61430   6.05918   1.000 39.78576 ? 108 TRP A CD2 1 
ATOM   807  N NE1 . TRP A 1 108 ? -3.58460  11.79743  6.31344   1.000 38.26571 ? 108 TRP A NE1 1 
ATOM   808  C CE2 . TRP A 1 108 ? -2.94908  10.89107  5.50742   1.000 38.33137 ? 108 TRP A CE2 1 
ATOM   809  C CE3 . TRP A 1 108 ? -2.60817  8.50298   5.41732   1.000 42.31154 ? 108 TRP A CE3 1 
ATOM   810  C CZ2 . TRP A 1 108 ? -2.21039  11.08736  4.34574   1.000 42.12171 ? 108 TRP A CZ2 1 
ATOM   811  C CZ3 . TRP A 1 108 ? -1.87544  8.70079   4.26439   1.000 35.68711 ? 108 TRP A CZ3 1 
ATOM   812  C CH2 . TRP A 1 108 ? -1.68294  9.98186   3.74065   1.000 39.02945 ? 108 TRP A CH2 1 
ATOM   813  N N   . ALA A 1 109 ? -7.45908  9.39425   8.20025   1.000 40.41533 ? 109 ALA A N   1 
ATOM   814  C CA  . ALA A 1 109 ? -8.62557  10.22711  7.95701   1.000 37.70189 ? 109 ALA A CA  1 
ATOM   815  C C   . ALA A 1 109 ? -8.48681  11.55834  8.67933   1.000 38.00560 ? 109 ALA A C   1 
ATOM   816  O O   . ALA A 1 109 ? -7.84820  11.65222  9.73071   1.000 45.95395 ? 109 ALA A O   1 
ATOM   817  C CB  . ALA A 1 109 ? -9.91468  9.53052   8.40775   1.000 39.15184 ? 109 ALA A CB  1 
ATOM   818  N N   . LYS A 1 110 ? -9.09635  12.58899  8.09820   1.000 47.08035 ? 110 LYS A N   1 
ATOM   819  C CA  . LYS A 1 110 ? -9.14920  13.92040  8.68306   1.000 45.62191 ? 110 LYS A CA  1 
ATOM   820  C C   . LYS A 1 110 ? -10.60112 14.36329  8.77125   1.000 47.76599 ? 110 LYS A C   1 
ATOM   821  O O   . LYS A 1 110 ? -11.40050 14.07422  7.87647   1.000 55.00532 ? 110 LYS A O   1 
ATOM   822  C CB  . LYS A 1 110 ? -8.34179  14.92804  7.85911   1.000 45.65713 ? 110 LYS A CB  1 
ATOM   823  C CG  . LYS A 1 110 ? -6.95338  15.20640  8.40323   1.000 47.47449 ? 110 LYS A CG  1 
ATOM   824  C CD  . LYS A 1 110 ? -6.35278  16.44722  7.76536   1.000 51.39301 ? 110 LYS A CD  1 
ATOM   825  C CE  . LYS A 1 110 ? -4.83835  16.45223  7.88585   1.000 50.49048 ? 110 LYS A CE  1 
ATOM   826  N NZ  . LYS A 1 110 ? -4.20337  15.48390  6.95069   1.000 54.62399 ? 110 LYS A NZ  1 
ATOM   827  N N   . ARG A 1 111 ? -10.93894 15.06400  9.84859   1.000 42.22948 ? 111 ARG A N   1 
ATOM   828  C CA  . ARG A 1 111 ? -12.30944 15.48142  10.11099  1.000 43.78723 ? 111 ARG A CA  1 
ATOM   829  C C   . ARG A 1 111 ? -12.51875 16.91519  9.64483   1.000 49.59424 ? 111 ARG A C   1 
ATOM   830  O O   . ARG A 1 111 ? -11.73193 17.80530  9.98372   1.000 52.48882 ? 111 ARG A O   1 
ATOM   831  C CB  . ARG A 1 111 ? -12.64050 15.36131  11.59853  1.000 40.93684 ? 111 ARG A CB  1 
ATOM   832  C CG  . ARG A 1 111 ? -13.92216 16.06880  12.00351  1.000 42.40179 ? 111 ARG A CG  1 
ATOM   833  C CD  . ARG A 1 111 ? -13.73888 16.84744  13.29309  1.000 48.10891 ? 111 ARG A CD  1 
ATOM   834  N NE  . ARG A 1 111 ? -14.86493 17.73282  13.56225  1.000 47.57695 ? 111 ARG A NE  1 
ATOM   835  C CZ  . ARG A 1 111 ? -14.82627 19.05206  13.43884  1.000 48.25682 ? 111 ARG A CZ  1 
ATOM   836  N NH1 . ARG A 1 111 ? -13.72739 19.67792  13.05139  1.000 48.05443 ? 111 ARG A NH1 1 
ATOM   837  N NH2 . ARG A 1 111 ? -15.91749 19.76130  13.71139  1.000 44.37094 ? 111 ARG A NH2 1 
ATOM   838  N N   . GLN A 1 112 ? -13.57734 17.13189  8.87236   1.000 53.93246 ? 112 GLN A N   1 
ATOM   839  C CA  . GLN A 1 112 ? -13.97487 18.45082  8.40676   1.000 50.13033 ? 112 GLN A CA  1 
ATOM   840  C C   . GLN A 1 112 ? -15.26715 18.86919  9.10122   1.000 55.37392 ? 112 GLN A C   1 
ATOM   841  O O   . GLN A 1 112 ? -15.79370 18.16661  9.96866   1.000 57.49342 ? 112 GLN A O   1 
ATOM   842  C CB  . GLN A 1 112 ? -14.13435 18.46184  6.88552   1.000 46.03024 ? 112 GLN A CB  1 
ATOM   843  C CG  . GLN A 1 112 ? -13.00650 17.77433  6.14049   1.000 49.13676 ? 112 GLN A CG  1 
ATOM   844  C CD  . GLN A 1 112 ? -11.81400 18.68245  5.92930   1.000 53.00238 ? 112 GLN A CD  1 
ATOM   845  O OE1 . GLN A 1 112 ? -11.90372 19.89576  6.11312   1.000 54.57286 ? 112 GLN A OE1 1 
ATOM   846  N NE2 . GLN A 1 112 ? -10.68647 18.09865  5.54258   1.000 53.10176 ? 112 GLN A NE2 1 
ATOM   847  N N   . ASP A 1 113 ? -15.78132 20.03455  8.70808   1.000 54.23135 ? 113 ASP A N   1 
ATOM   848  C CA  . ASP A 1 113 ? -16.97672 20.57583  9.34054   1.000 53.02764 ? 113 ASP A CA  1 
ATOM   849  C C   . ASP A 1 113 ? -18.25660 19.88901  8.88480   1.000 55.90281 ? 113 ASP A C   1 
ATOM   850  O O   . ASP A 1 113 ? -19.28367 20.02155  9.55789   1.000 57.62919 ? 113 ASP A O   1 
ATOM   851  C CB  . ASP A 1 113 ? -17.07998 22.07794  9.07156   1.000 56.50947 ? 113 ASP A CB  1 
ATOM   852  C CG  . ASP A 1 113 ? -16.40360 22.90857  10.14272  1.000 63.51918 ? 113 ASP A CG  1 
ATOM   853  O OD1 . ASP A 1 113 ? -16.10111 22.35680  11.22142  1.000 65.26062 ? 113 ASP A OD1 1 
ATOM   854  O OD2 . ASP A 1 113 ? -16.17449 24.11341  9.90676   1.000 62.60225 ? 113 ASP A OD2 1 
ATOM   855  N N   . GLY A 1 114 ? -18.22678 19.16633  7.76832   1.000 54.72779 ? 114 GLY A N   1 
ATOM   856  C CA  . GLY A 1 114 ? -19.42445 18.50910  7.28442   1.000 52.12922 ? 114 GLY A CA  1 
ATOM   857  C C   . GLY A 1 114 ? -19.19369 17.14752  6.66279   1.000 52.68025 ? 114 GLY A C   1 
ATOM   858  O O   . GLY A 1 114 ? -20.12308 16.55152  6.11076   1.000 58.09958 ? 114 GLY A O   1 
ATOM   859  N N   . SER A 1 115 ? -17.96716 16.63988  6.74735   1.000 47.22858 ? 115 SER A N   1 
ATOM   860  C CA  . SER A 1 115 ? -17.63932 15.34316  6.17093   1.000 46.03535 ? 115 SER A CA  1 
ATOM   861  C C   . SER A 1 115 ? -16.33754 14.84726  6.78243   1.000 49.81778 ? 115 SER A C   1 
ATOM   862  O O   . SER A 1 115 ? -15.59819 15.60141  7.41846   1.000 55.90384 ? 115 SER A O   1 
ATOM   863  C CB  . SER A 1 115 ? -17.53044 15.42117  4.64557   1.000 50.77729 ? 115 SER A CB  1 
ATOM   864  O OG  . SER A 1 115 ? -16.42688 16.21844  4.25466   1.000 55.04497 ? 115 SER A OG  1 
ATOM   865  N N   . VAL A 1 116 ? -16.06984 13.55971  6.58277   1.000 43.92063 ? 116 VAL A N   1 
ATOM   866  C CA  . VAL A 1 116 ? -14.82488 12.92840  7.00504   1.000 41.48619 ? 116 VAL A CA  1 
ATOM   867  C C   . VAL A 1 116 ? -14.15150 12.35922  5.76497   1.000 49.43121 ? 116 VAL A C   1 
ATOM   868  O O   . VAL A 1 116 ? -14.70759 11.47515  5.10154   1.000 51.80253 ? 116 VAL A O   1 
ATOM   869  C CB  . VAL A 1 116 ? -15.06379 11.83075  8.05296   1.000 37.72072 ? 116 VAL A CB  1 
ATOM   870  C CG1 . VAL A 1 116 ? -13.78348 11.05536  8.30694   1.000 40.60594 ? 116 VAL A CG1 1 
ATOM   871  C CG2 . VAL A 1 116 ? -15.58815 12.43529  9.34256   1.000 40.34921 ? 116 VAL A CG2 1 
ATOM   872  N N   . LYS A 1 117 ? -12.96056 12.86037  5.45473   1.000 41.82142 ? 117 LYS A N   1 
ATOM   873  C CA  . LYS A 1 117 ? -12.22010 12.44564  4.27378   1.000 35.44612 ? 117 LYS A CA  1 
ATOM   874  C C   . LYS A 1 117 ? -11.18774 11.38654  4.63580   1.000 42.22529 ? 117 LYS A C   1 
ATOM   875  O O   . LYS A 1 117 ? -10.61820 11.39611  5.72920   1.000 53.45026 ? 117 LYS A O   1 
ATOM   876  C CB  . LYS A 1 117 ? -11.52793 13.63966  3.61468   1.000 38.53488 ? 117 LYS A CB  1 
ATOM   877  C CG  . LYS A 1 117 ? -12.43735 14.83006  3.37469   1.000 44.90732 ? 117 LYS A CG  1 
ATOM   878  C CD  . LYS A 1 117 ? -11.63747 16.07424  3.02901   1.000 45.45628 ? 117 LYS A CD  1 
ATOM   879  C CE  . LYS A 1 117 ? -10.69197 15.81938  1.86900   1.000 42.73117 ? 117 LYS A CE  1 
ATOM   880  N NZ  . LYS A 1 117 ? -10.58288 17.00362  0.97540   1.000 45.85288 ? 117 LYS A NZ  1 
ATOM   881  N N   . TRP A 1 118 ? -10.95231 10.46951  3.70126   1.000 38.13775 ? 118 TRP A N   1 
ATOM   882  C CA  . TRP A 1 118 ? -9.99588  9.38714   3.87748   1.000 36.32780 ? 118 TRP A CA  1 
ATOM   883  C C   . TRP A 1 118 ? -8.88337  9.51025   2.84639   1.000 46.70896 ? 118 TRP A C   1 
ATOM   884  O O   . TRP A 1 118 ? -9.14005  9.79803   1.67326   1.000 53.45245 ? 118 TRP A O   1 
ATOM   885  C CB  . TRP A 1 118 ? -10.67726 8.02165   3.75440   1.000 38.26762 ? 118 TRP A CB  1 
ATOM   886  C CG  . TRP A 1 118 ? -11.34073 7.56833   5.01663   1.000 42.85878 ? 118 TRP A CG  1 
ATOM   887  C CD1 . TRP A 1 118 ? -12.66209 7.67465   5.33059   1.000 42.10355 ? 118 TRP A CD1 1 
ATOM   888  C CD2 . TRP A 1 118 ? -10.71206 6.93528   6.13687   1.000 45.57803 ? 118 TRP A CD2 1 
ATOM   889  N NE1 . TRP A 1 118 ? -12.89674 7.14783   6.57670   1.000 41.30831 ? 118 TRP A NE1 1 
ATOM   890  C CE2 . TRP A 1 118 ? -11.71466 6.68760   7.09295   1.000 40.47164 ? 118 TRP A CE2 1 
ATOM   891  C CE3 . TRP A 1 118 ? -9.39832  6.55493   6.42423   1.000 50.17982 ? 118 TRP A CE3 1 
ATOM   892  C CZ2 . TRP A 1 118 ? -11.44574 6.07759   8.31435   1.000 40.94490 ? 118 TRP A CZ2 1 
ATOM   893  C CZ3 . TRP A 1 118 ? -9.13412  5.94903   7.63775   1.000 48.19543 ? 118 TRP A CZ3 1 
ATOM   894  C CH2 . TRP A 1 118 ? -10.15229 5.71667   8.56712   1.000 43.75602 ? 118 TRP A CH2 1 
ATOM   895  N N   . PHE A 1 119 ? -7.64852  9.29193   3.29027   1.000 42.04533 ? 119 PHE A N   1 
ATOM   896  C CA  . PHE A 1 119 ? -6.47242  9.39060   2.44087   1.000 38.06327 ? 119 PHE A CA  1 
ATOM   897  C C   . PHE A 1 119 ? -5.72780  8.06277   2.42614   1.000 45.51054 ? 119 PHE A C   1 
ATOM   898  O O   . PHE A 1 119 ? -5.76432  7.30013   3.39618   1.000 51.62018 ? 119 PHE A O   1 
ATOM   899  C CB  . PHE A 1 119 ? -5.53273  10.50421  2.91667   1.000 42.84537 ? 119 PHE A CB  1 
ATOM   900  C CG  . PHE A 1 119 ? -6.13791  11.87663  2.85928   1.000 42.57768 ? 119 PHE A CG  1 
ATOM   901  C CD1 . PHE A 1 119 ? -6.87568  12.36796  3.92045   1.000 40.76874 ? 119 PHE A CD1 1 
ATOM   902  C CD2 . PHE A 1 119 ? -5.96300  12.67763  1.74597   1.000 46.44353 ? 119 PHE A CD2 1 
ATOM   903  C CE1 . PHE A 1 119 ? -7.43020  13.62938  3.87052   1.000 40.60446 ? 119 PHE A CE1 1 
ATOM   904  C CE2 . PHE A 1 119 ? -6.51562  13.93993  1.69108   1.000 47.25537 ? 119 PHE A CE2 1 
ATOM   905  C CZ  . PHE A 1 119 ? -7.24964  14.41580  2.75506   1.000 44.54638 ? 119 PHE A CZ  1 
ATOM   906  N N   . CYS A 1 120 ? -5.05093  7.79293   1.31208   1.000 51.87600 ? 120 CYS A N   1 
ATOM   907  C CA  . CYS A 1 120 ? -4.29823  6.56044   1.13136   1.000 50.10979 ? 120 CYS A CA  1 
ATOM   908  C C   . CYS A 1 120 ? -2.98615  6.86423   0.42541   1.000 56.46791 ? 120 CYS A C   1 
ATOM   909  O O   . CYS A 1 120 ? -2.95608  7.64358   -0.53080  1.000 62.68504 ? 120 CYS A O   1 
ATOM   910  C CB  . CYS A 1 120 ? -5.10599  5.53454   0.32832   1.000 51.21647 ? 120 CYS A CB  1 
ATOM   911  S SG  . CYS A 1 120 ? -4.12636  4.23118   -0.44134  1.000 73.60908 ? 120 CYS A SG  1 
ATOM   912  N N   . GLY A 1 121 ? -1.90454  6.24633   0.89664   1.000 43.10774 ? 121 GLY A N   1 
ATOM   913  C CA  . GLY A 1 121 ? -0.60649  6.45952   0.28675   1.000 41.20343 ? 121 GLY A CA  1 
ATOM   914  C C   . GLY A 1 121 ? 0.57579   5.99491   1.11244   1.000 42.04335 ? 121 GLY A C   1 
ATOM   915  O O   . GLY A 1 121 ? 0.57793   4.87985   1.64113   1.000 52.62135 ? 121 GLY A O   1 
ATOM   916  N N   . LEU A 1 122 ? 1.59031   6.84930   1.22446   1.000 35.85079 ? 122 LEU A N   1 
ATOM   917  C CA  . LEU A 1 122 ? 2.82079   6.49683   1.91042   1.000 38.51552 ? 122 LEU A CA  1 
ATOM   918  C C   . LEU A 1 122 ? 2.58955   6.39552   3.41801   1.000 45.89909 ? 122 LEU A C   1 
ATOM   919  O O   . LEU A 1 122 ? 1.60337   6.92083   3.94011   1.000 53.69527 ? 122 LEU A O   1 
ATOM   920  C CB  . LEU A 1 122 ? 3.90237   7.53133   1.60651   1.000 44.79002 ? 122 LEU A CB  1 
ATOM   921  C CG  . LEU A 1 122 ? 4.54175   7.46738   0.21748   1.000 46.83391 ? 122 LEU A CG  1 
ATOM   922  C CD1 . LEU A 1 122 ? 5.85030   8.23989   0.19412   1.000 47.09861 ? 122 LEU A CD1 1 
ATOM   923  C CD2 . LEU A 1 122 ? 4.76107   6.02865   -0.21360  1.000 42.94374 ? 122 LEU A CD2 1 
ATOM   924  N N   . PRO A 1 123 ? 3.47962   5.70578   4.13651   1.000 35.99599 ? 123 PRO A N   1 
ATOM   925  C CA  . PRO A 1 123 ? 3.30073   5.55842   5.58652   1.000 30.82440 ? 123 PRO A CA  1 
ATOM   926  C C   . PRO A 1 123 ? 3.25712   6.90143   6.30121   1.000 41.95263 ? 123 PRO A C   1 
ATOM   927  O O   . PRO A 1 123 ? 3.96191   7.84582   5.94004   1.000 48.93888 ? 123 PRO A O   1 
ATOM   928  C CB  . PRO A 1 123 ? 4.52210   4.73745   6.00972   1.000 38.17110 ? 123 PRO A CB  1 
ATOM   929  C CG  . PRO A 1 123 ? 4.88453   3.96874   4.79992   1.000 40.94286 ? 123 PRO A CG  1 
ATOM   930  C CD  . PRO A 1 123 ? 4.57822   4.86186   3.63501   1.000 41.34745 ? 123 PRO A CD  1 
ATOM   931  N N   . VAL A 1 124 ? 2.41705   6.97020   7.33152   1.000 41.26614 ? 124 VAL A N   1 
ATOM   932  C CA  . VAL A 1 124 ? 2.14975   8.19725   8.07278   1.000 33.01440 ? 124 VAL A CA  1 
ATOM   933  C C   . VAL A 1 124 ? 1.87272   7.83328   9.52645   1.000 45.99518 ? 124 VAL A C   1 
ATOM   934  O O   . VAL A 1 124 ? 1.18758   6.84436   9.80727   1.000 55.45710 ? 124 VAL A O   1 
ATOM   935  C CB  . VAL A 1 124 ? 0.96633   8.96909   7.45041   1.000 32.47533 ? 124 VAL A CB  1 
ATOM   936  C CG1 . VAL A 1 124 ? 0.26420   9.81201   8.48664   1.000 41.71102 ? 124 VAL A CG1 1 
ATOM   937  C CG2 . VAL A 1 124 ? 1.44424   9.83993   6.29951   1.000 38.29654 ? 124 VAL A CG2 1 
ATOM   938  N N   . ALA A 1 125 ? 2.40510   8.63204   10.45299  1.000 35.21091 ? 125 ALA A N   1 
ATOM   939  C CA  . ALA A 1 125 ? 2.24177   8.39158   11.87931  1.000 32.75865 ? 125 ALA A CA  1 
ATOM   940  C C   . ALA A 1 125 ? 1.69373   9.63387   12.56819  1.000 37.02590 ? 125 ALA A C   1 
ATOM   941  O O   . ALA A 1 125 ? 1.96115   10.76405  12.15274  1.000 46.94411 ? 125 ALA A O   1 
ATOM   942  C CB  . ALA A 1 125 ? 3.56684   7.98130   12.53265  1.000 38.25070 ? 125 ALA A CB  1 
ATOM   943  N N   . ARG A 1 126 ? 0.92441   9.40898   13.63247  1.000 45.33838 ? 126 ARG A N   1 
ATOM   944  C CA  . ARG A 1 126 ? 0.34800   10.47018  14.44542  1.000 41.34724 ? 126 ARG A CA  1 
ATOM   945  C C   . ARG A 1 126 ? 0.90144   10.38157  15.86224  1.000 47.30058 ? 126 ARG A C   1 
ATOM   946  O O   . ARG A 1 126 ? 1.23051   9.29574   16.34925  1.000 54.83032 ? 126 ARG A O   1 
ATOM   947  C CB  . ARG A 1 126 ? -1.18572  10.38440  14.47159  1.000 42.18695 ? 126 ARG A CB  1 
ATOM   948  C CG  . ARG A 1 126 ? -1.87154  11.59517  15.08522  1.000 43.42846 ? 126 ARG A CG  1 
ATOM   949  C CD  . ARG A 1 126 ? -3.38503  11.52047  14.95448  1.000 44.84732 ? 126 ARG A CD  1 
ATOM   950  N NE  . ARG A 1 126 ? -3.80569  10.96881  13.67309  1.000 46.27227 ? 126 ARG A NE  1 
ATOM   951  C CZ  . ARG A 1 126 ? -4.88303  11.36138  13.00791  1.000 44.14317 ? 126 ARG A CZ  1 
ATOM   952  N NH1 . ARG A 1 126 ? -5.67411  12.31248  13.47439  1.000 46.27493 ? 126 ARG A NH1 1 
ATOM   953  N NH2 . ARG A 1 126 ? -5.17426  10.78489  11.84597  1.000 43.04909 ? 126 ARG A NH2 1 
ATOM   954  N N   . ASP A 1 127 ? 1.00356   11.53534  16.52334  1.000 54.78331 ? 127 ASP A N   1 
ATOM   955  C CA  . ASP A 1 127 ? 1.63750   11.60653  17.83503  1.000 51.95411 ? 127 ASP A CA  1 
ATOM   956  C C   . ASP A 1 127 ? 0.71309   11.21066  18.97913  1.000 54.47747 ? 127 ASP A C   1 
ATOM   957  O O   . ASP A 1 127 ? 1.03357   10.27678  19.72298  1.000 59.06081 ? 127 ASP A O   1 
ATOM   958  C CB  . ASP A 1 127 ? 2.17299   13.01798  18.08353  1.000 54.18097 ? 127 ASP A CB  1 
ATOM   959  C CG  . ASP A 1 127 ? 3.67216   13.11195  17.89274  1.000 61.42956 ? 127 ASP A CG  1 
ATOM   960  O OD1 . ASP A 1 127 ? 4.23703   12.24909  17.18866  1.000 62.01344 ? 127 ASP A OD1 1 
ATOM   961  O OD2 . ASP A 1 127 ? 4.28633   14.04825  18.44588  1.000 64.77483 ? 127 ASP A OD2 1 
ATOM   962  N N   . ASP A 1 128 ? -0.41886  11.89160  19.14670  1.000 56.12867 ? 128 ASP A N   1 
ATOM   963  C CA  . ASP A 1 128 ? -1.32724  11.60415  20.24841  1.000 50.71952 ? 128 ASP A CA  1 
ATOM   964  C C   . ASP A 1 128 ? -2.71125  11.30412  19.68650  1.000 53.51170 ? 128 ASP A C   1 
ATOM   965  O O   . ASP A 1 128 ? -2.91787  11.26830  18.47045  1.000 61.25368 ? 128 ASP A O   1 
ATOM   966  C CB  . ASP A 1 128 ? -1.36683  12.76063  21.25190  1.000 52.98666 ? 128 ASP A CB  1 
ATOM   967  C CG  . ASP A 1 128 ? -1.24686  14.11435  20.58663  1.000 63.27143 ? 128 ASP A CG  1 
ATOM   968  O OD1 . ASP A 1 128 ? -1.54755  14.21186  19.37976  1.000 66.28538 ? 128 ASP A OD1 1 
ATOM   969  O OD2 . ASP A 1 128 ? -0.85147  15.08154  21.27059  1.000 62.78813 ? 128 ASP A OD2 1 
ATOM   970  N N   . THR A 1 129 ? -3.66453  11.08748  20.59014  1.000 44.13561 ? 129 THR A N   1 
ATOM   971  C CA  . THR A 1 129 ? -5.01502  10.67452  20.23386  1.000 45.73125 ? 129 THR A CA  1 
ATOM   972  C C   . THR A 1 129 ? -5.98159  11.84341  20.08958  1.000 50.72283 ? 129 THR A C   1 
ATOM   973  O O   . THR A 1 129 ? -7.18641  11.61613  19.94105  1.000 58.54074 ? 129 THR A O   1 
ATOM   974  C CB  . THR A 1 129 ? -5.55694  9.68943   21.27202  1.000 46.17181 ? 129 THR A CB  1 
ATOM   975  O OG1 . THR A 1 129 ? -5.18274  10.12256  22.58514  1.000 51.62715 ? 129 THR A OG1 1 
ATOM   976  C CG2 . THR A 1 129 ? -4.99832  8.29935   21.02711  1.000 53.39987 ? 129 THR A CG2 1 
ATOM   977  N N   . ASP A 1 130 ? -5.49056  13.07908  20.13830  1.000 53.54574 ? 130 ASP A N   1 
ATOM   978  C CA  . ASP A 1 130 ? -6.36528  14.23317  19.98929  1.000 48.56116 ? 130 ASP A CA  1 
ATOM   979  C C   . ASP A 1 130 ? -6.97350  14.26524  18.59212  1.000 56.27213 ? 130 ASP A C   1 
ATOM   980  O O   . ASP A 1 130 ? -6.37920  13.79566  17.61822  1.000 63.55768 ? 130 ASP A O   1 
ATOM   981  C CB  . ASP A 1 130 ? -5.59440  15.52455  20.25763  1.000 54.28130 ? 130 ASP A CB  1 
ATOM   982  C CG  . ASP A 1 130 ? -5.34186  15.75445  21.73248  1.000 61.67085 ? 130 ASP A CG  1 
ATOM   983  O OD1 . ASP A 1 130 ? -6.13884  15.25974  22.55631  1.000 59.18720 ? 130 ASP A OD1 1 
ATOM   984  O OD2 . ASP A 1 130 ? -4.34662  16.42945  22.06882  1.000 63.11181 ? 130 ASP A OD2 1 
ATOM   985  N N   . SER A 1 131 ? -8.17691  14.82934  18.50038  1.000 48.03200 ? 131 SER A N   1 
ATOM   986  C CA  . SER A 1 131 ? -8.92217  14.83472  17.24894  1.000 48.52009 ? 131 SER A CA  1 
ATOM   987  C C   . SER A 1 131 ? -8.44548  15.89561  16.26699  1.000 51.58694 ? 131 SER A C   1 
ATOM   988  O O   . SER A 1 131 ? -8.90308  15.89917  15.11947  1.000 53.99365 ? 131 SER A O   1 
ATOM   989  C CB  . SER A 1 131 ? -10.41268 15.03518  17.52904  1.000 49.04768 ? 131 SER A CB  1 
ATOM   990  O OG  . SER A 1 131 ? -11.03315 15.76323  16.48466  1.000 53.47109 ? 131 SER A OG  1 
ATOM   991  N N   . ALA A 1 132 ? -7.54683  16.78808  16.67830  1.000 53.29483 ? 132 ALA A N   1 
ATOM   992  C CA  . ALA A 1 132 ? -7.06858  17.85583  15.81414  1.000 49.31908 ? 132 ALA A CA  1 
ATOM   993  C C   . ALA A 1 132 ? -5.58355  17.76130  15.49920  1.000 52.06080 ? 132 ALA A C   1 
ATOM   994  O O   . ALA A 1 132 ? -5.05395  18.65061  14.82270  1.000 56.36571 ? 132 ALA A O   1 
ATOM   995  C CB  . ALA A 1 132 ? -7.36802  19.22326  16.44302  1.000 49.24505 ? 132 ALA A CB  1 
ATOM   996  N N   . THR A 1 133 ? -4.89727  16.72240  15.96596  1.000 53.08352 ? 133 THR A N   1 
ATOM   997  C CA  . THR A 1 133 ? -3.47038  16.59459  15.70864  1.000 52.50426 ? 133 THR A CA  1 
ATOM   998  C C   . THR A 1 133 ? -3.21328  16.27216  14.24237  1.000 54.54381 ? 133 THR A C   1 
ATOM   999  O O   . THR A 1 133 ? -3.89570  15.43751  13.64224  1.000 57.09026 ? 133 THR A O   1 
ATOM   1000 C CB  . THR A 1 133 ? -2.86257  15.50886  16.59496  1.000 50.91477 ? 133 THR A CB  1 
ATOM   1001 O OG1 . THR A 1 133 ? -3.22605  15.74523  17.96017  1.000 51.87066 ? 133 THR A OG1 1 
ATOM   1002 C CG2 . THR A 1 133 ? -1.34697  15.50951  16.47279  1.000 51.96445 ? 133 THR A CG2 1 
ATOM   1003 N N   . ASP A 1 134 ? -2.21757  16.94120  13.66708  1.000 58.24042 ? 134 ASP A N   1 
ATOM   1004 C CA  . ASP A 1 134 ? -1.83468  16.68085  12.29085  1.000 55.28240 ? 134 ASP A CA  1 
ATOM   1005 C C   . ASP A 1 134 ? -1.06705  15.36383  12.19608  1.000 57.85993 ? 134 ASP A C   1 
ATOM   1006 O O   . ASP A 1 134 ? -0.79083  14.69528  13.19586  1.000 60.88689 ? 134 ASP A O   1 
ATOM   1007 C CB  . ASP A 1 134 ? -0.99460  17.83251  11.74117  1.000 58.25715 ? 134 ASP A CB  1 
ATOM   1008 C CG  . ASP A 1 134 ? -0.07896  18.43713  12.78719  1.000 67.89999 ? 134 ASP A CG  1 
ATOM   1009 O OD1 . ASP A 1 134 ? 0.57044   17.66896  13.52753  1.000 68.03452 ? 134 ASP A OD1 1 
ATOM   1010 O OD2 . ASP A 1 134 ? -0.00833  19.68144  12.86918  1.000 69.69509 ? 134 ASP A OD2 1 
ATOM   1011 N N   . VAL A 1 135 ? -0.71657  14.99424  10.96822  1.000 47.43878 ? 135 VAL A N   1 
ATOM   1012 C CA  . VAL A 1 135 ? -0.06372  13.72435  10.67923  1.000 36.14489 ? 135 VAL A CA  1 
ATOM   1013 C C   . VAL A 1 135 ? 1.29754   14.00270  10.05838  1.000 45.28668 ? 135 VAL A C   1 
ATOM   1014 O O   . VAL A 1 135 ? 1.40480   14.78240  9.10488   1.000 53.80282 ? 135 VAL A O   1 
ATOM   1015 C CB  . VAL A 1 135 ? -0.92327  12.84693  9.75237   1.000 34.52615 ? 135 VAL A CB  1 
ATOM   1016 C CG1 . VAL A 1 135 ? -2.01342  12.15362  10.54624  1.000 44.15188 ? 135 VAL A CG1 1 
ATOM   1017 C CG2 . VAL A 1 135 ? -1.53031  13.68323  8.63782   1.000 47.91989 ? 135 VAL A CG2 1 
ATOM   1018 N N   . LYS A 1 136 ? 2.33252   13.37258  10.60500  1.000 45.43748 ? 136 LYS A N   1 
ATOM   1019 C CA  . LYS A 1 136 ? 3.68479   13.50038  10.08712  1.000 40.15139 ? 136 LYS A CA  1 
ATOM   1020 C C   . LYS A 1 136 ? 3.95131   12.38265  9.07970   1.000 43.09790 ? 136 LYS A C   1 
ATOM   1021 O O   . LYS A 1 136 ? 3.03989   11.66816  8.65474   1.000 59.01000 ? 136 LYS A O   1 
ATOM   1022 C CB  . LYS A 1 136 ? 4.69238   13.49133  11.23355  1.000 45.88684 ? 136 LYS A CB  1 
ATOM   1023 C CG  . LYS A 1 136 ? 4.84082   14.83123  11.93965  1.000 48.52230 ? 136 LYS A CG  1 
ATOM   1024 C CD  . LYS A 1 136 ? 6.02607   14.85061  12.90006  1.000 49.63135 ? 136 LYS A CD  1 
ATOM   1025 C CE  . LYS A 1 136 ? 6.29070   13.49005  13.53646  1.000 52.74129 ? 136 LYS A CE  1 
ATOM   1026 N NZ  . LYS A 1 136 ? 5.14230   13.00435  14.35526  1.000 47.70871 ? 136 LYS A NZ  1 
ATOM   1027 N N   . ALA A 1 137 ? 5.21039   12.22038  8.68475   1.000 40.37929 ? 137 ALA A N   1 
ATOM   1028 C CA  . ALA A 1 137 ? 5.60647   11.21955  7.70608   1.000 47.04351 ? 137 ALA A CA  1 
ATOM   1029 C C   . ALA A 1 137 ? 6.62849   10.27294  8.31688   1.000 53.64412 ? 137 ALA A C   1 
ATOM   1030 O O   . ALA A 1 137 ? 7.52521   10.70060  9.05033   1.000 58.34997 ? 137 ALA A O   1 
ATOM   1031 C CB  . ALA A 1 137 ? 6.18674   11.87270  6.44922   1.000 48.15791 ? 137 ALA A CB  1 
ATOM   1032 N N   . ASP A 1 138 ? 6.48718   8.98673   8.01083   1.000 61.43137 ? 138 ASP A N   1 
ATOM   1033 C CA  . ASP A 1 138 ? 7.39586   7.95304   8.48352   1.000 59.00825 ? 138 ASP A CA  1 
ATOM   1034 C C   . ASP A 1 138 ? 8.31894   7.52895   7.34957   1.000 61.83997 ? 138 ASP A C   1 
ATOM   1035 O O   . ASP A 1 138 ? 7.89267   7.42811   6.19473   1.000 65.31666 ? 138 ASP A O   1 
ATOM   1036 C CB  . ASP A 1 138 ? 6.62437   6.74313   9.01531   1.000 58.55185 ? 138 ASP A CB  1 
ATOM   1037 C CG  . ASP A 1 138 ? 7.53837   5.63722   9.49995   1.000 67.45447 ? 138 ASP A CG  1 
ATOM   1038 O OD1 . ASP A 1 138 ? 8.50266   5.94025   10.23346  1.000 69.50505 ? 138 ASP A OD1 1 
ATOM   1039 O OD2 . ASP A 1 138 ? 7.29304   4.46426   9.14807   1.000 69.58920 ? 138 ASP A OD2 1 
ATOM   1040 N N   . THR A 1 139 ? 9.58304   7.28180   7.68225   1.000 58.64306 ? 139 THR A N   1 
ATOM   1041 C CA  . THR A 1 139 ? 10.61938  6.97690   6.70034   1.000 61.21816 ? 139 THR A CA  1 
ATOM   1042 C C   . THR A 1 139 ? 11.31169  5.66362   7.04065   1.000 64.51459 ? 139 THR A C   1 
ATOM   1043 O O   . THR A 1 139 ? 12.53961  5.55582   7.03591   1.000 64.66826 ? 139 THR A O   1 
ATOM   1044 C CB  . THR A 1 139 ? 11.63552  8.11085   6.61466   1.000 61.11475 ? 139 THR A CB  1 
ATOM   1045 O OG1 . THR A 1 139 ? 11.99316  8.53248   7.93648   1.000 62.07865 ? 139 THR A OG1 1 
ATOM   1046 C CG2 . THR A 1 139 ? 11.05184  9.29017   5.85397   1.000 62.05687 ? 139 THR A CG2 1 
ATOM   1047 N N   . THR A 1 140 ? 10.51994  4.63763   7.34397   1.000 66.76438 ? 140 THR A N   1 
ATOM   1048 C CA  . THR A 1 140 ? 11.03692  3.30686   7.63956   1.000 63.82646 ? 140 THR A CA  1 
ATOM   1049 C C   . THR A 1 140 ? 10.25114  2.28892   6.82849   1.000 69.10666 ? 140 THR A C   1 
ATOM   1050 O O   . THR A 1 140 ? 9.04789   2.11531   7.04949   1.000 69.40445 ? 140 THR A O   1 
ATOM   1051 C CB  . THR A 1 140 ? 10.94052  2.99207   9.13487   1.000 64.13328 ? 140 THR A CB  1 
ATOM   1052 O OG1 . THR A 1 140 ? 11.74669  3.91855   9.87262   1.000 63.27489 ? 140 THR A OG1 1 
ATOM   1053 C CG2 . THR A 1 140 ? 11.42335  1.57805   9.41194   1.000 65.15643 ? 140 THR A CG2 1 
ATOM   1054 N N   . ASP A 1 141 ? 10.93289  1.61914   5.89677   1.000 66.47249 ? 141 ASP A N   1 
ATOM   1055 C CA  . ASP A 1 141 ? 10.32916  0.60468   5.03202   1.000 59.96676 ? 141 ASP A CA  1 
ATOM   1056 C C   . ASP A 1 141 ? 9.12749   1.17396   4.27473   1.000 58.66438 ? 141 ASP A C   1 
ATOM   1057 O O   . ASP A 1 141 ? 7.98526   0.74253   4.44183   1.000 66.11888 ? 141 ASP A O   1 
ATOM   1058 C CB  . ASP A 1 141 ? 9.94003   -0.63897  5.83747   1.000 63.82779 ? 141 ASP A CB  1 
ATOM   1059 C CG  . ASP A 1 141 ? 11.13775  -1.32850  6.45784   1.000 69.64903 ? 141 ASP A CG  1 
ATOM   1060 O OD1 . ASP A 1 141 ? 12.26053  -1.15170  5.94038   1.000 71.23180 ? 141 ASP A OD1 1 
ATOM   1061 O OD2 . ASP A 1 141 ? 10.95721  -2.04741  7.46305   1.000 67.87893 ? 141 ASP A OD2 1 
ATOM   1062 N N   . ASN A 1 142 ? 9.41061   2.15960   3.43005   1.000 49.78141 ? 142 ASN A N   1 
ATOM   1063 C CA  . ASN A 1 142 ? 8.38673   2.85803   2.66802   1.000 52.64010 ? 142 ASN A CA  1 
ATOM   1064 C C   . ASN A 1 142 ? 8.26898   2.26659   1.27060   1.000 54.88415 ? 142 ASN A C   1 
ATOM   1065 O O   . ASN A 1 142 ? 9.27620   2.00489   0.60727   1.000 61.99513 ? 142 ASN A O   1 
ATOM   1066 C CB  . ASN A 1 142 ? 8.70127   4.35172   2.57312   1.000 54.45713 ? 142 ASN A CB  1 
ATOM   1067 C CG  . ASN A 1 142 ? 8.38620   5.09495   3.85251   1.000 60.80126 ? 142 ASN A CG  1 
ATOM   1068 O OD1 . ASN A 1 142 ? 8.22856   4.49005   4.91239   1.000 61.80564 ? 142 ASN A OD1 1 
ATOM   1069 N ND2 . ASN A 1 142 ? 8.29180   6.41576   3.76111   1.000 58.35136 ? 142 ASN A ND2 1 
ATOM   1070 N N   . ILE A 1 143 ? 7.02750   2.05581   0.82997   1.000 48.23411 ? 143 ILE A N   1 
ATOM   1071 C CA  . ILE A 1 143 ? 6.79493   1.55771   -0.51842  1.000 47.89281 ? 143 ILE A CA  1 
ATOM   1072 C C   . ILE A 1 143 ? 7.11374   2.64725   -1.53839  1.000 52.58350 ? 143 ILE A C   1 
ATOM   1073 O O   . ILE A 1 143 ? 7.11323   3.84792   -1.24007  1.000 56.91419 ? 143 ILE A O   1 
ATOM   1074 C CB  . ILE A 1 143 ? 5.34934   1.05514   -0.66865  1.000 48.53771 ? 143 ILE A CB  1 
ATOM   1075 C CG1 . ILE A 1 143 ? 5.25805   -0.01838  -1.75315  1.000 50.02350 ? 143 ILE A CG1 1 
ATOM   1076 C CG2 . ILE A 1 143 ? 4.40594   2.20699   -0.97440  1.000 52.93794 ? 143 ILE A CG2 1 
ATOM   1077 C CD1 . ILE A 1 143 ? 3.99201   -0.83625  -1.68718  1.000 52.46690 ? 143 ILE A CD1 1 
ATOM   1078 N N   . ASN A 1 144 ? 7.40612   2.21576   -2.76043  1.000 53.72756 ? 144 ASN A N   1 
ATOM   1079 C CA  . ASN A 1 144 ? 7.70110   3.13310   -3.84932  1.000 49.05841 ? 144 ASN A CA  1 
ATOM   1080 C C   . ASN A 1 144 ? 6.41495   3.55900   -4.54561  1.000 54.42383 ? 144 ASN A C   1 
ATOM   1081 O O   . ASN A 1 144 ? 5.43684   2.80897   -4.60153  1.000 60.03290 ? 144 ASN A O   1 
ATOM   1082 C CB  . ASN A 1 144 ? 8.65492   2.49118   -4.85645  1.000 50.89753 ? 144 ASN A CB  1 
ATOM   1083 C CG  . ASN A 1 144 ? 9.48354   3.51349   -5.60490  1.000 58.41588 ? 144 ASN A CG  1 
ATOM   1084 O OD1 . ASN A 1 144 ? 9.70457   4.62292   -5.12202  1.000 56.07339 ? 144 ASN A OD1 1 
ATOM   1085 N ND2 . ASN A 1 144 ? 9.94894   3.14386   -6.79156  1.000 61.29616 ? 144 ASN A ND2 1 
ATOM   1086 N N   . THR A 1 145 ? 6.42579   4.78247   -5.07916  1.000 51.55122 ? 145 THR A N   1 
ATOM   1087 C CA  . THR A 1 145 ? 5.23001   5.33345   -5.70556  1.000 50.52580 ? 145 THR A CA  1 
ATOM   1088 C C   . THR A 1 145 ? 4.89916   4.66256   -7.03167  1.000 51.02358 ? 145 THR A C   1 
ATOM   1089 O O   . THR A 1 145 ? 3.77505   4.81263   -7.52122  1.000 55.87949 ? 145 THR A O   1 
ATOM   1090 C CB  . THR A 1 145 ? 5.39008   6.83883   -5.91840  1.000 48.30520 ? 145 THR A CB  1 
ATOM   1091 O OG1 . THR A 1 145 ? 6.64771   7.10269   -6.55180  1.000 53.76683 ? 145 THR A OG1 1 
ATOM   1092 C CG2 . THR A 1 145 ? 5.33563   7.57167   -4.58925  1.000 44.67137 ? 145 THR A CG2 1 
ATOM   1093 N N   . LYS A 1 146 ? 5.84200   3.93080   -7.62338  1.000 43.78438 ? 146 LYS A N   1 
ATOM   1094 C CA  . LYS A 1 146 ? 5.58570   3.24951   -8.88489  1.000 44.65959 ? 146 LYS A CA  1 
ATOM   1095 C C   . LYS A 1 146 ? 4.84775   1.93065   -8.70577  1.000 51.36818 ? 146 LYS A C   1 
ATOM   1096 O O   . LYS A 1 146 ? 4.47480   1.30889   -9.70605  1.000 58.47937 ? 146 LYS A O   1 
ATOM   1097 C CB  . LYS A 1 146 ? 6.90121   3.00668   -9.63007  1.000 46.07849 ? 146 LYS A CB  1 
ATOM   1098 C CG  . LYS A 1 146 ? 7.29192   4.12995   -10.58286 1.000 56.97011 ? 146 LYS A CG  1 
ATOM   1099 C CD  . LYS A 1 146 ? 6.67911   3.93566   -11.96518 1.000 58.46587 ? 146 LYS A CD  1 
ATOM   1100 C CE  . LYS A 1 146 ? 6.78535   5.20257   -12.80601 1.000 44.95019 ? 146 LYS A CE  1 
ATOM   1101 N NZ  . LYS A 1 146 ? 7.09393   4.91247   -14.23497 1.000 30.83816 ? 146 LYS A NZ  1 
ATOM   1102 N N   . HIS A 1 147 ? 4.62863   1.49125   -7.46628  1.000 50.91132 ? 147 HIS A N   1 
ATOM   1103 C CA  . HIS A 1 147 ? 3.92049   0.25016   -7.18217  1.000 47.50025 ? 147 HIS A CA  1 
ATOM   1104 C C   . HIS A 1 147 ? 2.54020   0.49688   -6.58388  1.000 52.56083 ? 147 HIS A C   1 
ATOM   1105 O O   . HIS A 1 147 ? 1.97692   -0.39515  -5.94246  1.000 60.15206 ? 147 HIS A O   1 
ATOM   1106 C CB  . HIS A 1 147 ? 4.75232   -0.63175  -6.25157  1.000 47.53101 ? 147 HIS A CB  1 
ATOM   1107 C CG  . HIS A 1 147 ? 6.14013   -0.89138  -6.74705  1.000 49.69458 ? 147 HIS A CG  1 
ATOM   1108 N ND1 . HIS A 1 147 ? 6.39738   -1.44285  -7.98299  1.000 52.78717 ? 147 HIS A ND1 1 
ATOM   1109 C CD2 . HIS A 1 147 ? 7.34689   -0.67774  -6.17215  1.000 49.40563 ? 147 HIS A CD2 1 
ATOM   1110 C CE1 . HIS A 1 147 ? 7.70270   -1.55596  -8.14932  1.000 53.84169 ? 147 HIS A CE1 1 
ATOM   1111 N NE2 . HIS A 1 147 ? 8.30171   -1.09888  -7.06496  1.000 52.96661 ? 147 HIS A NE2 1 
ATOM   1112 N N   . LEU A 1 148 ? 1.98614   1.68767   -6.78049  1.000 48.87690 ? 148 LEU A N   1 
ATOM   1113 C CA  . LEU A 1 148 ? 0.68268   2.05363   -6.25558  1.000 49.53643 ? 148 LEU A CA  1 
ATOM   1114 C C   . LEU A 1 148 ? -0.17988  2.62760   -7.36793  1.000 54.64713 ? 148 LEU A C   1 
ATOM   1115 O O   . LEU A 1 148 ? 0.34067   3.20334   -8.32872  1.000 56.60182 ? 148 LEU A O   1 
ATOM   1116 C CB  . LEU A 1 148 ? 0.81052   3.08694   -5.12685  1.000 43.77625 ? 148 LEU A CB  1 
ATOM   1117 C CG  . LEU A 1 148 ? 1.01896   2.56842   -3.70479  1.000 47.69575 ? 148 LEU A CG  1 
ATOM   1118 C CD1 . LEU A 1 148 ? 1.49682   3.69149   -2.80413  1.000 48.56988 ? 148 LEU A CD1 1 
ATOM   1119 C CD2 . LEU A 1 148 ? -0.25931  1.95445   -3.16350  1.000 52.27442 ? 148 LEU A CD2 1 
ATOM   1120 N N   . PRO A 1 149 ? -1.49820  2.48196   -7.26849  1.000 49.26248 ? 149 PRO A N   1 
ATOM   1121 C CA  . PRO A 1 149 ? -2.38387  3.11184   -8.25124  1.000 44.68588 ? 149 PRO A CA  1 
ATOM   1122 C C   . PRO A 1 149 ? -2.33205  4.62778   -8.14631  1.000 51.91858 ? 149 PRO A C   1 
ATOM   1123 O O   . PRO A 1 149 ? -1.96236  5.19851   -7.11777  1.000 57.16863 ? 149 PRO A O   1 
ATOM   1124 C CB  . PRO A 1 149 ? -3.77112  2.57442   -7.88350  1.000 48.83966 ? 149 PRO A CB  1 
ATOM   1125 C CG  . PRO A 1 149 ? -3.64698  2.12625   -6.46784  1.000 48.65934 ? 149 PRO A CG  1 
ATOM   1126 C CD  . PRO A 1 149 ? -2.24009  1.64792   -6.30936  1.000 49.47368 ? 149 PRO A CD  1 
ATOM   1127 N N   . SER A 1 150 ? -2.70503  5.28195   -9.24980  1.000 49.39384 ? 150 SER A N   1 
ATOM   1128 C CA  . SER A 1 150 ? -2.63846  6.73907   -9.30700  1.000 48.98223 ? 150 SER A CA  1 
ATOM   1129 C C   . SER A 1 150 ? -3.53751  7.39068   -8.26510  1.000 52.00329 ? 150 SER A C   1 
ATOM   1130 O O   . SER A 1 150 ? -3.27850  8.52413   -7.84537  1.000 53.71623 ? 150 SER A O   1 
ATOM   1131 C CB  . SER A 1 150 ? -3.01145  7.22689   -10.70590 1.000 52.54898 ? 150 SER A CB  1 
ATOM   1132 O OG  . SER A 1 150 ? -2.98796  8.64160   -10.77259 1.000 57.23904 ? 150 SER A OG  1 
ATOM   1133 N N   . THR A 1 151 ? -4.59457  6.69920   -7.83826  1.000 54.89986 ? 151 THR A N   1 
ATOM   1134 C CA  . THR A 1 151 ? -5.47351  7.24300   -6.81067  1.000 55.15958 ? 151 THR A CA  1 
ATOM   1135 C C   . THR A 1 151 ? -4.84120  7.19088   -5.42536  1.000 59.39609 ? 151 THR A C   1 
ATOM   1136 O O   . THR A 1 151 ? -5.06293  8.09692   -4.61469  1.000 59.57833 ? 151 THR A O   1 
ATOM   1137 C CB  . THR A 1 151 ? -6.80311  6.48884   -6.80366  1.000 55.72064 ? 151 THR A CB  1 
ATOM   1138 O OG1 . THR A 1 151 ? -6.58249  5.13193   -6.39943  1.000 59.92308 ? 151 THR A OG1 1 
ATOM   1139 C CG2 . THR A 1 151 ? -7.42717  6.50287   -8.18898  1.000 50.69660 ? 151 THR A CG2 1 
ATOM   1140 N N   . CYS A 1 152 ? -4.06103  6.15182   -5.13604  1.000 60.26318 ? 152 CYS A N   1 
ATOM   1141 C CA  . CYS A 1 152 ? -3.44824  5.97947   -3.81968  1.000 55.28159 ? 152 CYS A CA  1 
ATOM   1142 C C   . CYS A 1 152 ? -2.00943  6.49510   -3.84213  1.000 56.25165 ? 152 CYS A C   1 
ATOM   1143 O O   . CYS A 1 152 ? -1.04080  5.75040   -3.68937  1.000 63.18582 ? 152 CYS A O   1 
ATOM   1144 C CB  . CYS A 1 152 ? -3.51088  4.51455   -3.39745  1.000 56.66043 ? 152 CYS A CB  1 
ATOM   1145 S SG  . CYS A 1 152 ? -4.89471  4.09496   -2.31620  1.000 80.31687 ? 152 CYS A SG  1 
ATOM   1146 N N   . ARG A 1 153 ? -1.88385  7.80578   -4.03924  1.000 52.20276 ? 153 ARG A N   1 
ATOM   1147 C CA  . ARG A 1 153 ? -0.58074  8.46335   -4.07022  1.000 53.57232 ? 153 ARG A CA  1 
ATOM   1148 C C   . ARG A 1 153 ? -0.62703  9.77801   -3.30537  1.000 56.40510 ? 153 ARG A C   1 
ATOM   1149 O O   . ARG A 1 153 ? -0.04657  10.78334  -3.72720  1.000 56.70937 ? 153 ARG A O   1 
ATOM   1150 C CB  . ARG A 1 153 ? -0.11232  8.69455   -5.50583  1.000 53.29640 ? 153 ARG A CB  1 
ATOM   1151 C CG  . ARG A 1 153 ? 0.46927   7.46231   -6.17416  1.000 55.61556 ? 153 ARG A CG  1 
ATOM   1152 C CD  . ARG A 1 153 ? 1.18943   7.81966   -7.46188  1.000 54.57699 ? 153 ARG A CD  1 
ATOM   1153 N NE  . ARG A 1 153 ? 1.08062   6.75846   -8.45496  1.000 56.34020 ? 153 ARG A NE  1 
ATOM   1154 C CZ  . ARG A 1 153 ? 1.48629   6.86537   -9.71224  1.000 57.83284 ? 153 ARG A CZ  1 
ATOM   1155 N NH1 . ARG A 1 153 ? 2.03680   7.97816   -10.16841 1.000 57.08227 ? 153 ARG A NH1 1 
ATOM   1156 N NH2 . ARG A 1 153 ? 1.33507   5.83008   -10.53282 1.000 58.82522 ? 153 ARG A NH2 1 
ATOM   1157 N N   . ASP A 1 154 ? -1.31549  9.78921   -2.16867  1.000 56.80718 ? 154 ASP A N   1 
ATOM   1158 C CA  . ASP A 1 154 ? -1.44177  11.00220  -1.37863  1.000 53.30439 ? 154 ASP A CA  1 
ATOM   1159 C C   . ASP A 1 154 ? -0.18113  11.24521  -0.55389  1.000 56.59915 ? 154 ASP A C   1 
ATOM   1160 O O   . ASP A 1 154 ? 0.66106   10.36162  -0.37618  1.000 60.76125 ? 154 ASP A O   1 
ATOM   1161 C CB  . ASP A 1 154 ? -2.66198  10.92312  -0.46260  1.000 58.80854 ? 154 ASP A CB  1 
ATOM   1162 C CG  . ASP A 1 154 ? -3.96156  11.15277  -1.20503  1.000 63.00656 ? 154 ASP A CG  1 
ATOM   1163 O OD1 . ASP A 1 154 ? -4.07032  12.17574  -1.91252  1.000 63.30057 ? 154 ASP A OD1 1 
ATOM   1164 O OD2 . ASP A 1 154 ? -4.87505  10.31057  -1.08171  1.000 62.63559 ? 154 ASP A OD2 1 
ATOM   1165 N N   . ASP A 1 155 ? -0.06215  12.46716  -0.04779  1.000 60.30990 ? 155 ASP A N   1 
ATOM   1166 C CA  . ASP A 1 155 ? 1.07772   12.89458  0.74804   1.000 61.49426 ? 155 ASP A CA  1 
ATOM   1167 C C   . ASP A 1 155 ? 0.63707   13.20482  2.17305   1.000 63.12943 ? 155 ASP A C   1 
ATOM   1168 O O   . ASP A 1 155 ? -0.55326  13.21440  2.49731   1.000 68.27977 ? 155 ASP A O   1 
ATOM   1169 C CB  . ASP A 1 155 ? 1.74972   14.11961  0.11738   1.000 61.34913 ? 155 ASP A CB  1 
ATOM   1170 C CG  . ASP A 1 155 ? 3.24592   14.14905  0.35201   1.000 68.20527 ? 155 ASP A CG  1 
ATOM   1171 O OD1 . ASP A 1 155 ? 3.73987   13.32880  1.15389   1.000 70.11930 ? 155 ASP A OD1 1 
ATOM   1172 O OD2 . ASP A 1 155 ? 3.92872   14.99239  -0.26613  1.000 67.88376 ? 155 ASP A OD2 1 
ATOM   1173 N N   . SER A 1 156 ? 1.62583   13.46210  3.03205   1.000 51.53159 ? 156 SER A N   1 
ATOM   1174 C CA  . SER A 1 156 ? 1.33944   13.76702  4.42839   1.000 47.16196 ? 156 SER A CA  1 
ATOM   1175 C C   . SER A 1 156 ? 0.76322   15.16348  4.61380   1.000 51.98034 ? 156 SER A C   1 
ATOM   1176 O O   . SER A 1 156 ? 0.14543   15.43154  5.64934   1.000 52.24492 ? 156 SER A O   1 
ATOM   1177 C CB  . SER A 1 156 ? 2.60587   13.61529  5.27002   1.000 50.07029 ? 156 SER A CB  1 
ATOM   1178 O OG  . SER A 1 156 ? 3.36189   14.81324  5.27100   1.000 54.38347 ? 156 SER A OG  1 
ATOM   1179 N N   . SER A 1 157 ? 0.94988   16.05407  3.64361   1.000 55.82074 ? 157 SER A N   1 
ATOM   1180 C CA  . SER A 1 157 ? 0.44279   17.41654  3.72672   1.000 51.68780 ? 157 SER A CA  1 
ATOM   1181 C C   . SER A 1 157 ? -0.91188  17.58874  3.05441   1.000 53.94901 ? 157 SER A C   1 
ATOM   1182 O O   . SER A 1 157 ? -1.41927  18.71340  2.99851   1.000 55.99534 ? 157 SER A O   1 
ATOM   1183 C CB  . SER A 1 157 ? 1.44921   18.39163  3.10837   1.000 52.99186 ? 157 SER A CB  1 
ATOM   1184 O OG  . SER A 1 157 ? 1.61151   18.14568  1.72285   1.000 55.58134 ? 157 SER A OG  1 
ATOM   1185 N N   . ALA A 1 158 ? -1.50275  16.51293  2.54219   1.000 56.21424 ? 158 ALA A N   1 
ATOM   1186 C CA  . ALA A 1 158 ? -2.79450  16.61030  1.87857   1.000 52.44608 ? 158 ALA A CA  1 
ATOM   1187 C C   . ALA A 1 158 ? -3.88524  16.97865  2.87517   1.000 54.90686 ? 158 ALA A C   1 
ATOM   1188 O O   . ALA A 1 158 ? -3.88998  16.51320  4.01793   1.000 60.09251 ? 158 ALA A O   1 
ATOM   1189 C CB  . ALA A 1 158 ? -3.13797  15.29191  1.18801   1.000 54.94772 ? 158 ALA A CB  1 
ATOM   1190 N N   . SER A 1 159 ? -4.81273  17.82178  2.43501   1.000 71.56315 ? 159 SER A N   1 
ATOM   1191 C CA  . SER A 1 159 ? -5.91508  18.25814  3.28264   1.000 74.32979 ? 159 SER A CA  1 
ATOM   1192 C C   . SER A 1 159 ? -7.16421  18.53560  2.45442   1.000 73.75176 ? 159 SER A C   1 
ATOM   1193 O O   . SER A 1 159 ? -7.10211  18.61292  1.22761   1.000 74.92696 ? 159 SER A O   1 
ATOM   1194 C CB  . SER A 1 159 ? -5.52109  19.50567  4.07549   1.000 74.50055 ? 159 SER A CB  1 
ATOM   1195 O OG  . SER A 1 159 ? -5.06645  20.53488  3.21419   1.000 76.42847 ? 159 SER A OG  1 
HETATM 1196 O O1  . G3P B 2 .   ? 4.89302   -4.13542  16.13861  1.000 72.38299 ? 201 G3P A O1  1 
HETATM 1197 C C1  . G3P B 2 .   ? 4.25859   -5.25803  16.70896  1.000 74.52010 ? 201 G3P A C1  1 
HETATM 1198 C C2  . G3P B 2 .   ? 4.07203   -6.33219  15.64386  1.000 74.88560 ? 201 G3P A C2  1 
HETATM 1199 O O2  . G3P B 2 .   ? 4.92557   -7.42022  15.91911  1.000 73.77487 ? 201 G3P A O2  1 
HETATM 1200 C C3  . G3P B 2 .   ? 2.62430   -6.80921  15.64560  1.000 74.22601 ? 201 G3P A C3  1 
HETATM 1201 O O1P . G3P B 2 .   ? 1.78605   -5.77583  16.11038  1.000 75.19653 ? 201 G3P A O1P 1 
HETATM 1202 O O4P . G3P B 2 .   ? -0.35844  -6.94635  15.37410  1.000 72.22045 ? 201 G3P A O4P 1 
HETATM 1203 O O2P . G3P B 2 .   ? 0.16709   -6.76787  17.77993  1.000 74.39919 ? 201 G3P A O2P 1 
HETATM 1204 O O3P . G3P B 2 .   ? -0.51792  -4.76449  16.51538  1.000 70.50890 ? 201 G3P A O3P 1 
HETATM 1205 P P   . G3P B 2 .   ? 0.23974   -6.06748  16.44479  1.000 77.00100 ? 201 G3P A P   1 
HETATM 1206 C C1  . WKE C 3 .   ? -7.77450  4.69097   23.95692  1.000 60.74204 ? 202 WKE A C1  1 
HETATM 1207 C C2  . WKE C 3 .   ? -8.79813  2.59590   23.76292  1.000 67.15136 ? 202 WKE A C2  1 
HETATM 1208 C C3  . WKE C 3 .   ? -7.85511  1.91358   24.74532  1.000 60.77149 ? 202 WKE A C3  1 
HETATM 1209 C C4  . WKE C 3 .   ? -7.97952  -0.38444  25.57397  1.000 67.66369 ? 202 WKE A C4  1 
HETATM 1210 C C5  . WKE C 3 .   ? -6.58601  -0.56649  25.04628  1.000 62.87076 ? 202 WKE A C5  1 
HETATM 1211 C C6  . WKE C 3 .   ? -7.39617  2.94741   25.76494  1.000 61.61743 ? 202 WKE A C6  1 
HETATM 1212 C C7  . WKE C 3 .   ? -6.88411  4.22402   25.10430  1.000 59.93245 ? 202 WKE A C7  1 
HETATM 1213 C C8  . WKE C 3 .   ? -5.67356  5.86147   26.43415  1.000 70.35438 ? 202 WKE A C8  1 
HETATM 1214 C C9  . WKE C 3 .   ? -5.76815  6.97066   27.43862  1.000 69.70040 ? 202 WKE A C9  1 
HETATM 1215 C C10 . WKE C 3 .   ? -6.62945  8.09304   26.87404  1.000 67.97769 ? 202 WKE A C10 1 
HETATM 1216 N N1  . WKE C 3 .   ? -6.81680  5.27049   26.10369  1.000 64.19508 ? 202 WKE A N1  1 
HETATM 1217 O O1  . WKE C 3 .   ? -8.58547  -1.29728  26.10979  1.000 66.42104 ? 202 WKE A O1  1 
HETATM 1218 O O6  . WKE C 3 .   ? -6.35659  2.38438   26.57297  1.000 68.55436 ? 202 WKE A O6  1 
HETATM 1219 O O3  . WKE C 3 .   ? -4.59539  5.53954   25.96274  1.000 70.77657 ? 202 WKE A O3  1 
HETATM 1220 O O4  . WKE C 3 .   ? -6.36607  6.47355   28.64060  1.000 65.43805 ? 202 WKE A O4  1 
HETATM 1221 O O5  . WKE C 3 .   ? -6.72165  9.15206   27.83331  1.000 67.99921 ? 202 WKE A O5  1 
HETATM 1222 N N   . WKE C 3 .   ? -8.52124  0.82422   25.43232  1.000 66.30841 ? 202 WKE A N   1 
HETATM 1223 C C   . WKE C 3 .   ? -7.09867  5.80797   23.17146  1.000 63.34244 ? 202 WKE A C   1 
HETATM 1224 O O   . WKE C 3 .   ? -8.06554  3.60720   23.07674  1.000 67.40727 ? 202 WKE A O   1 
# 
